data_3GMD
#
_entry.id   3GMD
#
_cell.length_a   127.336
_cell.length_b   70.486
_cell.length_c   132.956
_cell.angle_alpha   90.00
_cell.angle_beta   91.78
_cell.angle_gamma   90.00
#
_symmetry.space_group_name_H-M   'P 1 21 1'
#
loop_
_entity.id
_entity.type
_entity.pdbx_description
1 polymer 'Corticosteroid 11-beta-dehydrogenase isozyme 1'
2 non-polymer 'NADPH DIHYDRO-NICOTINAMIDE-ADENINE-DINUCLEOTIDE PHOSPHATE'
3 non-polymer 2-methyl-3-{(3S)-1-[(1-pyridin-2-ylcyclopropyl)carbonyl]pyrrolidin-3-yl}-1H-pyrrolo[2,3-b]pyridine
4 non-polymer 'SULFATE ION'
5 water water
#
_entity_poly.entity_id   1
_entity_poly.type   'polypeptide(L)'
_entity_poly.pdbx_seq_one_letter_code
;EFRPEMLQGKKVIVTGASKGIGREMAYHLSKMGAHVVLTARSEEGLQKVVSRCLELGAASAHYIAGTMEDMTFAEQFIVK
AGKLMGGLDMLILNHITQTSLSLFHDDIHSVRRVMEVNFLSYVVMSTAALPMLKQSNGSIAVISSLAGKVTYPMVAPYSA
SKFALDGFFSTIRTELYITKVNVSITLCVLGLIDTETAMKAVSGIVNAQASPKEECALEIIKGTALRKSEVYYDKSPLTP
ILLGNPGRKIMEFFSLRYYNKDMF
;
_entity_poly.pdbx_strand_id   A,B,C,D,E,F,G,H
#
# COMPACT_ATOMS: atom_id res chain seq x y z
N GLU A 1 12.45 7.98 -32.89
CA GLU A 1 12.62 9.36 -32.34
C GLU A 1 12.18 10.43 -33.33
N PHE A 2 11.27 11.29 -32.91
CA PHE A 2 10.73 12.34 -33.78
C PHE A 2 11.76 13.40 -34.09
N ARG A 3 11.89 13.72 -35.37
CA ARG A 3 12.75 14.81 -35.80
C ARG A 3 11.92 15.79 -36.62
N PRO A 4 11.81 17.03 -36.15
CA PRO A 4 11.06 18.06 -36.88
C PRO A 4 11.54 18.20 -38.32
N GLU A 5 12.81 17.91 -38.56
CA GLU A 5 13.33 17.91 -39.93
C GLU A 5 12.48 16.99 -40.82
N MET A 6 11.80 16.03 -40.19
CA MET A 6 10.99 15.07 -40.91
C MET A 6 9.91 15.75 -41.76
N LEU A 7 9.40 16.89 -41.29
CA LEU A 7 8.28 17.53 -41.94
C LEU A 7 8.61 18.75 -42.79
N GLN A 8 9.88 19.13 -42.84
CA GLN A 8 10.29 20.22 -43.72
C GLN A 8 9.87 19.86 -45.15
N GLY A 9 9.13 20.77 -45.79
CA GLY A 9 8.80 20.62 -47.19
C GLY A 9 7.70 19.64 -47.52
N LYS A 10 7.02 19.12 -46.49
CA LYS A 10 5.95 18.16 -46.72
C LYS A 10 4.62 18.88 -46.93
N LYS A 11 3.65 18.20 -47.53
CA LYS A 11 2.38 18.83 -47.86
C LYS A 11 1.29 18.39 -46.90
N VAL A 12 0.76 19.35 -46.15
CA VAL A 12 -0.11 19.04 -45.04
C VAL A 12 -1.43 19.79 -45.17
N ILE A 13 -2.53 19.13 -44.80
CA ILE A 13 -3.83 19.77 -44.71
C ILE A 13 -4.28 19.81 -43.25
N VAL A 14 -4.68 21.00 -42.80
CA VAL A 14 -5.20 21.16 -41.45
C VAL A 14 -6.59 21.80 -41.47
N THR A 15 -7.55 21.17 -40.81
CA THR A 15 -8.90 21.69 -40.75
C THR A 15 -9.20 22.25 -39.37
N GLY A 16 -10.14 23.19 -39.33
CA GLY A 16 -10.35 24.00 -38.13
C GLY A 16 -9.09 24.69 -37.67
N ALA A 17 -8.38 25.35 -38.58
CA ALA A 17 -7.05 25.87 -38.27
C ALA A 17 -7.03 27.38 -38.14
N SER A 18 -8.22 27.98 -38.16
CA SER A 18 -8.32 29.43 -37.99
C SER A 18 -8.23 29.82 -36.52
N LYS A 19 -8.41 28.85 -35.63
CA LYS A 19 -8.24 29.12 -34.20
C LYS A 19 -8.00 27.84 -33.40
N GLY A 20 -7.64 28.00 -32.12
CA GLY A 20 -7.53 26.85 -31.24
C GLY A 20 -6.39 25.91 -31.60
N ILE A 21 -6.55 24.63 -31.22
CA ILE A 21 -5.56 23.61 -31.50
C ILE A 21 -5.18 23.55 -32.98
N GLY A 22 -6.19 23.70 -33.84
CA GLY A 22 -5.96 23.69 -35.26
C GLY A 22 -4.96 24.76 -35.65
N ARG A 23 -5.12 25.97 -35.10
CA ARG A 23 -4.24 27.07 -35.46
C ARG A 23 -2.81 26.79 -35.05
N GLU A 24 -2.65 26.22 -33.86
CA GLU A 24 -1.33 25.86 -33.35
C GLU A 24 -0.58 24.87 -34.24
N MET A 25 -1.29 23.86 -34.73
CA MET A 25 -0.66 22.85 -35.57
C MET A 25 -0.15 23.49 -36.86
N ALA A 26 -0.88 24.48 -37.39
CA ALA A 26 -0.42 25.22 -38.57
C ALA A 26 0.84 26.01 -38.29
N TYR A 27 0.83 26.81 -37.22
CA TYR A 27 2.03 27.52 -36.79
C TYR A 27 3.22 26.56 -36.76
N HIS A 28 3.06 25.46 -36.05
CA HIS A 28 4.17 24.54 -35.80
C HIS A 28 4.71 23.99 -37.10
N LEU A 29 3.81 23.47 -37.94
CA LEU A 29 4.18 22.91 -39.23
C LEU A 29 4.94 23.96 -40.05
N SER A 30 4.51 25.20 -39.94
CA SER A 30 5.15 26.28 -40.65
C SER A 30 6.60 26.49 -40.18
N LYS A 31 6.84 26.44 -38.87
CA LYS A 31 8.19 26.62 -38.37
C LYS A 31 9.07 25.47 -38.81
N MET A 32 8.46 24.28 -38.89
CA MET A 32 9.16 23.10 -39.40
C MET A 32 9.49 23.32 -40.87
N GLY A 33 8.79 24.25 -41.50
CA GLY A 33 9.03 24.52 -42.91
C GLY A 33 8.28 23.56 -43.81
N ALA A 34 6.98 23.41 -43.58
CA ALA A 34 6.14 22.60 -44.47
C ALA A 34 5.22 23.48 -45.31
N HIS A 35 4.65 22.89 -46.35
CA HIS A 35 3.57 23.51 -47.11
C HIS A 35 2.26 23.21 -46.37
N VAL A 36 1.39 24.20 -46.26
CA VAL A 36 0.11 23.95 -45.63
C VAL A 36 -1.05 24.52 -46.44
N VAL A 37 -2.20 23.87 -46.36
CA VAL A 37 -3.45 24.46 -46.78
C VAL A 37 -4.43 24.37 -45.60
N LEU A 38 -5.01 25.50 -45.25
CA LEU A 38 -5.87 25.58 -44.08
C LEU A 38 -7.31 25.76 -44.54
N THR A 39 -8.24 25.35 -43.70
CA THR A 39 -9.64 25.53 -44.01
C THR A 39 -10.45 25.71 -42.75
N ALA A 40 -11.64 26.28 -42.93
CA ALA A 40 -12.56 26.58 -41.84
C ALA A 40 -13.51 27.61 -42.44
N ARG A 41 -14.54 28.00 -41.70
CA ARG A 41 -15.51 28.91 -42.26
C ARG A 41 -15.01 30.35 -42.36
N SER A 42 -14.30 30.82 -41.33
CA SER A 42 -13.84 32.21 -41.28
C SER A 42 -12.89 32.55 -42.43
N GLU A 43 -13.33 33.43 -43.32
CA GLU A 43 -12.51 33.86 -44.46
C GLU A 43 -11.32 34.71 -44.02
N GLU A 44 -11.60 35.81 -43.34
CA GLU A 44 -10.53 36.68 -42.83
C GLU A 44 -9.76 36.01 -41.71
N GLY A 45 -10.45 35.25 -40.86
CA GLY A 45 -9.77 34.53 -39.80
C GLY A 45 -8.73 33.60 -40.38
N LEU A 46 -9.07 32.92 -41.46
CA LEU A 46 -8.10 32.09 -42.15
C LEU A 46 -6.91 32.90 -42.69
N GLN A 47 -7.16 34.18 -43.05
CA GLN A 47 -6.13 35.00 -43.70
C GLN A 47 -5.04 35.40 -42.73
N LYS A 48 -5.44 35.77 -41.52
CA LYS A 48 -4.46 36.14 -40.52
C LYS A 48 -3.51 34.99 -40.32
N VAL A 49 -4.04 33.78 -40.27
CA VAL A 49 -3.24 32.60 -39.93
C VAL A 49 -2.30 32.19 -41.08
N VAL A 50 -2.71 32.44 -42.31
CA VAL A 50 -1.81 32.19 -43.43
C VAL A 50 -0.72 33.23 -43.45
N SER A 51 -1.09 34.49 -43.22
CA SER A 51 -0.10 35.55 -43.19
C SER A 51 0.92 35.25 -42.10
N ARG A 52 0.42 34.80 -40.95
CA ARG A 52 1.29 34.46 -39.84
C ARG A 52 2.17 33.26 -40.19
N CYS A 53 1.57 32.23 -40.77
CA CYS A 53 2.30 31.01 -41.13
C CYS A 53 3.49 31.31 -42.05
N LEU A 54 3.27 32.19 -43.01
CA LEU A 54 4.31 32.59 -43.93
C LEU A 54 5.41 33.36 -43.23
N GLU A 55 5.04 34.10 -42.19
CA GLU A 55 6.01 34.81 -41.39
C GLU A 55 6.88 33.87 -40.56
N LEU A 56 6.29 32.77 -40.12
CA LEU A 56 7.02 31.79 -39.31
C LEU A 56 7.98 30.96 -40.16
N GLY A 57 7.76 30.95 -41.47
CA GLY A 57 8.70 30.29 -42.37
C GLY A 57 8.14 29.10 -43.12
N ALA A 58 6.81 29.00 -43.19
CA ALA A 58 6.17 27.94 -43.97
C ALA A 58 6.73 27.86 -45.39
N ALA A 59 6.97 26.64 -45.86
CA ALA A 59 7.35 26.41 -47.24
C ALA A 59 6.32 27.07 -48.14
N SER A 60 5.05 26.86 -47.81
CA SER A 60 3.93 27.48 -48.51
C SER A 60 2.75 27.61 -47.55
N ALA A 61 1.77 28.43 -47.91
CA ALA A 61 0.55 28.58 -47.10
C ALA A 61 -0.62 29.14 -47.89
N HIS A 62 -1.66 28.32 -48.05
CA HIS A 62 -2.93 28.74 -48.67
C HIS A 62 -4.12 28.31 -47.81
N TYR A 63 -5.29 28.87 -48.11
CA TYR A 63 -6.50 28.48 -47.39
C TYR A 63 -7.71 28.39 -48.32
N ILE A 64 -8.64 27.51 -47.96
CA ILE A 64 -9.92 27.35 -48.65
C ILE A 64 -11.04 27.43 -47.58
N ALA A 65 -11.98 28.35 -47.77
CA ALA A 65 -13.00 28.57 -46.74
C ALA A 65 -14.29 27.83 -47.07
N GLY A 66 -14.97 27.37 -46.03
CA GLY A 66 -16.22 26.67 -46.22
C GLY A 66 -16.68 25.94 -44.98
N THR A 67 -17.94 25.47 -45.00
CA THR A 67 -18.45 24.65 -43.91
C THR A 67 -18.35 23.17 -44.25
N MET A 68 -17.94 22.38 -43.27
CA MET A 68 -17.87 20.94 -43.44
C MET A 68 -19.22 20.28 -43.20
N GLU A 69 -20.28 21.08 -43.18
CA GLU A 69 -21.63 20.53 -43.14
C GLU A 69 -22.01 20.07 -44.54
N ASP A 70 -21.35 20.66 -45.54
CA ASP A 70 -21.56 20.32 -46.94
C ASP A 70 -20.50 19.34 -47.46
N MET A 71 -20.89 18.09 -47.64
CA MET A 71 -19.97 17.05 -48.11
C MET A 71 -19.33 17.39 -49.45
N THR A 72 -20.03 18.13 -50.30
CA THR A 72 -19.48 18.50 -51.60
C THR A 72 -18.28 19.40 -51.45
N PHE A 73 -18.37 20.37 -50.54
CA PHE A 73 -17.22 21.19 -50.22
C PHE A 73 -16.09 20.29 -49.70
N ALA A 74 -16.42 19.35 -48.82
CA ALA A 74 -15.43 18.50 -48.17
C ALA A 74 -14.59 17.69 -49.14
N GLU A 75 -15.23 17.10 -50.14
CA GLU A 75 -14.49 16.40 -51.19
C GLU A 75 -13.70 17.40 -52.02
N GLN A 76 -14.36 18.45 -52.50
CA GLN A 76 -13.74 19.35 -53.46
C GLN A 76 -12.61 20.18 -52.85
N PHE A 77 -12.66 20.39 -51.55
CA PHE A 77 -11.56 21.08 -50.86
C PHE A 77 -10.27 20.26 -50.93
N ILE A 78 -10.39 18.95 -50.69
CA ILE A 78 -9.23 18.06 -50.74
C ILE A 78 -8.62 18.05 -52.13
N VAL A 79 -9.47 18.09 -53.15
CA VAL A 79 -9.01 18.20 -54.55
C VAL A 79 -8.26 19.49 -54.90
N LYS A 80 -8.86 20.63 -54.57
CA LYS A 80 -8.17 21.92 -54.73
C LYS A 80 -6.89 21.94 -53.89
N ALA A 81 -6.96 21.41 -52.66
CA ALA A 81 -5.79 21.43 -51.79
C ALA A 81 -4.69 20.64 -52.47
N GLY A 82 -5.02 19.43 -52.88
CA GLY A 82 -4.03 18.59 -53.53
C GLY A 82 -3.36 19.27 -54.72
N LYS A 83 -4.16 19.91 -55.57
CA LYS A 83 -3.60 20.65 -56.71
C LYS A 83 -2.62 21.70 -56.18
N LEU A 84 -3.11 22.55 -55.28
CA LEU A 84 -2.34 23.68 -54.77
C LEU A 84 -0.93 23.27 -54.33
N MET A 85 -0.79 22.08 -53.77
CA MET A 85 0.50 21.65 -53.26
C MET A 85 1.13 20.60 -54.16
N GLY A 86 0.34 20.07 -55.08
CA GLY A 86 0.84 19.06 -55.99
C GLY A 86 0.93 17.70 -55.32
N GLY A 87 0.13 17.49 -54.29
CA GLY A 87 0.18 16.23 -53.56
C GLY A 87 -0.12 16.40 -52.09
N LEU A 88 -0.03 15.30 -51.34
CA LEU A 88 -0.41 15.32 -49.94
C LEU A 88 0.34 14.27 -49.10
N ASP A 89 0.92 14.71 -47.99
CA ASP A 89 1.64 13.81 -47.10
C ASP A 89 0.89 13.53 -45.80
N MET A 90 0.19 14.53 -45.29
CA MET A 90 -0.47 14.42 -44.00
C MET A 90 -1.78 15.20 -43.99
N LEU A 91 -2.87 14.49 -43.72
CA LEU A 91 -4.18 15.10 -43.58
C LEU A 91 -4.58 15.22 -42.11
N ILE A 92 -4.85 16.43 -41.66
CA ILE A 92 -5.25 16.61 -40.26
C ILE A 92 -6.71 17.01 -40.11
N LEU A 93 -7.54 16.06 -39.68
CA LEU A 93 -8.97 16.31 -39.52
C LEU A 93 -9.27 16.67 -38.06
N ASN A 94 -9.64 17.93 -37.84
CA ASN A 94 -9.60 18.52 -36.51
C ASN A 94 -10.83 19.35 -36.15
N HIS A 95 -11.54 19.85 -37.16
CA HIS A 95 -12.64 20.79 -36.93
C HIS A 95 -13.79 20.09 -36.22
N ILE A 96 -14.57 20.85 -35.44
CA ILE A 96 -15.82 20.34 -34.88
C ILE A 96 -16.86 21.44 -34.85
N THR A 97 -18.12 21.06 -34.69
CA THR A 97 -19.20 22.04 -34.67
C THR A 97 -19.21 22.80 -33.34
N GLN A 98 -19.98 23.89 -33.28
CA GLN A 98 -20.19 24.59 -32.01
C GLN A 98 -20.67 23.56 -31.00
N THR A 99 -20.07 23.56 -29.80
CA THR A 99 -20.32 22.51 -28.82
C THR A 99 -20.52 23.07 -27.42
N SER A 100 -21.67 22.78 -26.82
CA SER A 100 -21.98 23.28 -25.48
C SER A 100 -22.19 22.15 -24.48
N LEU A 101 -21.93 22.44 -23.21
CA LEU A 101 -22.18 21.46 -22.15
C LEU A 101 -23.61 21.57 -21.66
N SER A 102 -24.38 20.51 -21.83
CA SER A 102 -25.75 20.48 -21.35
C SER A 102 -26.34 19.08 -21.46
N LEU A 103 -27.26 18.76 -20.56
CA LEU A 103 -28.02 17.53 -20.64
C LEU A 103 -28.73 17.51 -21.98
N PHE A 104 -28.91 16.32 -22.54
CA PHE A 104 -29.34 16.19 -23.93
C PHE A 104 -30.78 16.64 -24.09
N HIS A 105 -30.98 17.54 -25.06
CA HIS A 105 -32.30 18.06 -25.38
C HIS A 105 -32.35 18.52 -26.84
N ASP A 106 -31.38 18.07 -27.64
CA ASP A 106 -31.35 18.38 -29.05
C ASP A 106 -32.49 17.72 -29.80
N ASP A 107 -32.93 18.35 -30.88
CA ASP A 107 -33.76 17.71 -31.88
C ASP A 107 -32.87 17.12 -32.97
N ILE A 108 -33.45 16.27 -33.81
CA ILE A 108 -32.66 15.42 -34.69
C ILE A 108 -31.80 16.28 -35.61
N HIS A 109 -32.36 17.39 -36.09
CA HIS A 109 -31.64 18.27 -37.01
C HIS A 109 -30.24 18.55 -36.44
N SER A 110 -30.19 19.05 -35.21
CA SER A 110 -28.92 19.39 -34.55
C SER A 110 -27.99 18.18 -34.46
N VAL A 111 -28.51 17.05 -34.00
CA VAL A 111 -27.72 15.85 -33.90
C VAL A 111 -27.16 15.43 -35.27
N ARG A 112 -27.95 15.55 -36.32
CA ARG A 112 -27.42 15.28 -37.65
C ARG A 112 -26.30 16.26 -37.96
N ARG A 113 -26.48 17.51 -37.57
CA ARG A 113 -25.45 18.52 -37.79
C ARG A 113 -24.16 18.08 -37.13
N VAL A 114 -24.27 17.57 -35.91
CA VAL A 114 -23.09 17.14 -35.18
C VAL A 114 -22.38 16.00 -35.90
N MET A 115 -23.16 15.05 -36.41
CA MET A 115 -22.58 13.85 -36.97
C MET A 115 -22.03 14.08 -38.38
N GLU A 116 -22.63 15.02 -39.10
CA GLU A 116 -22.14 15.40 -40.43
C GLU A 116 -20.77 16.07 -40.35
N VAL A 117 -20.67 17.13 -39.55
CA VAL A 117 -19.44 17.90 -39.44
C VAL A 117 -18.38 17.13 -38.65
N ASN A 118 -18.74 16.68 -37.45
CA ASN A 118 -17.79 15.99 -36.59
C ASN A 118 -17.35 14.63 -37.13
N PHE A 119 -18.24 13.95 -37.86
CA PHE A 119 -17.91 12.61 -38.31
C PHE A 119 -17.94 12.43 -39.81
N LEU A 120 -19.07 12.73 -40.43
CA LEU A 120 -19.27 12.37 -41.83
C LEU A 120 -18.24 13.05 -42.70
N SER A 121 -17.90 14.30 -42.39
CA SER A 121 -16.90 15.05 -43.14
C SER A 121 -15.52 14.41 -43.04
N TYR A 122 -15.23 13.77 -41.91
CA TYR A 122 -13.91 13.16 -41.72
C TYR A 122 -13.77 11.99 -42.67
N VAL A 123 -14.84 11.20 -42.77
CA VAL A 123 -14.87 10.03 -43.63
C VAL A 123 -14.76 10.48 -45.07
N VAL A 124 -15.46 11.56 -45.40
CA VAL A 124 -15.46 12.08 -46.77
C VAL A 124 -14.08 12.48 -47.29
N MET A 125 -13.32 13.21 -46.49
CA MET A 125 -12.05 13.75 -46.93
C MET A 125 -10.93 12.71 -46.95
N SER A 126 -10.98 11.78 -45.99
CA SER A 126 -9.98 10.71 -45.92
C SER A 126 -10.15 9.81 -47.14
N THR A 127 -11.41 9.65 -47.56
CA THR A 127 -11.73 8.87 -48.75
C THR A 127 -11.19 9.58 -49.99
N ALA A 128 -11.45 10.89 -50.06
CA ALA A 128 -11.00 11.68 -51.19
C ALA A 128 -9.47 11.77 -51.21
N ALA A 129 -8.88 11.94 -50.04
CA ALA A 129 -7.44 12.13 -49.92
C ALA A 129 -6.64 10.83 -50.09
N LEU A 130 -7.32 9.70 -49.93
CA LEU A 130 -6.65 8.43 -49.85
C LEU A 130 -5.73 8.18 -51.04
N PRO A 131 -6.20 8.45 -52.28
CA PRO A 131 -5.35 8.20 -53.45
C PRO A 131 -3.99 8.91 -53.44
N MET A 132 -3.97 10.19 -53.07
CA MET A 132 -2.69 10.89 -52.92
C MET A 132 -1.87 10.33 -51.77
N LEU A 133 -2.54 10.00 -50.67
CA LEU A 133 -1.87 9.51 -49.48
C LEU A 133 -1.22 8.17 -49.76
N LYS A 134 -1.85 7.39 -50.64
CA LYS A 134 -1.25 6.19 -51.17
C LYS A 134 -0.07 6.57 -52.06
N GLN A 135 -0.32 7.53 -52.95
CA GLN A 135 0.71 8.04 -53.83
C GLN A 135 1.97 8.42 -53.05
N SER A 136 1.79 8.92 -51.84
CA SER A 136 2.90 9.42 -51.04
C SER A 136 3.13 8.62 -49.76
N ASN A 137 2.34 7.57 -49.56
CA ASN A 137 2.38 6.81 -48.31
C ASN A 137 2.26 7.73 -47.09
N GLY A 138 1.38 8.72 -47.20
CA GLY A 138 1.26 9.71 -46.15
C GLY A 138 0.58 9.19 -44.89
N SER A 139 -0.03 10.11 -44.14
CA SER A 139 -0.64 9.76 -42.87
C SER A 139 -1.91 10.56 -42.63
N ILE A 140 -2.81 9.97 -41.84
CA ILE A 140 -4.02 10.64 -41.41
C ILE A 140 -4.03 10.81 -39.89
N ALA A 141 -4.45 11.98 -39.43
CA ALA A 141 -4.62 12.21 -37.99
C ALA A 141 -6.09 12.50 -37.70
N VAL A 142 -6.69 11.73 -36.81
CA VAL A 142 -8.06 11.98 -36.42
C VAL A 142 -8.10 12.50 -34.98
N ILE A 143 -8.48 13.75 -34.82
CA ILE A 143 -8.51 14.38 -33.51
C ILE A 143 -9.73 13.94 -32.71
N SER A 144 -9.51 13.16 -31.66
CA SER A 144 -10.62 12.70 -30.83
C SER A 144 -10.53 13.27 -29.43
N SER A 145 -11.40 12.77 -28.56
CA SER A 145 -11.50 13.18 -27.17
C SER A 145 -11.39 11.95 -26.24
N LEU A 146 -11.01 12.17 -24.99
CA LEU A 146 -11.20 11.17 -23.95
C LEU A 146 -12.67 10.74 -23.99
N ALA A 147 -13.50 11.68 -24.47
CA ALA A 147 -14.94 11.49 -24.57
C ALA A 147 -15.26 10.58 -25.74
N GLY A 148 -14.22 10.16 -26.46
CA GLY A 148 -14.38 9.20 -27.53
C GLY A 148 -13.96 7.81 -27.08
N LYS A 149 -13.64 7.69 -25.80
CA LYS A 149 -13.21 6.42 -25.23
C LYS A 149 -14.01 6.08 -23.98
N VAL A 150 -14.43 7.11 -23.25
CA VAL A 150 -15.27 6.91 -22.09
C VAL A 150 -16.30 8.03 -22.07
N THR A 151 -17.27 7.97 -21.15
CA THR A 151 -18.38 8.91 -21.20
C THR A 151 -18.40 9.97 -20.10
N TYR A 152 -18.72 11.19 -20.49
CA TYR A 152 -18.94 12.30 -19.58
C TYR A 152 -20.34 12.88 -19.84
N PRO A 153 -21.05 13.27 -18.78
CA PRO A 153 -22.37 13.87 -19.00
C PRO A 153 -22.30 15.19 -19.75
N MET A 154 -23.45 15.57 -20.33
CA MET A 154 -23.65 16.87 -20.95
C MET A 154 -22.99 16.99 -22.33
N VAL A 155 -22.43 15.89 -22.82
CA VAL A 155 -21.69 15.94 -24.08
C VAL A 155 -22.02 14.76 -25.02
N ALA A 156 -23.23 14.22 -24.91
CA ALA A 156 -23.61 12.99 -25.62
C ALA A 156 -23.57 13.03 -27.15
N PRO A 157 -24.02 14.14 -27.78
CA PRO A 157 -23.92 14.25 -29.25
C PRO A 157 -22.46 14.25 -29.71
N TYR A 158 -21.68 15.12 -29.09
CA TYR A 158 -20.24 15.22 -29.29
C TYR A 158 -19.59 13.85 -29.06
N SER A 159 -19.88 13.24 -27.92
CA SER A 159 -19.27 11.96 -27.56
C SER A 159 -19.63 10.85 -28.54
N ALA A 160 -20.78 11.00 -29.20
CA ALA A 160 -21.22 10.02 -30.17
C ALA A 160 -20.35 10.09 -31.44
N SER A 161 -20.15 11.31 -31.93
CA SER A 161 -19.39 11.52 -33.17
C SER A 161 -17.96 11.03 -32.93
N LYS A 162 -17.48 11.26 -31.72
CA LYS A 162 -16.13 10.86 -31.35
C LYS A 162 -15.99 9.33 -31.31
N PHE A 163 -16.90 8.67 -30.60
CA PHE A 163 -16.97 7.21 -30.58
C PHE A 163 -17.11 6.64 -32.00
N ALA A 164 -17.83 7.35 -32.86
CA ALA A 164 -18.02 6.94 -34.24
C ALA A 164 -16.72 7.04 -35.04
N LEU A 165 -15.77 7.83 -34.54
CA LEU A 165 -14.50 7.98 -35.25
C LEU A 165 -13.60 6.79 -34.98
N ASP A 166 -13.51 6.40 -33.69
CA ASP A 166 -12.69 5.29 -33.27
C ASP A 166 -13.17 4.04 -33.99
N GLY A 167 -14.48 3.85 -34.05
CA GLY A 167 -15.03 2.67 -34.68
C GLY A 167 -14.68 2.59 -36.14
N PHE A 168 -15.02 3.64 -36.89
CA PHE A 168 -14.73 3.69 -38.32
C PHE A 168 -13.21 3.59 -38.60
N PHE A 169 -12.44 4.58 -38.12
CA PHE A 169 -11.06 4.72 -38.59
C PHE A 169 -10.16 3.60 -38.08
N SER A 170 -10.47 3.05 -36.91
CA SER A 170 -9.80 1.85 -36.45
C SER A 170 -10.00 0.71 -37.44
N THR A 171 -11.21 0.60 -38.00
CA THR A 171 -11.50 -0.44 -38.99
C THR A 171 -10.67 -0.22 -40.24
N ILE A 172 -10.72 1.00 -40.76
CA ILE A 172 -9.96 1.35 -41.96
C ILE A 172 -8.47 1.01 -41.76
N ARG A 173 -7.93 1.34 -40.60
CA ARG A 173 -6.53 1.07 -40.30
C ARG A 173 -6.24 -0.41 -40.51
N THR A 174 -7.02 -1.25 -39.84
CA THR A 174 -6.87 -2.69 -39.94
C THR A 174 -6.96 -3.12 -41.41
N GLU A 175 -7.94 -2.59 -42.14
CA GLU A 175 -8.11 -2.94 -43.55
C GLU A 175 -6.95 -2.49 -44.43
N LEU A 176 -6.37 -1.32 -44.14
CA LEU A 176 -5.21 -0.84 -44.89
C LEU A 176 -4.01 -1.76 -44.64
N TYR A 177 -3.96 -2.31 -43.43
CA TYR A 177 -2.85 -3.14 -42.98
C TYR A 177 -2.85 -4.56 -43.55
N ILE A 178 -4.02 -5.18 -43.61
CA ILE A 178 -4.12 -6.54 -44.12
C ILE A 178 -4.04 -6.56 -45.65
N THR A 179 -4.06 -5.37 -46.25
CA THR A 179 -4.02 -5.24 -47.71
C THR A 179 -2.73 -4.52 -48.15
N LYS A 180 -1.85 -4.25 -47.18
CA LYS A 180 -0.52 -3.71 -47.48
C LYS A 180 -0.57 -2.33 -48.13
N VAL A 181 -1.37 -1.44 -47.57
CA VAL A 181 -1.32 -0.04 -47.95
C VAL A 181 -0.51 0.72 -46.90
N ASN A 182 0.44 1.54 -47.36
CA ASN A 182 1.37 2.23 -46.48
C ASN A 182 0.85 3.62 -46.12
N VAL A 183 -0.41 3.67 -45.70
CA VAL A 183 -0.99 4.88 -45.12
C VAL A 183 -1.34 4.60 -43.66
N SER A 184 -0.91 5.48 -42.77
CA SER A 184 -1.12 5.27 -41.35
C SER A 184 -2.25 6.14 -40.80
N ILE A 185 -2.91 5.66 -39.75
CA ILE A 185 -4.07 6.34 -39.17
C ILE A 185 -3.89 6.59 -37.67
N THR A 186 -3.77 7.86 -37.30
CA THR A 186 -3.44 8.24 -35.92
C THR A 186 -4.61 8.88 -35.17
N LEU A 187 -5.20 8.13 -34.25
CA LEU A 187 -6.30 8.65 -33.45
C LEU A 187 -5.72 9.36 -32.22
N CYS A 188 -6.04 10.63 -32.09
CA CYS A 188 -5.46 11.44 -31.05
C CYS A 188 -6.48 11.73 -29.95
N VAL A 189 -6.20 11.18 -28.77
CA VAL A 189 -7.13 11.23 -27.65
C VAL A 189 -6.76 12.35 -26.67
N LEU A 190 -7.43 13.49 -26.80
CA LEU A 190 -7.09 14.69 -26.04
C LEU A 190 -7.89 14.84 -24.73
N GLY A 191 -7.24 15.45 -23.73
CA GLY A 191 -7.94 15.89 -22.54
C GLY A 191 -8.30 17.35 -22.67
N LEU A 192 -8.72 17.98 -21.58
CA LEU A 192 -9.11 19.40 -21.62
C LEU A 192 -7.95 20.27 -22.14
N ILE A 193 -8.22 21.08 -23.14
CA ILE A 193 -7.18 21.89 -23.81
C ILE A 193 -7.54 23.37 -23.70
N ASP A 194 -6.60 24.18 -23.25
CA ASP A 194 -6.87 25.56 -22.89
C ASP A 194 -7.03 26.46 -24.11
N THR A 195 -7.80 25.99 -25.08
CA THR A 195 -8.22 26.81 -26.20
C THR A 195 -9.30 27.76 -25.71
N GLU A 196 -9.47 28.90 -26.38
CA GLU A 196 -10.42 29.90 -25.91
C GLU A 196 -11.78 29.23 -25.74
N THR A 197 -12.23 28.55 -26.79
CA THR A 197 -13.58 28.02 -26.86
C THR A 197 -13.91 27.15 -25.65
N ALA A 198 -13.17 26.06 -25.47
CA ALA A 198 -13.43 25.10 -24.41
C ALA A 198 -13.39 25.72 -23.02
N MET A 199 -12.48 26.68 -22.81
CA MET A 199 -12.30 27.24 -21.47
C MET A 199 -13.52 28.03 -21.03
N LYS A 200 -13.99 28.93 -21.89
CA LYS A 200 -15.18 29.70 -21.58
C LYS A 200 -16.42 28.80 -21.59
N ALA A 201 -16.35 27.68 -22.32
CA ALA A 201 -17.46 26.74 -22.41
C ALA A 201 -17.58 25.87 -21.17
N VAL A 202 -16.47 25.55 -20.54
CA VAL A 202 -16.48 24.76 -19.32
C VAL A 202 -16.59 25.71 -18.12
N SER A 203 -16.49 27.00 -18.41
CA SER A 203 -16.60 28.03 -17.38
C SER A 203 -17.82 27.79 -16.48
N GLY A 204 -17.57 27.51 -15.20
CA GLY A 204 -18.67 27.36 -14.26
C GLY A 204 -19.31 25.99 -14.28
N ILE A 205 -18.89 25.14 -15.21
CA ILE A 205 -19.43 23.79 -15.29
C ILE A 205 -18.37 22.75 -14.93
N VAL A 206 -17.21 22.83 -15.58
CA VAL A 206 -16.12 21.88 -15.34
C VAL A 206 -14.90 22.57 -14.73
N ASN A 207 -14.45 22.06 -13.59
CA ASN A 207 -13.22 22.56 -12.98
C ASN A 207 -12.14 21.50 -13.05
N ALA A 208 -11.52 21.37 -14.23
CA ALA A 208 -10.36 20.49 -14.38
C ALA A 208 -9.19 21.34 -14.83
N GLN A 209 -7.99 20.79 -14.74
CA GLN A 209 -6.82 21.52 -15.20
C GLN A 209 -6.58 21.25 -16.69
N ALA A 210 -6.37 22.31 -17.44
CA ALA A 210 -6.20 22.19 -18.89
C ALA A 210 -4.75 21.83 -19.24
N SER A 211 -4.58 21.21 -20.39
CA SER A 211 -3.25 21.04 -20.97
C SER A 211 -2.98 22.20 -21.91
N PRO A 212 -1.70 22.56 -22.09
CA PRO A 212 -1.32 23.70 -22.94
C PRO A 212 -1.47 23.38 -24.42
N LYS A 213 -2.10 24.31 -25.14
CA LYS A 213 -2.50 24.09 -26.54
C LYS A 213 -1.29 23.92 -27.46
N GLU A 214 -0.22 24.66 -27.17
CA GLU A 214 0.98 24.65 -27.99
C GLU A 214 1.65 23.26 -27.99
N GLU A 215 1.69 22.63 -26.82
CA GLU A 215 2.29 21.32 -26.66
C GLU A 215 1.38 20.27 -27.29
N CYS A 216 0.11 20.31 -26.91
CA CYS A 216 -0.91 19.44 -27.48
C CYS A 216 -0.72 19.31 -29.00
N ALA A 217 -0.63 20.46 -29.65
CA ALA A 217 -0.46 20.52 -31.10
C ALA A 217 0.75 19.71 -31.53
N LEU A 218 1.86 19.90 -30.83
CA LEU A 218 3.11 19.26 -31.21
C LEU A 218 3.01 17.76 -30.98
N GLU A 219 2.34 17.37 -29.90
CA GLU A 219 2.20 15.96 -29.60
C GLU A 219 1.36 15.29 -30.67
N ILE A 220 0.45 16.05 -31.27
CA ILE A 220 -0.34 15.50 -32.37
C ILE A 220 0.58 15.23 -33.55
N ILE A 221 1.29 16.27 -33.96
CA ILE A 221 2.17 16.22 -35.12
C ILE A 221 3.23 15.10 -34.99
N LYS A 222 3.86 15.02 -33.82
CA LYS A 222 4.87 13.98 -33.54
C LYS A 222 4.33 12.57 -33.72
N GLY A 223 3.15 12.32 -33.17
CA GLY A 223 2.59 10.98 -33.19
C GLY A 223 2.24 10.55 -34.61
N THR A 224 1.55 11.43 -35.33
CA THR A 224 1.13 11.15 -36.70
C THR A 224 2.36 10.91 -37.58
N ALA A 225 3.40 11.70 -37.35
CA ALA A 225 4.65 11.51 -38.07
C ALA A 225 5.32 10.17 -37.73
N LEU A 226 5.28 9.78 -36.46
CA LEU A 226 5.89 8.52 -36.06
C LEU A 226 4.98 7.36 -36.43
N ARG A 227 3.77 7.68 -36.87
CA ARG A 227 2.83 6.69 -37.37
C ARG A 227 2.26 5.81 -36.26
N LYS A 228 1.83 6.44 -35.17
CA LYS A 228 1.25 5.72 -34.05
C LYS A 228 -0.24 5.55 -34.22
N SER A 229 -0.73 4.36 -33.88
CA SER A 229 -2.15 4.07 -33.95
C SER A 229 -2.92 5.11 -33.13
N GLU A 230 -2.36 5.45 -31.97
CA GLU A 230 -3.02 6.35 -31.04
C GLU A 230 -2.02 7.23 -30.30
N VAL A 231 -2.45 8.44 -30.01
CA VAL A 231 -1.67 9.38 -29.23
C VAL A 231 -2.56 9.73 -28.04
N TYR A 232 -1.97 9.81 -26.86
CA TYR A 232 -2.70 10.25 -25.67
C TYR A 232 -2.07 11.49 -25.05
N TYR A 233 -2.79 12.59 -25.06
CA TYR A 233 -2.34 13.82 -24.40
C TYR A 233 -3.40 14.37 -23.45
N ASP A 234 -3.01 14.47 -22.19
CA ASP A 234 -3.93 14.83 -21.09
C ASP A 234 -3.03 15.13 -19.89
N LYS A 235 -3.44 16.06 -19.04
CA LYS A 235 -2.59 16.44 -17.92
C LYS A 235 -2.29 15.26 -16.99
N SER A 236 -3.27 14.39 -16.75
CA SER A 236 -2.99 13.23 -15.92
C SER A 236 -2.21 12.16 -16.67
N PRO A 237 -1.20 11.58 -15.99
CA PRO A 237 -0.30 10.55 -16.53
C PRO A 237 -0.90 9.16 -16.48
N LEU A 238 -1.65 8.87 -15.42
CA LEU A 238 -2.27 7.56 -15.25
C LEU A 238 -3.40 7.34 -16.25
N THR A 239 -3.56 8.28 -17.18
CA THR A 239 -4.66 8.23 -18.12
C THR A 239 -4.45 7.26 -19.27
N PRO A 240 -3.29 7.35 -19.95
CA PRO A 240 -3.06 6.45 -21.09
C PRO A 240 -3.13 4.97 -20.71
N ILE A 241 -2.76 4.66 -19.47
CA ILE A 241 -2.78 3.27 -19.02
C ILE A 241 -4.22 2.82 -18.84
N LEU A 242 -4.99 3.53 -18.03
CA LEU A 242 -6.37 3.18 -17.78
C LEU A 242 -7.13 3.01 -19.10
N LEU A 243 -6.87 3.90 -20.05
CA LEU A 243 -7.51 3.83 -21.36
C LEU A 243 -6.75 2.89 -22.28
N GLY A 244 -5.90 2.06 -21.70
CA GLY A 244 -5.12 1.12 -22.50
C GLY A 244 -5.99 0.14 -23.27
N ASN A 245 -6.95 -0.45 -22.57
CA ASN A 245 -7.86 -1.43 -23.15
C ASN A 245 -7.12 -2.48 -23.98
N PRO A 246 -6.24 -3.26 -23.33
CA PRO A 246 -5.41 -4.28 -23.98
C PRO A 246 -6.26 -5.45 -24.48
N GLY A 247 -7.37 -5.70 -23.81
CA GLY A 247 -8.26 -6.78 -24.20
C GLY A 247 -8.81 -6.60 -25.61
N ARG A 248 -9.27 -5.39 -25.90
CA ARG A 248 -9.75 -5.07 -27.25
C ARG A 248 -8.64 -5.36 -28.25
N LYS A 249 -7.42 -4.94 -27.93
CA LYS A 249 -6.27 -5.16 -28.80
C LYS A 249 -6.05 -6.64 -29.00
N ILE A 250 -6.01 -7.39 -27.91
CA ILE A 250 -5.83 -8.83 -27.95
C ILE A 250 -6.90 -9.45 -28.82
N MET A 251 -8.09 -8.85 -28.78
CA MET A 251 -9.25 -9.42 -29.44
C MET A 251 -9.32 -9.03 -30.92
N GLU A 252 -8.93 -7.80 -31.23
CA GLU A 252 -8.88 -7.38 -32.62
C GLU A 252 -7.86 -8.22 -33.36
N PHE A 253 -6.84 -8.64 -32.61
CA PHE A 253 -5.74 -9.47 -33.12
C PHE A 253 -6.19 -10.85 -33.61
N PHE A 254 -6.69 -11.67 -32.69
CA PHE A 254 -7.12 -13.03 -33.02
C PHE A 254 -8.29 -13.04 -34.00
N SER A 255 -8.96 -11.89 -34.16
CA SER A 255 -10.15 -11.80 -35.00
C SER A 255 -9.90 -12.15 -36.46
N LEU A 256 -8.69 -11.86 -36.95
CA LEU A 256 -8.34 -12.09 -38.35
C LEU A 256 -8.26 -13.58 -38.68
N ARG A 257 -8.00 -14.41 -37.67
CA ARG A 257 -7.86 -15.85 -37.89
C ARG A 257 -9.21 -16.50 -38.19
N TYR A 258 -10.27 -15.70 -38.17
CA TYR A 258 -11.60 -16.18 -38.53
C TYR A 258 -12.00 -15.69 -39.91
N TYR A 259 -11.06 -15.01 -40.58
CA TYR A 259 -11.32 -14.52 -41.93
C TYR A 259 -10.64 -15.37 -43.01
N ASN A 260 -11.14 -15.24 -44.23
CA ASN A 260 -10.54 -15.88 -45.39
C ASN A 260 -9.67 -14.86 -46.10
N LYS A 261 -8.46 -15.26 -46.46
CA LYS A 261 -7.52 -14.32 -47.04
C LYS A 261 -7.88 -13.95 -48.48
N ASP A 262 -8.72 -14.76 -49.11
CA ASP A 262 -9.15 -14.50 -50.48
C ASP A 262 -9.79 -13.11 -50.59
N MET A 263 -10.08 -12.51 -49.45
CA MET A 263 -10.70 -11.19 -49.43
C MET A 263 -9.62 -10.11 -49.31
N PHE A 264 -8.38 -10.53 -49.09
CA PHE A 264 -7.25 -9.61 -48.88
C PHE A 264 -6.82 -8.89 -50.16
N GLU B 1 -33.39 -11.21 -9.39
CA GLU B 1 -33.52 -12.22 -10.47
C GLU B 1 -34.79 -11.99 -11.30
N PHE B 2 -34.85 -12.61 -12.47
CA PHE B 2 -35.92 -12.33 -13.43
C PHE B 2 -37.16 -13.19 -13.25
N ARG B 3 -38.32 -12.54 -13.42
CA ARG B 3 -39.60 -13.24 -13.53
C ARG B 3 -40.39 -12.69 -14.71
N PRO B 4 -40.84 -13.58 -15.62
CA PRO B 4 -41.58 -13.13 -16.80
C PRO B 4 -42.81 -12.29 -16.45
N GLU B 5 -43.33 -12.47 -15.24
CA GLU B 5 -44.43 -11.64 -14.76
C GLU B 5 -44.03 -10.16 -14.78
N MET B 6 -42.74 -9.90 -14.77
CA MET B 6 -42.23 -8.53 -14.85
C MET B 6 -42.64 -7.86 -16.16
N LEU B 7 -42.91 -8.65 -17.19
CA LEU B 7 -43.35 -8.10 -18.46
C LEU B 7 -44.83 -8.36 -18.72
N GLN B 8 -45.49 -8.97 -17.75
CA GLN B 8 -46.90 -9.27 -17.89
C GLN B 8 -47.72 -7.99 -17.85
N GLY B 9 -48.50 -7.75 -18.89
CA GLY B 9 -49.35 -6.58 -18.94
C GLY B 9 -48.58 -5.28 -19.14
N LYS B 10 -47.33 -5.36 -19.55
CA LYS B 10 -46.52 -4.17 -19.78
C LYS B 10 -46.46 -3.79 -21.25
N LYS B 11 -46.32 -2.49 -21.51
CA LYS B 11 -46.30 -1.95 -22.86
C LYS B 11 -44.87 -1.94 -23.41
N VAL B 12 -44.66 -2.67 -24.51
CA VAL B 12 -43.33 -2.86 -25.07
C VAL B 12 -43.30 -2.61 -26.58
N ILE B 13 -42.40 -1.73 -27.01
CA ILE B 13 -42.14 -1.55 -28.44
C ILE B 13 -40.94 -2.40 -28.85
N VAL B 14 -41.00 -2.93 -30.06
CA VAL B 14 -39.84 -3.60 -30.64
C VAL B 14 -39.74 -3.26 -32.12
N THR B 15 -38.68 -2.53 -32.49
CA THR B 15 -38.39 -2.28 -33.90
C THR B 15 -37.61 -3.49 -34.43
N GLY B 16 -37.67 -3.68 -35.75
CA GLY B 16 -37.01 -4.81 -36.39
C GLY B 16 -37.58 -6.15 -35.97
N ALA B 17 -38.90 -6.25 -35.85
CA ALA B 17 -39.49 -7.43 -35.24
C ALA B 17 -40.07 -8.42 -36.26
N SER B 18 -39.87 -8.15 -37.54
CA SER B 18 -40.45 -9.03 -38.56
C SER B 18 -39.60 -10.27 -38.79
N LYS B 19 -38.37 -10.26 -38.30
CA LYS B 19 -37.54 -11.47 -38.35
C LYS B 19 -36.35 -11.42 -37.40
N GLY B 20 -35.59 -12.52 -37.39
CA GLY B 20 -34.37 -12.59 -36.60
C GLY B 20 -34.54 -12.52 -35.09
N ILE B 21 -33.60 -11.83 -34.46
CA ILE B 21 -33.59 -11.61 -33.02
C ILE B 21 -34.86 -10.91 -32.53
N GLY B 22 -35.32 -9.92 -33.29
CA GLY B 22 -36.42 -9.08 -32.85
C GLY B 22 -37.80 -9.72 -32.98
N ARG B 23 -37.93 -10.66 -33.90
CA ARG B 23 -39.11 -11.50 -33.95
C ARG B 23 -39.17 -12.38 -32.69
N GLU B 24 -38.02 -12.96 -32.33
CA GLU B 24 -37.96 -13.86 -31.19
C GLU B 24 -38.35 -13.14 -29.91
N MET B 25 -37.97 -11.88 -29.80
CA MET B 25 -38.33 -11.07 -28.63
C MET B 25 -39.84 -10.81 -28.62
N ALA B 26 -40.42 -10.68 -29.81
CA ALA B 26 -41.86 -10.51 -29.96
C ALA B 26 -42.61 -11.69 -29.37
N TYR B 27 -42.12 -12.90 -29.69
CA TYR B 27 -42.75 -14.12 -29.22
C TYR B 27 -42.60 -14.27 -27.70
N HIS B 28 -41.36 -14.10 -27.21
CA HIS B 28 -41.08 -14.20 -25.78
C HIS B 28 -41.91 -13.20 -24.98
N LEU B 29 -42.00 -11.97 -25.48
CA LEU B 29 -42.78 -10.95 -24.84
C LEU B 29 -44.27 -11.28 -24.88
N SER B 30 -44.67 -11.99 -25.94
CA SER B 30 -46.07 -12.36 -26.12
C SER B 30 -46.44 -13.49 -25.16
N LYS B 31 -45.49 -14.38 -24.95
CA LYS B 31 -45.66 -15.47 -24.00
C LYS B 31 -45.68 -14.98 -22.54
N MET B 32 -45.13 -13.80 -22.29
CA MET B 32 -45.14 -13.22 -20.96
C MET B 32 -46.36 -12.33 -20.73
N GLY B 33 -47.20 -12.19 -21.73
CA GLY B 33 -48.43 -11.44 -21.54
C GLY B 33 -48.25 -9.94 -21.56
N ALA B 34 -47.26 -9.48 -22.30
CA ALA B 34 -47.06 -8.04 -22.50
C ALA B 34 -47.94 -7.51 -23.62
N HIS B 35 -48.09 -6.19 -23.66
CA HIS B 35 -48.63 -5.52 -24.82
C HIS B 35 -47.46 -5.16 -25.73
N VAL B 36 -47.57 -5.50 -27.01
CA VAL B 36 -46.50 -5.21 -27.95
C VAL B 36 -46.99 -4.40 -29.15
N VAL B 37 -46.14 -3.48 -29.60
CA VAL B 37 -46.33 -2.83 -30.88
C VAL B 37 -45.05 -3.02 -31.68
N LEU B 38 -45.20 -3.52 -32.90
CA LEU B 38 -44.07 -3.95 -33.70
C LEU B 38 -43.98 -3.14 -34.99
N THR B 39 -42.85 -3.24 -35.66
CA THR B 39 -42.63 -2.44 -36.86
C THR B 39 -41.41 -2.87 -37.64
N ALA B 40 -41.44 -2.54 -38.93
CA ALA B 40 -40.43 -2.94 -39.90
C ALA B 40 -40.96 -2.48 -41.26
N ARG B 41 -40.20 -2.71 -42.31
CA ARG B 41 -40.64 -2.32 -43.64
C ARG B 41 -41.69 -3.29 -44.19
N SER B 42 -41.50 -4.58 -43.95
CA SER B 42 -42.38 -5.59 -44.53
C SER B 42 -43.74 -5.76 -43.87
N GLU B 43 -44.79 -5.25 -44.50
CA GLU B 43 -46.12 -5.33 -43.94
C GLU B 43 -46.66 -6.74 -43.72
N GLU B 44 -46.29 -7.68 -44.59
CA GLU B 44 -46.73 -9.08 -44.48
C GLU B 44 -45.96 -9.82 -43.40
N GLY B 45 -44.66 -9.52 -43.29
CA GLY B 45 -43.84 -10.13 -42.27
C GLY B 45 -44.26 -9.69 -40.87
N LEU B 46 -44.69 -8.45 -40.76
CA LEU B 46 -45.21 -7.94 -39.49
C LEU B 46 -46.55 -8.56 -39.15
N GLN B 47 -47.37 -8.80 -40.17
CA GLN B 47 -48.67 -9.42 -39.96
C GLN B 47 -48.57 -10.83 -39.36
N LYS B 48 -47.70 -11.65 -39.94
CA LYS B 48 -47.56 -13.02 -39.49
C LYS B 48 -47.08 -13.06 -38.05
N VAL B 49 -46.18 -12.15 -37.69
CA VAL B 49 -45.65 -12.16 -36.34
C VAL B 49 -46.64 -11.66 -35.29
N VAL B 50 -47.39 -10.61 -35.59
CA VAL B 50 -48.44 -10.16 -34.70
C VAL B 50 -49.48 -11.27 -34.51
N SER B 51 -49.70 -12.03 -35.59
CA SER B 51 -50.71 -13.08 -35.56
C SER B 51 -50.22 -14.19 -34.65
N ARG B 52 -48.94 -14.50 -34.75
CA ARG B 52 -48.32 -15.50 -33.89
C ARG B 52 -48.34 -14.98 -32.46
N CYS B 53 -47.97 -13.71 -32.31
CA CYS B 53 -47.91 -13.09 -31.00
C CYS B 53 -49.21 -13.27 -30.23
N LEU B 54 -50.35 -13.02 -30.90
CA LEU B 54 -51.65 -13.13 -30.26
C LEU B 54 -51.97 -14.57 -29.84
N GLU B 55 -51.57 -15.53 -30.67
CA GLU B 55 -51.71 -16.94 -30.34
C GLU B 55 -50.83 -17.27 -29.13
N LEU B 56 -49.71 -16.56 -29.03
CA LEU B 56 -48.72 -16.83 -27.99
C LEU B 56 -49.11 -16.27 -26.63
N GLY B 57 -50.16 -15.46 -26.59
CA GLY B 57 -50.68 -15.01 -25.30
C GLY B 57 -50.55 -13.52 -25.03
N ALA B 58 -50.10 -12.78 -26.03
CA ALA B 58 -49.99 -11.33 -25.94
C ALA B 58 -51.31 -10.64 -25.60
N ALA B 59 -51.31 -9.81 -24.56
CA ALA B 59 -52.48 -8.99 -24.25
C ALA B 59 -52.92 -8.20 -25.49
N SER B 60 -51.97 -7.74 -26.28
CA SER B 60 -52.29 -7.06 -27.52
C SER B 60 -51.07 -6.85 -28.39
N ALA B 61 -51.29 -6.92 -29.70
CA ALA B 61 -50.21 -6.89 -30.65
C ALA B 61 -50.59 -6.07 -31.88
N HIS B 62 -49.86 -4.99 -32.12
CA HIS B 62 -50.06 -4.17 -33.32
C HIS B 62 -48.75 -3.91 -34.07
N TYR B 63 -48.83 -3.90 -35.38
CA TYR B 63 -47.71 -3.51 -36.21
C TYR B 63 -47.96 -2.13 -36.81
N ILE B 64 -46.86 -1.42 -37.09
CA ILE B 64 -46.88 -0.24 -37.94
C ILE B 64 -45.64 -0.40 -38.79
N ALA B 65 -45.77 -0.23 -40.10
CA ALA B 65 -44.67 -0.54 -40.99
C ALA B 65 -44.08 0.72 -41.62
N GLY B 66 -42.79 0.67 -41.93
CA GLY B 66 -42.15 1.79 -42.57
C GLY B 66 -40.64 1.60 -42.55
N THR B 67 -39.92 2.65 -42.92
CA THR B 67 -38.48 2.56 -42.97
C THR B 67 -37.88 3.52 -41.97
N MET B 68 -36.83 3.08 -41.27
CA MET B 68 -36.23 3.90 -40.22
C MET B 68 -35.10 4.78 -40.78
N GLU B 69 -35.06 4.90 -42.09
CA GLU B 69 -34.25 5.92 -42.71
C GLU B 69 -34.99 7.26 -42.72
N ASP B 70 -36.30 7.21 -42.47
CA ASP B 70 -37.17 8.38 -42.46
C ASP B 70 -37.40 8.80 -41.02
N MET B 71 -36.83 9.91 -40.62
CA MET B 71 -36.84 10.27 -39.21
C MET B 71 -38.23 10.71 -38.78
N THR B 72 -39.03 11.19 -39.73
CA THR B 72 -40.40 11.57 -39.44
C THR B 72 -41.19 10.34 -39.04
N PHE B 73 -41.04 9.27 -39.81
CA PHE B 73 -41.70 8.01 -39.49
C PHE B 73 -41.22 7.47 -38.14
N ALA B 74 -39.94 7.67 -37.85
CA ALA B 74 -39.35 7.14 -36.63
C ALA B 74 -39.97 7.78 -35.41
N GLU B 75 -40.32 9.05 -35.53
CA GLU B 75 -40.81 9.75 -34.38
C GLU B 75 -42.32 9.55 -34.27
N GLN B 76 -43.03 9.73 -35.37
CA GLN B 76 -44.48 9.59 -35.34
C GLN B 76 -44.90 8.17 -34.97
N PHE B 77 -44.07 7.20 -35.34
CA PHE B 77 -44.34 5.81 -35.00
C PHE B 77 -44.38 5.60 -33.48
N ILE B 78 -43.48 6.26 -32.76
CA ILE B 78 -43.42 6.15 -31.30
C ILE B 78 -44.71 6.69 -30.71
N VAL B 79 -45.16 7.82 -31.27
CA VAL B 79 -46.38 8.48 -30.81
C VAL B 79 -47.67 7.68 -31.00
N LYS B 80 -47.83 7.02 -32.16
CA LYS B 80 -48.92 6.08 -32.39
C LYS B 80 -48.82 4.86 -31.48
N ALA B 81 -47.59 4.43 -31.18
CA ALA B 81 -47.38 3.22 -30.39
C ALA B 81 -47.75 3.47 -28.94
N GLY B 82 -47.61 4.73 -28.52
CA GLY B 82 -47.96 5.10 -27.16
C GLY B 82 -49.44 5.37 -27.04
N LYS B 83 -50.07 5.69 -28.17
CA LYS B 83 -51.50 5.90 -28.16
C LYS B 83 -52.28 4.58 -28.27
N LEU B 84 -51.71 3.60 -28.98
CA LEU B 84 -52.33 2.27 -29.07
C LEU B 84 -52.28 1.52 -27.74
N MET B 85 -51.25 1.78 -26.94
CA MET B 85 -51.06 1.06 -25.70
C MET B 85 -51.45 1.86 -24.47
N GLY B 86 -51.54 3.19 -24.63
CA GLY B 86 -51.84 4.02 -23.48
C GLY B 86 -50.64 4.17 -22.55
N GLY B 87 -49.45 4.19 -23.14
CA GLY B 87 -48.24 4.35 -22.36
C GLY B 87 -47.11 3.54 -22.96
N LEU B 88 -45.99 3.50 -22.24
CA LEU B 88 -44.81 2.82 -22.73
C LEU B 88 -43.87 2.43 -21.60
N ASP B 89 -43.63 1.13 -21.46
CA ASP B 89 -42.78 0.61 -20.39
C ASP B 89 -41.35 0.32 -20.87
N MET B 90 -41.23 -0.13 -22.11
CA MET B 90 -39.97 -0.62 -22.62
C MET B 90 -39.78 -0.36 -24.12
N LEU B 91 -38.74 0.39 -24.46
CA LEU B 91 -38.39 0.65 -25.84
C LEU B 91 -37.15 -0.14 -26.23
N ILE B 92 -37.29 -1.05 -27.19
CA ILE B 92 -36.19 -1.92 -27.60
C ILE B 92 -35.74 -1.58 -29.00
N LEU B 93 -34.57 -0.97 -29.11
CA LEU B 93 -34.04 -0.52 -30.38
C LEU B 93 -33.14 -1.59 -30.99
N ASN B 94 -33.62 -2.21 -32.08
CA ASN B 94 -33.03 -3.45 -32.55
C ASN B 94 -32.78 -3.50 -34.06
N HIS B 95 -33.67 -2.93 -34.86
CA HIS B 95 -33.52 -2.94 -36.31
C HIS B 95 -32.18 -2.36 -36.77
N ILE B 96 -31.74 -2.78 -37.96
CA ILE B 96 -30.53 -2.22 -38.59
C ILE B 96 -30.70 -2.26 -40.11
N THR B 97 -30.03 -1.36 -40.82
CA THR B 97 -30.22 -1.33 -42.27
C THR B 97 -29.40 -2.45 -42.92
N GLN B 98 -29.78 -2.82 -44.13
CA GLN B 98 -29.13 -3.92 -44.85
C GLN B 98 -27.62 -3.76 -44.80
N THR B 99 -26.95 -4.71 -44.17
CA THR B 99 -25.51 -4.64 -44.04
C THR B 99 -24.86 -5.75 -44.85
N SER B 100 -23.66 -5.47 -45.36
CA SER B 100 -22.81 -6.52 -45.91
C SER B 100 -21.37 -6.41 -45.40
N LEU B 101 -20.61 -7.50 -45.52
CA LEU B 101 -19.17 -7.46 -45.31
C LEU B 101 -18.49 -6.99 -46.59
N SER B 102 -17.54 -6.07 -46.45
CA SER B 102 -16.68 -5.64 -47.55
C SER B 102 -15.73 -4.54 -47.12
N LEU B 103 -14.54 -4.54 -47.71
CA LEU B 103 -13.56 -3.49 -47.47
C LEU B 103 -14.12 -2.15 -47.92
N PHE B 104 -13.90 -1.12 -47.12
CA PHE B 104 -14.51 0.16 -47.40
C PHE B 104 -13.81 0.83 -48.58
N HIS B 105 -14.61 1.31 -49.53
CA HIS B 105 -14.06 2.04 -50.66
C HIS B 105 -15.02 3.09 -51.24
N ASP B 106 -15.05 4.25 -50.59
CA ASP B 106 -15.59 5.48 -51.20
C ASP B 106 -17.10 5.70 -50.98
N ASP B 107 -17.66 5.03 -49.98
CA ASP B 107 -19.10 5.09 -49.75
C ASP B 107 -19.54 6.20 -48.79
N ILE B 108 -19.57 7.43 -49.27
CA ILE B 108 -20.18 8.52 -48.50
C ILE B 108 -21.66 8.25 -48.32
N HIS B 109 -22.27 7.71 -49.38
CA HIS B 109 -23.71 7.51 -49.41
C HIS B 109 -24.13 6.31 -48.57
N SER B 110 -23.32 5.27 -48.58
CA SER B 110 -23.55 4.12 -47.71
C SER B 110 -23.39 4.50 -46.24
N VAL B 111 -22.28 5.17 -45.92
CA VAL B 111 -22.00 5.53 -44.53
C VAL B 111 -23.14 6.35 -43.94
N ARG B 112 -23.62 7.35 -44.67
CA ARG B 112 -24.69 8.20 -44.15
C ARG B 112 -25.93 7.38 -43.82
N ARG B 113 -26.48 6.71 -44.84
CA ARG B 113 -27.74 6.01 -44.67
C ARG B 113 -27.65 5.00 -43.54
N VAL B 114 -26.53 4.31 -43.44
CA VAL B 114 -26.26 3.46 -42.28
C VAL B 114 -26.38 4.24 -40.97
N MET B 115 -25.72 5.39 -40.91
CA MET B 115 -25.72 6.19 -39.68
C MET B 115 -27.14 6.59 -39.29
N GLU B 116 -27.92 7.00 -40.29
CA GLU B 116 -29.29 7.42 -40.07
C GLU B 116 -30.15 6.27 -39.55
N VAL B 117 -30.03 5.11 -40.18
CA VAL B 117 -30.88 3.99 -39.83
C VAL B 117 -30.41 3.30 -38.54
N ASN B 118 -29.10 3.14 -38.40
CA ASN B 118 -28.55 2.38 -37.29
C ASN B 118 -28.29 3.26 -36.07
N PHE B 119 -28.19 4.57 -36.27
CA PHE B 119 -28.00 5.48 -35.14
C PHE B 119 -29.08 6.59 -34.99
N LEU B 120 -29.35 7.31 -36.07
CA LEU B 120 -30.22 8.47 -35.95
C LEU B 120 -31.61 8.10 -35.47
N SER B 121 -32.20 7.05 -36.05
CA SER B 121 -33.58 6.69 -35.74
C SER B 121 -33.72 6.19 -34.29
N TYR B 122 -32.64 5.64 -33.74
CA TYR B 122 -32.56 5.32 -32.32
C TYR B 122 -32.67 6.56 -31.43
N VAL B 123 -31.86 7.57 -31.74
CA VAL B 123 -31.89 8.82 -30.99
C VAL B 123 -33.24 9.51 -31.16
N VAL B 124 -33.72 9.55 -32.40
CA VAL B 124 -35.05 10.07 -32.67
C VAL B 124 -36.08 9.37 -31.79
N MET B 125 -36.08 8.05 -31.80
CA MET B 125 -37.11 7.32 -31.10
C MET B 125 -36.93 7.34 -29.58
N SER B 126 -35.70 7.48 -29.11
CA SER B 126 -35.45 7.46 -27.66
C SER B 126 -36.05 8.71 -27.02
N THR B 127 -35.87 9.84 -27.70
CA THR B 127 -36.26 11.15 -27.20
C THR B 127 -37.77 11.36 -27.33
N ALA B 128 -38.33 10.82 -28.40
CA ALA B 128 -39.78 10.87 -28.61
C ALA B 128 -40.48 9.98 -27.58
N ALA B 129 -39.79 8.95 -27.13
CA ALA B 129 -40.41 7.96 -26.26
C ALA B 129 -40.15 8.27 -24.80
N LEU B 130 -39.26 9.22 -24.54
CA LEU B 130 -38.74 9.45 -23.20
C LEU B 130 -39.75 10.08 -22.24
N PRO B 131 -40.62 10.98 -22.72
CA PRO B 131 -41.68 11.46 -21.83
C PRO B 131 -42.57 10.34 -21.28
N MET B 132 -43.00 9.41 -22.13
CA MET B 132 -43.84 8.30 -21.69
C MET B 132 -43.07 7.32 -20.82
N LEU B 133 -41.77 7.21 -21.08
CA LEU B 133 -40.92 6.29 -20.33
C LEU B 133 -40.64 6.86 -18.92
N LYS B 134 -40.45 8.18 -18.86
CA LYS B 134 -40.20 8.85 -17.59
C LYS B 134 -41.39 8.69 -16.64
N GLN B 135 -42.58 8.66 -17.21
CA GLN B 135 -43.78 8.47 -16.43
C GLN B 135 -43.90 7.05 -15.85
N SER B 136 -43.32 6.07 -16.53
CA SER B 136 -43.44 4.68 -16.09
C SER B 136 -42.17 4.14 -15.41
N ASN B 137 -41.15 4.98 -15.28
CA ASN B 137 -39.85 4.49 -14.83
C ASN B 137 -39.47 3.27 -15.66
N GLY B 138 -39.45 3.46 -16.97
CA GLY B 138 -39.24 2.36 -17.88
C GLY B 138 -37.79 2.12 -18.24
N SER B 139 -37.57 1.40 -19.33
CA SER B 139 -36.23 0.98 -19.71
C SER B 139 -36.10 0.96 -21.22
N ILE B 140 -34.89 1.23 -21.69
CA ILE B 140 -34.59 1.08 -23.11
C ILE B 140 -33.60 -0.07 -23.30
N ALA B 141 -33.81 -0.85 -24.35
CA ALA B 141 -32.81 -1.80 -24.80
C ALA B 141 -32.19 -1.30 -26.10
N VAL B 142 -30.88 -1.09 -26.06
CA VAL B 142 -30.12 -0.67 -27.24
C VAL B 142 -29.21 -1.80 -27.71
N ILE B 143 -29.64 -2.51 -28.75
CA ILE B 143 -28.93 -3.71 -29.18
C ILE B 143 -27.68 -3.37 -29.98
N SER B 144 -26.52 -3.71 -29.43
CA SER B 144 -25.26 -3.46 -30.14
C SER B 144 -24.52 -4.75 -30.43
N SER B 145 -23.20 -4.64 -30.53
CA SER B 145 -22.34 -5.70 -31.08
C SER B 145 -20.90 -5.62 -30.57
N LEU B 146 -20.22 -6.76 -30.52
CA LEU B 146 -18.79 -6.77 -30.23
C LEU B 146 -18.12 -5.74 -31.11
N ALA B 147 -18.67 -5.58 -32.31
CA ALA B 147 -18.19 -4.60 -33.27
C ALA B 147 -18.70 -3.22 -32.90
N GLY B 148 -19.20 -3.11 -31.67
CA GLY B 148 -19.51 -1.81 -31.09
C GLY B 148 -18.61 -1.56 -29.89
N LYS B 149 -17.67 -2.48 -29.68
CA LYS B 149 -16.70 -2.37 -28.59
C LYS B 149 -15.29 -2.55 -29.14
N VAL B 150 -15.17 -3.38 -30.17
CA VAL B 150 -13.89 -3.60 -30.83
C VAL B 150 -14.15 -3.63 -32.34
N THR B 151 -13.10 -3.55 -33.16
CA THR B 151 -13.32 -3.46 -34.59
C THR B 151 -12.90 -4.71 -35.36
N TYR B 152 -13.62 -4.98 -36.46
CA TYR B 152 -13.33 -6.10 -37.35
C TYR B 152 -13.26 -5.57 -38.77
N PRO B 153 -12.40 -6.18 -39.60
CA PRO B 153 -12.34 -5.73 -40.99
C PRO B 153 -13.65 -5.97 -41.75
N MET B 154 -13.93 -5.09 -42.71
CA MET B 154 -15.04 -5.26 -43.65
C MET B 154 -16.40 -4.75 -43.16
N VAL B 155 -16.40 -3.95 -42.10
CA VAL B 155 -17.64 -3.48 -41.48
C VAL B 155 -17.49 -2.07 -40.89
N ALA B 156 -16.83 -1.17 -41.63
CA ALA B 156 -16.53 0.16 -41.10
C ALA B 156 -17.80 0.98 -40.86
N PRO B 157 -18.75 0.95 -41.80
CA PRO B 157 -19.90 1.81 -41.56
C PRO B 157 -20.73 1.34 -40.37
N TYR B 158 -21.10 0.07 -40.39
CA TYR B 158 -21.89 -0.55 -39.32
C TYR B 158 -21.23 -0.31 -37.99
N SER B 159 -19.91 -0.48 -37.97
CA SER B 159 -19.17 -0.40 -36.73
C SER B 159 -19.13 1.03 -36.19
N ALA B 160 -19.15 1.99 -37.10
CA ALA B 160 -19.21 3.40 -36.71
C ALA B 160 -20.53 3.68 -36.01
N SER B 161 -21.59 3.02 -36.45
CA SER B 161 -22.91 3.32 -35.94
C SER B 161 -23.17 2.66 -34.59
N LYS B 162 -22.37 1.64 -34.25
CA LYS B 162 -22.57 0.96 -32.97
C LYS B 162 -21.73 1.65 -31.91
N PHE B 163 -20.50 1.98 -32.25
CA PHE B 163 -19.70 2.81 -31.37
C PHE B 163 -20.47 4.06 -30.99
N ALA B 164 -21.01 4.76 -31.99
CA ALA B 164 -21.84 5.95 -31.73
C ALA B 164 -22.98 5.65 -30.76
N LEU B 165 -23.48 4.43 -30.77
CA LEU B 165 -24.56 4.10 -29.85
C LEU B 165 -24.09 4.09 -28.41
N ASP B 166 -22.88 3.60 -28.19
CA ASP B 166 -22.35 3.50 -26.84
C ASP B 166 -22.04 4.92 -26.36
N GLY B 167 -21.20 5.64 -27.09
CA GLY B 167 -20.94 7.03 -26.75
C GLY B 167 -22.17 7.81 -26.32
N PHE B 168 -23.24 7.73 -27.12
CA PHE B 168 -24.42 8.59 -26.93
C PHE B 168 -25.29 8.14 -25.76
N PHE B 169 -25.71 6.88 -25.79
CA PHE B 169 -26.66 6.35 -24.81
C PHE B 169 -26.02 6.16 -23.44
N SER B 170 -24.73 5.84 -23.42
CA SER B 170 -24.02 5.76 -22.16
C SER B 170 -24.06 7.12 -21.45
N THR B 171 -24.02 8.19 -22.24
CA THR B 171 -24.04 9.55 -21.71
C THR B 171 -25.43 9.88 -21.20
N ILE B 172 -26.43 9.49 -21.99
CA ILE B 172 -27.82 9.63 -21.59
C ILE B 172 -28.00 8.83 -20.30
N ARG B 173 -27.31 7.70 -20.20
CA ARG B 173 -27.53 6.82 -19.06
C ARG B 173 -27.10 7.45 -17.76
N THR B 174 -25.91 8.06 -17.76
CA THR B 174 -25.38 8.73 -16.58
C THR B 174 -26.22 9.96 -16.23
N GLU B 175 -26.50 10.76 -17.25
CA GLU B 175 -27.28 11.98 -17.07
C GLU B 175 -28.60 11.67 -16.39
N LEU B 176 -29.28 10.62 -16.83
CA LEU B 176 -30.53 10.20 -16.21
C LEU B 176 -30.27 9.88 -14.75
N TYR B 177 -29.26 9.05 -14.53
CA TYR B 177 -28.89 8.66 -13.19
C TYR B 177 -28.56 9.85 -12.28
N ILE B 178 -27.91 10.89 -12.82
CA ILE B 178 -27.49 11.99 -11.97
C ILE B 178 -28.58 13.02 -11.71
N THR B 179 -29.55 13.11 -12.61
CA THR B 179 -30.70 14.00 -12.44
C THR B 179 -31.89 13.23 -11.85
N LYS B 180 -31.63 12.02 -11.37
CA LYS B 180 -32.64 11.19 -10.69
C LYS B 180 -33.85 10.86 -11.56
N VAL B 181 -33.61 10.53 -12.83
CA VAL B 181 -34.69 9.99 -13.66
C VAL B 181 -34.56 8.47 -13.72
N ASN B 182 -35.53 7.77 -13.17
CA ASN B 182 -35.40 6.34 -13.01
C ASN B 182 -35.77 5.59 -14.29
N VAL B 183 -35.03 5.91 -15.35
CA VAL B 183 -35.11 5.18 -16.60
C VAL B 183 -33.75 4.52 -16.86
N SER B 184 -33.76 3.22 -17.12
CA SER B 184 -32.51 2.52 -17.41
C SER B 184 -32.26 2.28 -18.90
N ILE B 185 -30.97 2.27 -19.25
CA ILE B 185 -30.54 2.04 -20.61
C ILE B 185 -29.62 0.83 -20.64
N THR B 186 -30.06 -0.24 -21.30
CA THR B 186 -29.20 -1.40 -21.43
C THR B 186 -28.56 -1.48 -22.81
N LEU B 187 -27.24 -1.42 -22.83
CA LEU B 187 -26.47 -1.67 -24.04
C LEU B 187 -26.20 -3.17 -24.15
N CYS B 188 -26.74 -3.78 -25.21
CA CYS B 188 -26.70 -5.23 -25.34
C CYS B 188 -25.67 -5.63 -26.40
N VAL B 189 -24.47 -5.94 -25.93
CA VAL B 189 -23.37 -6.33 -26.80
C VAL B 189 -23.44 -7.83 -27.08
N LEU B 190 -23.44 -8.19 -28.36
CA LEU B 190 -23.73 -9.54 -28.80
C LEU B 190 -22.69 -10.04 -29.81
N GLY B 191 -22.38 -11.34 -29.74
CA GLY B 191 -21.55 -11.95 -30.75
C GLY B 191 -22.37 -12.49 -31.91
N LEU B 192 -21.82 -13.40 -32.69
CA LEU B 192 -22.51 -13.92 -33.87
C LEU B 192 -23.79 -14.69 -33.52
N ILE B 193 -24.92 -14.26 -34.08
CA ILE B 193 -26.20 -14.90 -33.82
C ILE B 193 -26.75 -15.50 -35.10
N ASP B 194 -27.33 -16.70 -34.98
CA ASP B 194 -27.65 -17.52 -36.14
C ASP B 194 -28.92 -17.12 -36.88
N THR B 195 -29.27 -15.84 -36.83
CA THR B 195 -30.31 -15.30 -37.70
C THR B 195 -29.95 -15.60 -39.14
N GLU B 196 -30.95 -15.64 -40.02
CA GLU B 196 -30.74 -16.02 -41.41
C GLU B 196 -29.89 -14.98 -42.17
N THR B 197 -30.03 -13.73 -41.76
CA THR B 197 -29.39 -12.62 -42.47
C THR B 197 -27.96 -12.42 -42.05
N ALA B 198 -27.62 -12.87 -40.85
CA ALA B 198 -26.24 -12.81 -40.40
C ALA B 198 -25.44 -13.91 -41.12
N MET B 199 -25.97 -15.13 -41.09
CA MET B 199 -25.26 -16.26 -41.68
C MET B 199 -25.04 -16.08 -43.19
N LYS B 200 -26.07 -15.66 -43.91
CA LYS B 200 -25.93 -15.41 -45.33
C LYS B 200 -24.79 -14.42 -45.58
N ALA B 201 -24.64 -13.46 -44.67
CA ALA B 201 -23.70 -12.36 -44.86
C ALA B 201 -22.27 -12.78 -44.57
N VAL B 202 -22.08 -13.61 -43.53
CA VAL B 202 -20.76 -14.11 -43.14
C VAL B 202 -20.32 -15.28 -44.00
N SER B 203 -21.23 -15.78 -44.85
CA SER B 203 -20.98 -17.03 -45.55
C SER B 203 -19.71 -16.97 -46.40
N GLY B 204 -18.75 -17.82 -46.07
CA GLY B 204 -17.53 -17.89 -46.85
C GLY B 204 -16.55 -16.77 -46.53
N ILE B 205 -16.91 -15.91 -45.59
CA ILE B 205 -16.04 -14.82 -45.20
C ILE B 205 -15.60 -14.94 -43.75
N VAL B 206 -16.55 -15.23 -42.86
CA VAL B 206 -16.21 -15.48 -41.46
C VAL B 206 -16.63 -16.88 -40.99
N ASN B 207 -15.74 -17.53 -40.25
CA ASN B 207 -15.93 -18.91 -39.84
C ASN B 207 -15.96 -19.04 -38.32
N ALA B 208 -16.83 -18.25 -37.68
CA ALA B 208 -17.00 -18.30 -36.24
C ALA B 208 -18.17 -19.22 -35.91
N GLN B 209 -18.37 -19.49 -34.63
CA GLN B 209 -19.54 -20.24 -34.19
C GLN B 209 -20.64 -19.27 -33.77
N ALA B 210 -21.86 -19.51 -34.25
CA ALA B 210 -22.99 -18.64 -33.95
C ALA B 210 -23.75 -19.14 -32.73
N SER B 211 -24.43 -18.23 -32.03
CA SER B 211 -25.29 -18.60 -30.92
C SER B 211 -26.76 -18.46 -31.33
N PRO B 212 -27.65 -19.20 -30.64
CA PRO B 212 -29.06 -19.28 -31.03
C PRO B 212 -29.84 -17.97 -30.79
N LYS B 213 -30.59 -17.55 -31.80
CA LYS B 213 -31.32 -16.29 -31.76
C LYS B 213 -32.40 -16.27 -30.70
N GLU B 214 -32.95 -17.43 -30.40
CA GLU B 214 -34.03 -17.55 -29.43
C GLU B 214 -33.55 -17.17 -28.03
N GLU B 215 -32.43 -17.77 -27.61
CA GLU B 215 -31.88 -17.54 -26.27
C GLU B 215 -31.32 -16.11 -26.16
N CYS B 216 -30.57 -15.71 -27.19
CA CYS B 216 -30.15 -14.32 -27.37
C CYS B 216 -31.30 -13.35 -27.09
N ALA B 217 -32.42 -13.54 -27.76
CA ALA B 217 -33.59 -12.72 -27.51
C ALA B 217 -33.89 -12.73 -26.01
N LEU B 218 -33.77 -13.91 -25.41
CA LEU B 218 -34.16 -14.05 -24.02
C LEU B 218 -33.31 -13.18 -23.10
N GLU B 219 -31.99 -13.27 -23.25
CA GLU B 219 -31.08 -12.51 -22.40
C GLU B 219 -31.25 -10.99 -22.54
N ILE B 220 -31.63 -10.56 -23.74
CA ILE B 220 -31.88 -9.15 -24.04
C ILE B 220 -33.04 -8.65 -23.19
N ILE B 221 -34.16 -9.37 -23.26
CA ILE B 221 -35.32 -9.08 -22.43
C ILE B 221 -34.99 -9.06 -20.94
N LYS B 222 -34.38 -10.14 -20.45
CA LYS B 222 -34.12 -10.28 -19.02
C LYS B 222 -33.17 -9.19 -18.55
N GLY B 223 -32.14 -8.93 -19.35
CA GLY B 223 -31.19 -7.88 -19.05
C GLY B 223 -31.82 -6.51 -18.95
N THR B 224 -32.73 -6.19 -19.85
CA THR B 224 -33.42 -4.89 -19.80
C THR B 224 -34.46 -4.82 -18.67
N ALA B 225 -35.19 -5.90 -18.44
CA ALA B 225 -36.14 -5.94 -17.32
C ALA B 225 -35.41 -5.69 -16.00
N LEU B 226 -34.18 -6.18 -15.94
CA LEU B 226 -33.39 -6.07 -14.72
C LEU B 226 -32.55 -4.79 -14.72
N ARG B 227 -32.92 -3.87 -15.61
CA ARG B 227 -32.33 -2.53 -15.63
C ARG B 227 -30.80 -2.55 -15.63
N LYS B 228 -30.22 -3.52 -16.33
CA LYS B 228 -28.75 -3.67 -16.40
C LYS B 228 -28.16 -2.68 -17.38
N SER B 229 -26.92 -2.27 -17.12
CA SER B 229 -26.25 -1.29 -17.97
C SER B 229 -25.81 -1.93 -19.28
N GLU B 230 -25.24 -3.13 -19.18
CA GLU B 230 -24.81 -3.85 -20.38
C GLU B 230 -25.12 -5.33 -20.32
N VAL B 231 -25.53 -5.89 -21.44
CA VAL B 231 -25.63 -7.33 -21.59
C VAL B 231 -24.59 -7.80 -22.61
N TYR B 232 -23.86 -8.84 -22.25
CA TYR B 232 -22.93 -9.48 -23.19
C TYR B 232 -23.42 -10.87 -23.53
N TYR B 233 -23.76 -11.08 -24.79
CA TYR B 233 -24.19 -12.39 -25.25
C TYR B 233 -23.31 -12.85 -26.40
N ASP B 234 -22.35 -13.72 -26.08
CA ASP B 234 -21.43 -14.25 -27.06
C ASP B 234 -21.04 -15.69 -26.71
N LYS B 235 -20.65 -16.46 -27.72
CA LYS B 235 -20.33 -17.87 -27.53
C LYS B 235 -19.18 -18.06 -26.53
N SER B 236 -18.06 -17.40 -26.78
CA SER B 236 -16.87 -17.62 -25.95
C SER B 236 -17.00 -17.12 -24.51
N PRO B 237 -16.42 -17.85 -23.56
CA PRO B 237 -16.41 -17.49 -22.14
C PRO B 237 -15.50 -16.30 -21.88
N LEU B 238 -14.42 -16.22 -22.64
CA LEU B 238 -13.45 -15.14 -22.50
C LEU B 238 -13.81 -13.95 -23.38
N THR B 239 -15.04 -13.48 -23.27
CA THR B 239 -15.50 -12.32 -24.04
C THR B 239 -15.87 -11.16 -23.14
N PRO B 240 -16.66 -11.41 -22.07
CA PRO B 240 -17.05 -10.33 -21.16
C PRO B 240 -15.88 -9.81 -20.34
N ILE B 241 -14.83 -10.62 -20.22
CA ILE B 241 -13.67 -10.24 -19.40
C ILE B 241 -12.64 -9.45 -20.20
N LEU B 242 -12.36 -9.89 -21.43
CA LEU B 242 -11.45 -9.16 -22.30
C LEU B 242 -12.12 -7.92 -22.86
N LEU B 243 -13.43 -7.81 -22.64
CA LEU B 243 -14.20 -6.63 -23.05
C LEU B 243 -14.61 -5.82 -21.83
N GLY B 244 -14.11 -6.22 -20.67
CA GLY B 244 -14.52 -5.60 -19.42
C GLY B 244 -14.21 -4.12 -19.37
N ASN B 245 -12.96 -3.77 -19.68
CA ASN B 245 -12.53 -2.38 -19.72
C ASN B 245 -12.72 -1.70 -18.37
N PRO B 246 -11.97 -2.16 -17.36
CA PRO B 246 -12.08 -1.68 -15.96
C PRO B 246 -11.58 -0.26 -15.82
N GLY B 247 -10.82 0.19 -16.81
CA GLY B 247 -10.33 1.55 -16.80
C GLY B 247 -11.43 2.54 -17.12
N ARG B 248 -12.29 2.18 -18.07
CA ARG B 248 -13.38 3.05 -18.48
C ARG B 248 -14.32 3.27 -17.32
N LYS B 249 -14.58 2.20 -16.57
CA LYS B 249 -15.42 2.29 -15.39
C LYS B 249 -14.79 3.21 -14.34
N ILE B 250 -13.48 3.07 -14.14
CA ILE B 250 -12.79 3.89 -13.14
C ILE B 250 -12.83 5.38 -13.51
N MET B 251 -12.55 5.70 -14.77
CA MET B 251 -12.52 7.08 -15.23
C MET B 251 -13.91 7.71 -15.14
N GLU B 252 -14.93 6.96 -15.50
CA GLU B 252 -16.28 7.49 -15.52
C GLU B 252 -16.75 7.81 -14.09
N PHE B 253 -16.32 7.00 -13.13
CA PHE B 253 -16.69 7.23 -11.73
C PHE B 253 -16.05 8.48 -11.13
N PHE B 254 -14.79 8.75 -11.47
CA PHE B 254 -14.11 9.92 -10.93
C PHE B 254 -14.44 11.21 -11.70
N SER B 255 -14.67 11.08 -13.01
CA SER B 255 -14.87 12.26 -13.86
C SER B 255 -15.97 13.17 -13.34
N LEU B 256 -16.83 12.63 -12.47
CA LEU B 256 -17.97 13.37 -11.98
C LEU B 256 -17.57 14.52 -11.06
N ARG B 257 -16.44 14.37 -10.37
CA ARG B 257 -15.97 15.41 -9.46
C ARG B 257 -15.58 16.66 -10.24
N TYR B 258 -15.43 16.51 -11.55
CA TYR B 258 -15.06 17.64 -12.41
C TYR B 258 -16.24 18.61 -12.55
N TYR B 259 -17.42 18.18 -12.13
CA TYR B 259 -18.65 18.90 -12.45
C TYR B 259 -19.22 19.70 -11.29
N ASN B 260 -19.84 20.83 -11.63
CA ASN B 260 -20.62 21.62 -10.69
C ASN B 260 -21.95 20.90 -10.40
N LYS B 261 -22.16 20.56 -9.14
CA LYS B 261 -23.30 19.73 -8.75
C LYS B 261 -24.64 20.42 -9.02
N ASP B 262 -24.64 21.75 -8.94
CA ASP B 262 -25.84 22.52 -9.22
C ASP B 262 -26.35 22.26 -10.64
N MET B 263 -25.43 21.95 -11.55
CA MET B 263 -25.79 21.67 -12.93
C MET B 263 -26.73 20.47 -12.95
N PHE B 264 -26.49 19.53 -12.02
CA PHE B 264 -27.26 18.30 -11.95
C PHE B 264 -28.48 18.46 -11.05
N GLU C 1 -5.41 -32.42 5.67
CA GLU C 1 -4.27 -33.20 5.11
C GLU C 1 -3.71 -34.16 6.15
N PHE C 2 -3.27 -33.61 7.28
CA PHE C 2 -2.80 -34.43 8.40
C PHE C 2 -3.96 -35.06 9.17
N ARG C 3 -3.86 -36.36 9.41
CA ARG C 3 -4.82 -37.06 10.26
C ARG C 3 -4.12 -37.97 11.27
N PRO C 4 -4.53 -37.86 12.54
CA PRO C 4 -3.95 -38.60 13.68
C PRO C 4 -3.73 -40.09 13.45
N GLU C 5 -4.61 -40.74 12.68
CA GLU C 5 -4.48 -42.18 12.47
C GLU C 5 -3.12 -42.49 11.83
N MET C 6 -2.50 -41.46 11.25
CA MET C 6 -1.25 -41.64 10.53
C MET C 6 -0.23 -42.28 11.48
N LEU C 7 -0.32 -41.94 12.76
CA LEU C 7 0.65 -42.37 13.75
C LEU C 7 0.19 -43.57 14.58
N GLN C 8 -0.96 -44.13 14.24
CA GLN C 8 -1.37 -45.43 14.77
C GLN C 8 -0.28 -46.44 14.50
N GLY C 9 0.25 -47.07 15.55
CA GLY C 9 1.21 -48.14 15.38
C GLY C 9 2.61 -47.71 15.00
N LYS C 10 2.77 -46.42 14.70
CA LYS C 10 4.06 -45.92 14.29
C LYS C 10 5.05 -45.89 15.45
N LYS C 11 6.33 -45.99 15.13
CA LYS C 11 7.38 -46.18 16.13
C LYS C 11 8.19 -44.91 16.23
N VAL C 12 8.27 -44.36 17.44
CA VAL C 12 8.67 -42.97 17.61
C VAL C 12 9.64 -42.75 18.75
N ILE C 13 10.76 -42.08 18.47
CA ILE C 13 11.66 -41.64 19.51
C ILE C 13 11.46 -40.16 19.87
N VAL C 14 11.57 -39.83 21.15
CA VAL C 14 11.49 -38.45 21.60
C VAL C 14 12.64 -38.23 22.58
N THR C 15 13.55 -37.31 22.28
CA THR C 15 14.53 -36.92 23.28
C THR C 15 14.04 -35.74 24.09
N GLY C 16 14.62 -35.55 25.27
CA GLY C 16 14.16 -34.51 26.17
C GLY C 16 12.71 -34.71 26.56
N ALA C 17 12.34 -35.96 26.81
CA ALA C 17 10.94 -36.31 26.95
C ALA C 17 10.41 -36.14 28.38
N SER C 18 11.25 -35.67 29.29
CA SER C 18 10.90 -35.69 30.70
C SER C 18 10.02 -34.49 31.09
N LYS C 19 10.07 -33.44 30.30
CA LYS C 19 9.21 -32.28 30.53
C LYS C 19 9.16 -31.38 29.29
N GLY C 20 8.45 -30.27 29.39
CA GLY C 20 8.41 -29.34 28.29
C GLY C 20 7.79 -29.94 27.03
N ILE C 21 8.13 -29.36 25.89
CA ILE C 21 7.47 -29.68 24.64
C ILE C 21 7.63 -31.17 24.40
N GLY C 22 8.81 -31.67 24.76
CA GLY C 22 9.10 -33.09 24.64
C GLY C 22 8.04 -33.94 25.32
N ARG C 23 7.82 -33.71 26.60
CA ARG C 23 6.72 -34.36 27.29
C ARG C 23 5.34 -34.22 26.60
N GLU C 24 5.00 -33.03 26.14
CA GLU C 24 3.74 -32.82 25.42
C GLU C 24 3.66 -33.69 24.16
N MET C 25 4.76 -33.77 23.40
CA MET C 25 4.77 -34.58 22.18
C MET C 25 4.59 -36.06 22.50
N ALA C 26 5.33 -36.56 23.50
CA ALA C 26 5.12 -37.91 23.97
C ALA C 26 3.63 -38.14 24.24
N TYR C 27 3.00 -37.23 24.98
CA TYR C 27 1.58 -37.35 25.34
C TYR C 27 0.65 -37.37 24.13
N HIS C 28 0.87 -36.45 23.19
CA HIS C 28 0.15 -36.42 21.92
C HIS C 28 0.32 -37.73 21.14
N LEU C 29 1.55 -38.24 21.07
CA LEU C 29 1.81 -39.47 20.33
C LEU C 29 1.13 -40.66 20.97
N SER C 30 1.17 -40.70 22.29
CA SER C 30 0.52 -41.74 23.06
C SER C 30 -0.97 -41.74 22.74
N LYS C 31 -1.60 -40.56 22.80
CA LYS C 31 -3.04 -40.49 22.60
C LYS C 31 -3.42 -40.92 21.20
N MET C 32 -2.45 -40.89 20.29
CA MET C 32 -2.68 -41.32 18.92
C MET C 32 -2.43 -42.81 18.69
N GLY C 33 -1.86 -43.49 19.68
CA GLY C 33 -1.67 -44.92 19.56
C GLY C 33 -0.33 -45.36 18.98
N ALA C 34 0.67 -44.49 19.02
CA ALA C 34 2.01 -44.84 18.57
C ALA C 34 2.81 -45.60 19.65
N HIS C 35 3.87 -46.28 19.22
CA HIS C 35 4.90 -46.78 20.14
C HIS C 35 5.89 -45.64 20.42
N VAL C 36 6.21 -45.44 21.68
CA VAL C 36 7.22 -44.45 22.05
C VAL C 36 8.36 -45.04 22.88
N VAL C 37 9.58 -44.67 22.51
CA VAL C 37 10.70 -44.69 23.44
C VAL C 37 11.11 -43.25 23.76
N LEU C 38 11.25 -42.98 25.04
CA LEU C 38 11.52 -41.64 25.49
C LEU C 38 12.87 -41.57 26.18
N THR C 39 13.50 -40.41 26.15
CA THR C 39 14.79 -40.27 26.80
C THR C 39 15.02 -38.90 27.43
N ALA C 40 15.90 -38.90 28.41
CA ALA C 40 16.35 -37.69 29.12
C ALA C 40 17.33 -38.18 30.17
N ARG C 41 17.77 -37.30 31.07
CA ARG C 41 18.62 -37.72 32.18
C ARG C 41 17.82 -38.18 33.39
N SER C 42 16.66 -37.58 33.61
CA SER C 42 15.87 -37.91 34.79
C SER C 42 15.05 -39.20 34.64
N GLU C 43 15.50 -40.25 35.32
CA GLU C 43 14.84 -41.55 35.33
C GLU C 43 13.46 -41.45 35.99
N GLU C 44 13.38 -40.78 37.14
CA GLU C 44 12.09 -40.57 37.79
C GLU C 44 11.13 -39.78 36.88
N GLY C 45 11.66 -38.74 36.22
CA GLY C 45 10.86 -37.95 35.32
C GLY C 45 10.34 -38.76 34.14
N LEU C 46 11.23 -39.56 33.55
CA LEU C 46 10.84 -40.44 32.46
C LEU C 46 9.87 -41.54 32.90
N GLN C 47 10.04 -42.07 34.10
CA GLN C 47 9.09 -43.03 34.65
C GLN C 47 7.69 -42.41 34.73
N LYS C 48 7.62 -41.20 35.28
CA LYS C 48 6.34 -40.50 35.40
C LYS C 48 5.66 -40.33 34.05
N VAL C 49 6.43 -39.97 33.02
CA VAL C 49 5.87 -39.71 31.69
C VAL C 49 5.37 -40.97 31.00
N VAL C 50 6.17 -42.02 31.06
CA VAL C 50 5.76 -43.32 30.53
C VAL C 50 4.40 -43.80 31.05
N SER C 51 4.23 -43.79 32.37
CA SER C 51 2.96 -44.21 32.97
C SER C 51 1.82 -43.45 32.35
N ARG C 52 2.02 -42.14 32.30
CA ARG C 52 0.99 -41.25 31.77
C ARG C 52 0.77 -41.53 30.29
N CYS C 53 1.82 -41.96 29.59
CA CYS C 53 1.72 -42.30 28.18
C CYS C 53 0.91 -43.58 27.95
N LEU C 54 1.11 -44.56 28.82
CA LEU C 54 0.30 -45.77 28.80
C LEU C 54 -1.14 -45.45 29.15
N GLU C 55 -1.34 -44.72 30.25
CA GLU C 55 -2.68 -44.32 30.66
C GLU C 55 -3.37 -43.56 29.53
N LEU C 56 -2.61 -42.81 28.75
CA LEU C 56 -3.17 -42.02 27.66
C LEU C 56 -3.45 -42.81 26.39
N GLY C 57 -2.93 -44.03 26.29
CA GLY C 57 -3.26 -44.86 25.14
C GLY C 57 -2.14 -45.20 24.17
N ALA C 58 -0.89 -45.08 24.61
CA ALA C 58 0.24 -45.45 23.78
C ALA C 58 0.23 -46.95 23.49
N ALA C 59 0.49 -47.31 22.23
CA ALA C 59 0.65 -48.72 21.88
C ALA C 59 1.67 -49.38 22.81
N SER C 60 2.78 -48.69 23.05
CA SER C 60 3.74 -49.12 24.07
C SER C 60 4.60 -47.91 24.46
N ALA C 61 5.20 -47.97 25.64
CA ALA C 61 5.97 -46.86 26.13
C ALA C 61 7.14 -47.34 26.98
N HIS C 62 8.35 -47.00 26.55
CA HIS C 62 9.56 -47.28 27.32
C HIS C 62 10.44 -46.05 27.42
N TYR C 63 11.30 -46.03 28.43
CA TYR C 63 12.32 -45.00 28.54
C TYR C 63 13.72 -45.59 28.71
N ILE C 64 14.72 -44.81 28.31
CA ILE C 64 16.11 -45.13 28.59
C ILE C 64 16.75 -43.84 29.10
N ALA C 65 17.35 -43.87 30.28
CA ALA C 65 17.96 -42.66 30.87
C ALA C 65 19.46 -42.52 30.65
N GLY C 66 19.90 -41.29 30.37
CA GLY C 66 21.31 -41.01 30.13
C GLY C 66 21.53 -39.58 29.66
N THR C 67 22.78 -39.14 29.60
CA THR C 67 23.09 -37.78 29.15
C THR C 67 23.59 -37.70 27.70
N MET C 68 23.03 -36.73 26.97
CA MET C 68 23.39 -36.53 25.57
C MET C 68 24.68 -35.73 25.46
N GLU C 69 25.35 -35.54 26.59
CA GLU C 69 26.71 -35.06 26.57
C GLU C 69 27.59 -36.19 26.06
N ASP C 70 27.26 -37.41 26.44
CA ASP C 70 28.01 -38.59 26.06
C ASP C 70 27.56 -39.10 24.67
N MET C 71 28.43 -38.99 23.68
CA MET C 71 28.15 -39.48 22.33
C MET C 71 27.97 -40.99 22.30
N THR C 72 28.60 -41.70 23.24
CA THR C 72 28.43 -43.15 23.28
C THR C 72 27.04 -43.53 23.78
N PHE C 73 26.49 -42.78 24.72
CA PHE C 73 25.10 -42.98 25.11
C PHE C 73 24.12 -42.66 23.97
N ALA C 74 24.35 -41.52 23.31
CA ALA C 74 23.53 -41.08 22.19
C ALA C 74 23.46 -42.16 21.12
N GLU C 75 24.62 -42.75 20.82
CA GLU C 75 24.68 -43.87 19.90
C GLU C 75 23.93 -45.08 20.42
N GLN C 76 24.35 -45.58 21.59
CA GLN C 76 23.78 -46.80 22.15
C GLN C 76 22.28 -46.68 22.22
N PHE C 77 21.82 -45.47 22.53
CA PHE C 77 20.41 -45.24 22.79
C PHE C 77 19.58 -45.49 21.55
N ILE C 78 20.01 -44.95 20.41
CA ILE C 78 19.26 -45.14 19.17
C ILE C 78 19.12 -46.63 18.88
N VAL C 79 20.13 -47.41 19.25
CA VAL C 79 20.13 -48.84 18.96
C VAL C 79 19.19 -49.64 19.87
N LYS C 80 19.18 -49.34 21.15
CA LYS C 80 18.32 -50.07 22.10
C LYS C 80 16.85 -49.75 21.86
N ALA C 81 16.55 -48.47 21.69
CA ALA C 81 15.18 -48.05 21.43
C ALA C 81 14.65 -48.79 20.19
N GLY C 82 15.50 -48.92 19.17
CA GLY C 82 15.09 -49.60 17.96
C GLY C 82 14.86 -51.07 18.24
N LYS C 83 15.71 -51.65 19.08
CA LYS C 83 15.56 -53.07 19.41
C LYS C 83 14.28 -53.27 20.21
N LEU C 84 13.89 -52.24 20.95
CA LEU C 84 12.65 -52.30 21.72
C LEU C 84 11.42 -52.19 20.85
N MET C 85 11.45 -51.35 19.82
CA MET C 85 10.27 -51.18 18.98
C MET C 85 10.32 -52.01 17.71
N GLY C 86 11.42 -52.74 17.53
CA GLY C 86 11.62 -53.45 16.28
C GLY C 86 11.44 -52.55 15.07
N GLY C 87 12.24 -51.49 15.00
CA GLY C 87 12.09 -50.52 13.93
C GLY C 87 11.94 -49.09 14.40
N LEU C 88 11.96 -48.16 13.46
CA LEU C 88 11.84 -46.75 13.77
C LEU C 88 11.27 -45.97 12.60
N ASP C 89 10.18 -45.25 12.87
CA ASP C 89 9.50 -44.43 11.87
C ASP C 89 9.79 -42.94 12.00
N MET C 90 9.77 -42.44 13.23
CA MET C 90 9.98 -41.01 13.47
C MET C 90 10.89 -40.73 14.68
N LEU C 91 11.95 -39.97 14.40
CA LEU C 91 12.91 -39.52 15.39
C LEU C 91 12.71 -38.01 15.63
N ILE C 92 12.42 -37.66 16.86
CA ILE C 92 12.29 -36.25 17.22
C ILE C 92 13.48 -35.85 18.08
N LEU C 93 14.31 -34.96 17.55
CA LEU C 93 15.50 -34.50 18.24
C LEU C 93 15.23 -33.13 18.87
N ASN C 94 15.14 -33.10 20.20
CA ASN C 94 14.40 -32.07 20.94
C ASN C 94 15.19 -31.41 22.09
N HIS C 95 16.12 -32.17 22.66
CA HIS C 95 16.74 -31.78 23.93
C HIS C 95 17.79 -30.67 23.76
N ILE C 96 18.03 -29.93 24.84
CA ILE C 96 19.06 -28.88 24.91
C ILE C 96 19.60 -28.82 26.33
N THR C 97 20.81 -28.26 26.52
CA THR C 97 21.36 -28.03 27.88
C THR C 97 20.57 -26.97 28.61
N GLN C 98 20.81 -26.86 29.91
CA GLN C 98 20.37 -25.70 30.68
C GLN C 98 20.78 -24.44 29.88
N THR C 99 19.85 -23.50 29.72
CA THR C 99 20.12 -22.27 28.99
C THR C 99 19.74 -21.04 29.79
N SER C 100 20.73 -20.16 30.00
CA SER C 100 20.49 -18.90 30.71
C SER C 100 20.58 -17.71 29.75
N LEU C 101 19.81 -16.66 30.05
CA LEU C 101 19.95 -15.38 29.36
C LEU C 101 21.10 -14.59 29.98
N SER C 102 22.23 -14.54 29.28
CA SER C 102 23.35 -13.75 29.74
C SER C 102 24.10 -13.14 28.56
N LEU C 103 24.70 -11.97 28.77
CA LEU C 103 25.72 -11.48 27.87
C LEU C 103 26.91 -12.44 27.94
N PHE C 104 27.36 -12.90 26.79
CA PHE C 104 28.31 -14.00 26.73
C PHE C 104 29.55 -13.76 27.58
N HIS C 105 29.85 -14.72 28.43
CA HIS C 105 31.06 -14.66 29.24
C HIS C 105 31.44 -16.06 29.70
N ASP C 106 31.08 -17.07 28.92
CA ASP C 106 31.33 -18.45 29.31
C ASP C 106 32.71 -18.95 28.83
N ASP C 107 33.26 -19.93 29.54
CA ASP C 107 34.52 -20.53 29.12
C ASP C 107 34.33 -21.57 28.00
N ILE C 108 35.45 -22.14 27.57
CA ILE C 108 35.45 -22.97 26.36
C ILE C 108 34.81 -24.33 26.65
N HIS C 109 35.04 -24.87 27.82
CA HIS C 109 34.41 -26.13 28.18
C HIS C 109 32.89 -25.97 28.22
N SER C 110 32.44 -24.77 28.57
CA SER C 110 31.02 -24.44 28.66
C SER C 110 30.39 -24.39 27.27
N VAL C 111 31.12 -23.82 26.31
CA VAL C 111 30.61 -23.73 24.96
C VAL C 111 30.76 -25.07 24.28
N ARG C 112 31.77 -25.85 24.67
CA ARG C 112 31.88 -27.17 24.08
C ARG C 112 30.70 -28.07 24.48
N ARG C 113 30.28 -28.00 25.74
CA ARG C 113 29.14 -28.79 26.20
C ARG C 113 27.85 -28.46 25.43
N VAL C 114 27.60 -27.17 25.21
CA VAL C 114 26.40 -26.75 24.48
C VAL C 114 26.42 -27.29 23.07
N MET C 115 27.54 -27.13 22.38
CA MET C 115 27.66 -27.62 21.01
C MET C 115 27.50 -29.15 20.92
N GLU C 116 28.04 -29.87 21.89
CA GLU C 116 27.97 -31.33 21.83
C GLU C 116 26.59 -31.88 22.18
N VAL C 117 25.94 -31.24 23.14
CA VAL C 117 24.61 -31.66 23.54
C VAL C 117 23.54 -31.14 22.56
N ASN C 118 23.57 -29.84 22.29
CA ASN C 118 22.56 -29.24 21.40
C ASN C 118 22.70 -29.65 19.92
N PHE C 119 23.90 -30.06 19.51
CA PHE C 119 24.16 -30.27 18.10
C PHE C 119 24.80 -31.61 17.78
N LEU C 120 25.97 -31.88 18.35
CA LEU C 120 26.73 -33.05 17.96
C LEU C 120 25.94 -34.33 18.13
N SER C 121 25.20 -34.45 19.24
CA SER C 121 24.47 -35.69 19.53
C SER C 121 23.25 -35.85 18.63
N TYR C 122 22.71 -34.73 18.17
CA TYR C 122 21.71 -34.74 17.11
C TYR C 122 22.28 -35.45 15.89
N VAL C 123 23.51 -35.07 15.53
CA VAL C 123 24.21 -35.69 14.40
C VAL C 123 24.42 -37.19 14.62
N VAL C 124 25.03 -37.54 15.76
CA VAL C 124 25.23 -38.93 16.15
C VAL C 124 23.95 -39.76 16.05
N MET C 125 22.83 -39.22 16.53
CA MET C 125 21.60 -40.00 16.60
C MET C 125 20.89 -40.14 15.23
N SER C 126 20.81 -39.04 14.50
CA SER C 126 20.27 -39.11 13.15
C SER C 126 21.12 -40.05 12.31
N THR C 127 22.41 -40.12 12.57
CA THR C 127 23.29 -40.98 11.78
C THR C 127 23.08 -42.44 12.17
N ALA C 128 22.99 -42.68 13.47
CA ALA C 128 22.75 -44.02 13.99
C ALA C 128 21.38 -44.56 13.53
N ALA C 129 20.40 -43.67 13.40
CA ALA C 129 19.03 -44.08 13.09
C ALA C 129 18.73 -44.23 11.60
N LEU C 130 19.59 -43.67 10.76
CA LEU C 130 19.34 -43.58 9.32
C LEU C 130 18.98 -44.94 8.71
N PRO C 131 19.68 -46.01 9.10
CA PRO C 131 19.39 -47.31 8.51
C PRO C 131 17.95 -47.79 8.79
N MET C 132 17.52 -47.67 10.03
CA MET C 132 16.11 -47.92 10.36
C MET C 132 15.18 -46.96 9.62
N LEU C 133 15.51 -45.67 9.65
CA LEU C 133 14.67 -44.69 8.96
C LEU C 133 14.58 -44.99 7.47
N LYS C 134 15.69 -45.45 6.90
CA LYS C 134 15.74 -45.80 5.48
C LYS C 134 14.82 -46.99 5.24
N GLN C 135 14.83 -47.92 6.19
CA GLN C 135 14.00 -49.10 6.18
C GLN C 135 12.50 -48.78 6.04
N SER C 136 12.04 -47.71 6.68
CA SER C 136 10.60 -47.43 6.74
C SER C 136 10.18 -46.16 5.99
N ASN C 137 11.11 -45.56 5.26
CA ASN C 137 10.89 -44.24 4.65
C ASN C 137 10.48 -43.26 5.75
N GLY C 138 11.39 -43.02 6.69
CA GLY C 138 11.06 -42.26 7.88
C GLY C 138 11.24 -40.75 7.83
N SER C 139 11.05 -40.15 9.01
CA SER C 139 11.02 -38.71 9.20
C SER C 139 11.91 -38.34 10.37
N ILE C 140 12.64 -37.25 10.22
CA ILE C 140 13.35 -36.69 11.36
C ILE C 140 12.83 -35.28 11.60
N ALA C 141 12.48 -34.99 12.83
CA ALA C 141 12.10 -33.63 13.21
C ALA C 141 13.20 -33.04 14.07
N VAL C 142 13.73 -31.90 13.62
CA VAL C 142 14.82 -31.24 14.30
C VAL C 142 14.27 -29.97 14.91
N ILE C 143 14.35 -29.87 16.24
CA ILE C 143 13.82 -28.68 16.89
C ILE C 143 14.85 -27.57 16.97
N SER C 144 14.53 -26.45 16.33
CA SER C 144 15.36 -25.26 16.37
C SER C 144 14.49 -24.14 16.94
N SER C 145 14.76 -22.91 16.51
CA SER C 145 14.28 -21.72 17.20
C SER C 145 14.37 -20.53 16.24
N LEU C 146 13.63 -19.47 16.53
CA LEU C 146 13.84 -18.20 15.84
C LEU C 146 15.32 -17.85 15.93
N ALA C 147 15.89 -18.12 17.11
CA ALA C 147 17.29 -17.82 17.40
C ALA C 147 18.24 -18.75 16.64
N GLY C 148 17.69 -19.57 15.76
CA GLY C 148 18.50 -20.40 14.88
C GLY C 148 18.30 -19.98 13.45
N LYS C 149 17.60 -18.86 13.26
CA LYS C 149 17.33 -18.28 11.95
C LYS C 149 17.68 -16.79 11.98
N VAL C 150 17.56 -16.17 13.15
CA VAL C 150 18.02 -14.80 13.35
C VAL C 150 18.68 -14.71 14.73
N THR C 151 19.36 -13.61 15.01
CA THR C 151 20.01 -13.50 16.30
C THR C 151 19.27 -12.64 17.31
N TYR C 152 19.38 -13.05 18.57
CA TYR C 152 18.84 -12.31 19.70
C TYR C 152 19.96 -12.19 20.72
N PRO C 153 20.07 -11.05 21.40
CA PRO C 153 21.10 -10.89 22.42
C PRO C 153 20.97 -11.93 23.53
N MET C 154 22.11 -12.38 24.06
CA MET C 154 22.17 -13.12 25.34
C MET C 154 21.98 -14.63 25.25
N VAL C 155 22.05 -15.19 24.05
CA VAL C 155 21.96 -16.63 23.88
C VAL C 155 23.01 -17.18 22.92
N ALA C 156 24.24 -16.64 22.99
CA ALA C 156 25.27 -16.91 21.99
C ALA C 156 25.49 -18.40 21.72
N PRO C 157 25.99 -19.15 22.71
CA PRO C 157 26.27 -20.56 22.45
C PRO C 157 25.04 -21.29 21.88
N TYR C 158 23.88 -20.94 22.43
CA TYR C 158 22.58 -21.50 22.03
C TYR C 158 22.22 -21.26 20.55
N SER C 159 22.30 -20.02 20.09
CA SER C 159 22.04 -19.69 18.68
C SER C 159 22.98 -20.47 17.77
N ALA C 160 24.26 -20.43 18.09
CA ALA C 160 25.27 -21.12 17.30
C ALA C 160 24.91 -22.57 17.09
N SER C 161 24.50 -23.26 18.15
CA SER C 161 24.19 -24.68 18.01
C SER C 161 22.95 -24.86 17.12
N LYS C 162 21.97 -23.97 17.30
CA LYS C 162 20.75 -23.97 16.49
C LYS C 162 21.02 -23.59 15.05
N PHE C 163 21.87 -22.59 14.84
CA PHE C 163 22.35 -22.29 13.49
C PHE C 163 23.02 -23.52 12.91
N ALA C 164 23.90 -24.15 13.68
CA ALA C 164 24.62 -25.32 13.19
C ALA C 164 23.63 -26.39 12.72
N LEU C 165 22.53 -26.56 13.45
CA LEU C 165 21.58 -27.60 13.10
C LEU C 165 21.02 -27.36 11.69
N ASP C 166 20.72 -26.10 11.37
CA ASP C 166 20.16 -25.73 10.07
C ASP C 166 21.20 -26.02 8.99
N GLY C 167 22.42 -25.56 9.24
CA GLY C 167 23.51 -25.79 8.31
C GLY C 167 23.70 -27.27 7.99
N PHE C 168 23.86 -28.07 9.03
CA PHE C 168 24.07 -29.50 8.83
C PHE C 168 22.85 -30.16 8.19
N PHE C 169 21.67 -29.99 8.81
CA PHE C 169 20.51 -30.77 8.45
C PHE C 169 19.77 -30.36 7.16
N SER C 170 20.00 -29.13 6.72
CA SER C 170 19.51 -28.69 5.43
C SER C 170 20.40 -29.32 4.34
N THR C 171 21.67 -29.52 4.66
CA THR C 171 22.55 -30.16 3.70
C THR C 171 22.19 -31.63 3.59
N ILE C 172 22.07 -32.32 4.73
CA ILE C 172 21.70 -33.72 4.70
C ILE C 172 20.41 -33.92 3.92
N ARG C 173 19.48 -32.98 4.07
CA ARG C 173 18.18 -33.08 3.40
C ARG C 173 18.34 -33.06 1.89
N THR C 174 19.21 -32.17 1.40
CA THR C 174 19.44 -32.09 -0.03
C THR C 174 20.21 -33.31 -0.56
N GLU C 175 21.11 -33.84 0.24
CA GLU C 175 21.81 -35.05 -0.17
C GLU C 175 20.83 -36.23 -0.25
N LEU C 176 19.96 -36.35 0.75
CA LEU C 176 18.99 -37.43 0.76
C LEU C 176 18.10 -37.33 -0.49
N TYR C 177 17.80 -36.10 -0.90
CA TYR C 177 16.98 -35.88 -2.08
C TYR C 177 17.70 -36.32 -3.36
N ILE C 178 18.87 -35.74 -3.61
CA ILE C 178 19.60 -36.05 -4.82
C ILE C 178 19.93 -37.53 -4.98
N THR C 179 20.15 -38.24 -3.87
CA THR C 179 20.42 -39.68 -3.93
C THR C 179 19.14 -40.50 -3.93
N LYS C 180 18.00 -39.80 -3.97
CA LYS C 180 16.69 -40.42 -4.00
C LYS C 180 16.35 -41.27 -2.77
N VAL C 181 16.94 -40.95 -1.61
CA VAL C 181 16.60 -41.66 -0.39
C VAL C 181 15.35 -41.05 0.24
N ASN C 182 14.34 -41.87 0.50
CA ASN C 182 13.07 -41.34 0.96
C ASN C 182 12.97 -41.23 2.49
N VAL C 183 13.83 -40.40 3.05
CA VAL C 183 13.70 -39.98 4.44
C VAL C 183 13.48 -38.48 4.46
N SER C 184 12.44 -38.04 5.17
CA SER C 184 12.14 -36.62 5.27
C SER C 184 12.75 -35.99 6.53
N ILE C 185 13.12 -34.72 6.43
CA ILE C 185 13.75 -34.02 7.55
C ILE C 185 13.10 -32.67 7.78
N THR C 186 12.55 -32.46 8.96
CA THR C 186 11.82 -31.24 9.25
C THR C 186 12.55 -30.39 10.27
N LEU C 187 12.86 -29.16 9.90
CA LEU C 187 13.35 -28.18 10.86
C LEU C 187 12.14 -27.44 11.42
N CYS C 188 12.03 -27.43 12.75
CA CYS C 188 10.94 -26.75 13.43
C CYS C 188 11.46 -25.48 14.13
N VAL C 189 11.06 -24.34 13.59
CA VAL C 189 11.54 -23.04 14.04
C VAL C 189 10.46 -22.44 14.95
N LEU C 190 10.77 -22.36 16.23
CA LEU C 190 9.81 -22.02 17.28
C LEU C 190 10.11 -20.66 17.89
N GLY C 191 9.03 -19.95 18.26
CA GLY C 191 9.15 -18.77 19.08
C GLY C 191 8.95 -19.15 20.54
N LEU C 192 8.80 -18.15 21.42
CA LEU C 192 8.62 -18.41 22.83
C LEU C 192 7.45 -19.35 23.09
N ILE C 193 7.70 -20.43 23.81
CA ILE C 193 6.66 -21.37 24.20
C ILE C 193 6.56 -21.34 25.72
N ASP C 194 5.37 -21.56 26.26
CA ASP C 194 5.18 -21.39 27.70
C ASP C 194 5.57 -22.61 28.54
N THR C 195 6.79 -23.12 28.32
CA THR C 195 7.32 -24.16 29.20
C THR C 195 7.86 -23.48 30.44
N GLU C 196 7.82 -24.19 31.57
CA GLU C 196 8.19 -23.60 32.86
C GLU C 196 9.67 -23.19 32.91
N THR C 197 10.53 -24.03 32.35
CA THR C 197 11.94 -23.71 32.28
C THR C 197 12.18 -22.42 31.48
N ALA C 198 11.47 -22.27 30.37
CA ALA C 198 11.66 -21.06 29.55
C ALA C 198 11.00 -19.84 30.18
N MET C 199 9.87 -20.05 30.86
CA MET C 199 9.13 -18.94 31.44
C MET C 199 9.87 -18.46 32.67
N LYS C 200 10.63 -19.37 33.25
CA LYS C 200 11.46 -19.06 34.40
C LYS C 200 12.74 -18.36 33.92
N ALA C 201 13.22 -18.75 32.74
CA ALA C 201 14.46 -18.21 32.22
C ALA C 201 14.32 -16.75 31.78
N VAL C 202 13.20 -16.43 31.15
CA VAL C 202 13.06 -15.09 30.58
C VAL C 202 12.61 -14.06 31.61
N SER C 203 12.22 -14.54 32.78
CA SER C 203 11.54 -13.69 33.76
C SER C 203 12.31 -12.41 34.09
N GLY C 204 11.62 -11.28 33.97
CA GLY C 204 12.24 -10.01 34.29
C GLY C 204 13.23 -9.54 33.25
N ILE C 205 13.58 -10.41 32.31
CA ILE C 205 14.55 -10.07 31.27
C ILE C 205 13.88 -9.82 29.91
N VAL C 206 13.07 -10.77 29.45
CA VAL C 206 12.41 -10.66 28.15
C VAL C 206 10.88 -10.75 28.28
N ASN C 207 10.18 -9.75 27.77
CA ASN C 207 8.73 -9.75 27.86
C ASN C 207 8.08 -9.94 26.50
N ALA C 208 7.76 -11.18 26.19
CA ALA C 208 7.12 -11.53 24.93
C ALA C 208 5.99 -12.51 25.23
N GLN C 209 4.96 -12.49 24.39
CA GLN C 209 3.87 -13.44 24.51
C GLN C 209 4.36 -14.84 24.19
N ALA C 210 4.16 -15.76 25.13
CA ALA C 210 4.45 -17.17 24.88
C ALA C 210 3.28 -17.88 24.21
N SER C 211 3.59 -18.87 23.37
CA SER C 211 2.58 -19.75 22.79
C SER C 211 2.51 -21.07 23.56
N PRO C 212 1.36 -21.76 23.50
CA PRO C 212 1.10 -22.96 24.31
C PRO C 212 1.82 -24.22 23.84
N LYS C 213 2.44 -24.94 24.79
CA LYS C 213 3.26 -26.10 24.47
C LYS C 213 2.46 -27.28 23.89
N GLU C 214 1.18 -27.36 24.22
CA GLU C 214 0.30 -28.40 23.68
C GLU C 214 0.14 -28.26 22.16
N GLU C 215 -0.13 -27.04 21.70
CA GLU C 215 -0.33 -26.82 20.27
C GLU C 215 1.01 -26.92 19.53
N CYS C 216 2.04 -26.33 20.10
CA CYS C 216 3.39 -26.37 19.51
C CYS C 216 3.81 -27.82 19.23
N ALA C 217 3.61 -28.69 20.22
CA ALA C 217 3.92 -30.10 20.10
C ALA C 217 3.21 -30.70 18.89
N LEU C 218 1.92 -30.40 18.77
CA LEU C 218 1.07 -30.99 17.74
C LEU C 218 1.57 -30.54 16.37
N GLU C 219 1.77 -29.24 16.21
CA GLU C 219 2.27 -28.67 14.98
C GLU C 219 3.59 -29.32 14.55
N ILE C 220 4.47 -29.61 15.52
CA ILE C 220 5.73 -30.27 15.23
C ILE C 220 5.46 -31.68 14.70
N ILE C 221 4.48 -32.36 15.30
CA ILE C 221 4.17 -33.70 14.86
C ILE C 221 3.56 -33.72 13.47
N LYS C 222 2.65 -32.79 13.21
CA LYS C 222 1.94 -32.71 11.94
C LYS C 222 2.87 -32.34 10.79
N GLY C 223 3.82 -31.44 11.04
CA GLY C 223 4.70 -30.99 9.98
C GLY C 223 5.73 -32.04 9.62
N THR C 224 6.14 -32.81 10.60
CA THR C 224 7.11 -33.88 10.42
C THR C 224 6.50 -35.03 9.63
N ALA C 225 5.33 -35.47 10.07
CA ALA C 225 4.57 -36.52 9.39
C ALA C 225 4.29 -36.14 7.94
N LEU C 226 3.88 -34.90 7.71
CA LEU C 226 3.57 -34.40 6.39
C LEU C 226 4.83 -34.13 5.59
N ARG C 227 5.97 -34.38 6.21
CA ARG C 227 7.24 -34.38 5.50
C ARG C 227 7.63 -33.00 5.00
N LYS C 228 7.24 -31.98 5.75
CA LYS C 228 7.54 -30.61 5.40
C LYS C 228 8.99 -30.29 5.73
N SER C 229 9.62 -29.46 4.89
CA SER C 229 11.01 -29.09 5.09
C SER C 229 11.20 -28.24 6.33
N GLU C 230 10.25 -27.36 6.59
CA GLU C 230 10.32 -26.52 7.78
C GLU C 230 8.95 -26.24 8.35
N VAL C 231 8.89 -26.20 9.68
CA VAL C 231 7.71 -25.78 10.42
C VAL C 231 8.03 -24.49 11.17
N TYR C 232 7.22 -23.45 10.95
CA TYR C 232 7.36 -22.20 11.71
C TYR C 232 6.17 -22.05 12.66
N TYR C 233 6.46 -21.92 13.94
CA TYR C 233 5.38 -21.82 14.92
C TYR C 233 5.65 -20.69 15.91
N ASP C 234 4.96 -19.58 15.71
CA ASP C 234 5.19 -18.36 16.49
C ASP C 234 3.90 -17.57 16.64
N LYS C 235 3.84 -16.76 17.70
CA LYS C 235 2.66 -15.97 18.01
C LYS C 235 2.34 -15.03 16.86
N SER C 236 3.37 -14.45 16.26
CA SER C 236 3.16 -13.52 15.15
C SER C 236 2.89 -14.24 13.83
N PRO C 237 1.87 -13.78 13.11
CA PRO C 237 1.64 -14.21 11.72
C PRO C 237 2.71 -13.66 10.78
N LEU C 238 3.37 -12.58 11.21
CA LEU C 238 4.42 -11.95 10.40
C LEU C 238 5.77 -12.67 10.47
N THR C 239 5.83 -13.79 11.18
CA THR C 239 7.10 -14.48 11.39
C THR C 239 7.55 -15.35 10.22
N PRO C 240 6.71 -16.33 9.81
CA PRO C 240 7.12 -17.24 8.74
C PRO C 240 7.34 -16.53 7.41
N ILE C 241 6.65 -15.41 7.22
CA ILE C 241 6.85 -14.64 6.01
C ILE C 241 8.12 -13.82 6.10
N LEU C 242 8.42 -13.34 7.29
CA LEU C 242 9.65 -12.60 7.54
C LEU C 242 10.86 -13.52 7.57
N LEU C 243 10.60 -14.83 7.61
CA LEU C 243 11.68 -15.82 7.71
C LEU C 243 11.73 -16.76 6.52
N GLY C 244 10.87 -16.50 5.53
CA GLY C 244 10.76 -17.40 4.39
C GLY C 244 12.04 -17.52 3.59
N ASN C 245 12.73 -16.40 3.40
CA ASN C 245 14.02 -16.34 2.73
C ASN C 245 14.00 -17.00 1.35
N PRO C 246 13.35 -16.33 0.38
CA PRO C 246 13.25 -16.86 -0.99
C PRO C 246 14.61 -16.93 -1.70
N GLY C 247 15.42 -15.89 -1.49
CA GLY C 247 16.73 -15.86 -2.13
C GLY C 247 17.53 -17.12 -1.84
N ARG C 248 17.49 -17.55 -0.59
CA ARG C 248 18.17 -18.77 -0.17
C ARG C 248 17.70 -19.98 -0.97
N LYS C 249 16.39 -20.16 -1.02
CA LYS C 249 15.80 -21.25 -1.81
C LYS C 249 16.20 -21.17 -3.28
N ILE C 250 16.23 -19.96 -3.82
CA ILE C 250 16.62 -19.77 -5.21
C ILE C 250 18.04 -20.29 -5.40
N MET C 251 18.95 -19.72 -4.64
CA MET C 251 20.36 -20.12 -4.68
C MET C 251 20.53 -21.63 -4.59
N GLU C 252 19.85 -22.26 -3.63
CA GLU C 252 20.06 -23.68 -3.36
C GLU C 252 19.58 -24.57 -4.50
N PHE C 253 18.49 -24.18 -5.15
CA PHE C 253 18.02 -24.98 -6.28
C PHE C 253 18.98 -24.92 -7.45
N PHE C 254 19.28 -23.71 -7.93
CA PHE C 254 20.09 -23.54 -9.12
C PHE C 254 21.51 -24.07 -8.93
N SER C 255 21.95 -24.15 -7.69
CA SER C 255 23.33 -24.51 -7.41
C SER C 255 23.64 -25.95 -7.77
N LEU C 256 22.63 -26.80 -7.83
CA LEU C 256 22.87 -28.19 -8.18
C LEU C 256 23.57 -28.29 -9.53
N ARG C 257 23.32 -27.30 -10.38
CA ARG C 257 23.90 -27.25 -11.71
C ARG C 257 25.42 -27.35 -11.66
N TYR C 258 26.02 -26.67 -10.68
CA TYR C 258 27.47 -26.64 -10.54
C TYR C 258 28.03 -28.06 -10.45
N TYR C 259 27.20 -28.99 -10.00
CA TYR C 259 27.68 -30.31 -9.62
C TYR C 259 27.71 -31.34 -10.74
N ASN C 260 28.66 -32.26 -10.62
CA ASN C 260 28.76 -33.42 -11.50
C ASN C 260 27.80 -34.51 -11.02
N LYS C 261 26.71 -34.71 -11.77
CA LYS C 261 25.68 -35.64 -11.35
C LYS C 261 26.26 -36.99 -10.94
N ASP C 262 27.29 -37.42 -11.67
CA ASP C 262 27.89 -38.72 -11.42
C ASP C 262 28.44 -38.84 -10.00
N MET C 263 28.40 -37.75 -9.25
CA MET C 263 28.93 -37.73 -7.89
C MET C 263 27.95 -38.30 -6.86
N PHE C 264 26.67 -38.29 -7.19
CA PHE C 264 25.64 -38.68 -6.24
C PHE C 264 25.07 -40.05 -6.56
N GLU D 1 35.16 5.64 3.17
CA GLU D 1 36.09 5.11 2.15
C GLU D 1 37.39 4.67 2.82
N PHE D 2 37.90 3.51 2.42
CA PHE D 2 39.08 2.95 3.03
C PHE D 2 40.36 3.67 2.62
N ARG D 3 41.31 3.74 3.54
CA ARG D 3 42.67 4.18 3.24
C ARG D 3 43.65 3.32 4.03
N PRO D 4 44.76 2.92 3.39
CA PRO D 4 45.73 2.02 4.04
C PRO D 4 46.37 2.64 5.29
N GLU D 5 46.24 3.95 5.44
CA GLU D 5 46.71 4.65 6.63
C GLU D 5 45.96 4.15 7.85
N MET D 6 44.85 3.46 7.61
CA MET D 6 44.03 2.91 8.68
C MET D 6 44.68 1.68 9.30
N LEU D 7 45.66 1.11 8.62
CA LEU D 7 46.30 -0.11 9.10
C LEU D 7 47.77 0.12 9.45
N GLN D 8 48.27 1.30 9.11
CA GLN D 8 49.65 1.65 9.38
C GLN D 8 49.89 1.60 10.87
N GLY D 9 50.79 0.73 11.30
CA GLY D 9 51.13 0.65 12.72
C GLY D 9 50.09 0.00 13.61
N LYS D 10 49.02 -0.53 13.01
CA LYS D 10 48.02 -1.26 13.78
C LYS D 10 48.48 -2.68 14.09
N LYS D 11 47.96 -3.25 15.18
CA LYS D 11 48.38 -4.58 15.60
C LYS D 11 47.41 -5.66 15.12
N VAL D 12 47.88 -6.51 14.20
CA VAL D 12 47.02 -7.52 13.59
C VAL D 12 47.49 -8.97 13.79
N ILE D 13 46.53 -9.81 14.15
CA ILE D 13 46.70 -11.26 14.10
C ILE D 13 45.98 -11.86 12.89
N VAL D 14 46.69 -12.68 12.12
CA VAL D 14 46.05 -13.44 11.04
C VAL D 14 46.26 -14.95 11.24
N THR D 15 45.17 -15.71 11.29
CA THR D 15 45.35 -17.16 11.34
C THR D 15 45.17 -17.72 9.95
N GLY D 16 45.86 -18.84 9.71
CA GLY D 16 45.80 -19.47 8.40
C GLY D 16 46.59 -18.69 7.37
N ALA D 17 47.71 -18.12 7.80
CA ALA D 17 48.49 -17.18 7.00
C ALA D 17 49.66 -17.80 6.19
N SER D 18 49.69 -19.12 6.05
CA SER D 18 50.86 -19.77 5.44
C SER D 18 50.65 -19.92 3.93
N LYS D 19 49.39 -19.97 3.52
CA LYS D 19 49.05 -20.01 2.11
C LYS D 19 47.68 -19.38 1.91
N GLY D 20 47.24 -19.32 0.67
CA GLY D 20 45.85 -18.97 0.39
C GLY D 20 45.47 -17.52 0.67
N ILE D 21 44.23 -17.33 1.10
CA ILE D 21 43.72 -16.01 1.39
C ILE D 21 44.46 -15.45 2.60
N GLY D 22 44.77 -16.31 3.56
CA GLY D 22 45.47 -15.88 4.75
C GLY D 22 46.82 -15.26 4.40
N ARG D 23 47.61 -15.98 3.63
CA ARG D 23 48.91 -15.46 3.18
C ARG D 23 48.76 -14.16 2.38
N GLU D 24 47.67 -14.00 1.64
CA GLU D 24 47.46 -12.78 0.85
C GLU D 24 47.16 -11.59 1.74
N MET D 25 46.40 -11.84 2.81
CA MET D 25 46.08 -10.79 3.75
C MET D 25 47.35 -10.32 4.47
N ALA D 26 48.22 -11.27 4.82
CA ALA D 26 49.48 -10.93 5.46
C ALA D 26 50.27 -9.94 4.61
N TYR D 27 50.33 -10.21 3.31
CA TYR D 27 51.02 -9.34 2.35
C TYR D 27 50.43 -7.91 2.26
N HIS D 28 49.13 -7.81 2.05
CA HIS D 28 48.46 -6.51 2.02
C HIS D 28 48.72 -5.70 3.28
N LEU D 29 48.52 -6.32 4.44
CA LEU D 29 48.68 -5.61 5.71
C LEU D 29 50.12 -5.13 5.84
N SER D 30 51.06 -5.90 5.31
CA SER D 30 52.46 -5.50 5.34
C SER D 30 52.77 -4.44 4.29
N LYS D 31 52.07 -4.48 3.16
CA LYS D 31 52.19 -3.36 2.23
C LYS D 31 51.60 -2.13 2.89
N MET D 32 50.82 -2.31 3.95
CA MET D 32 50.25 -1.17 4.64
C MET D 32 50.98 -0.79 5.92
N GLY D 33 52.13 -1.41 6.16
CA GLY D 33 52.95 -1.03 7.29
C GLY D 33 52.30 -1.37 8.62
N ALA D 34 51.62 -2.50 8.67
CA ALA D 34 51.04 -2.96 9.93
C ALA D 34 52.03 -3.84 10.69
N HIS D 35 51.81 -3.99 11.99
CA HIS D 35 52.42 -5.07 12.76
C HIS D 35 51.58 -6.35 12.59
N VAL D 36 52.23 -7.47 12.28
CA VAL D 36 51.51 -8.74 12.15
C VAL D 36 52.05 -9.89 13.01
N VAL D 37 51.14 -10.72 13.51
CA VAL D 37 51.50 -12.04 14.05
C VAL D 37 50.76 -13.15 13.30
N LEU D 38 51.49 -13.98 12.57
CA LEU D 38 50.87 -14.97 11.69
C LEU D 38 50.89 -16.38 12.27
N THR D 39 49.94 -17.21 11.88
CA THR D 39 50.00 -18.56 12.40
C THR D 39 49.39 -19.59 11.46
N ALA D 40 49.77 -20.84 11.69
CA ALA D 40 49.32 -21.99 10.91
C ALA D 40 50.12 -23.19 11.46
N ARG D 41 49.97 -24.38 10.87
CA ARG D 41 50.77 -25.51 11.35
C ARG D 41 52.19 -25.54 10.78
N SER D 42 52.35 -25.22 9.51
CA SER D 42 53.66 -25.32 8.88
C SER D 42 54.64 -24.21 9.31
N GLU D 43 55.76 -24.62 9.89
CA GLU D 43 56.78 -23.67 10.34
C GLU D 43 57.60 -23.10 9.19
N GLU D 44 57.94 -23.94 8.23
CA GLU D 44 58.64 -23.46 7.04
C GLU D 44 57.75 -22.43 6.33
N GLY D 45 56.48 -22.78 6.14
CA GLY D 45 55.57 -21.89 5.45
C GLY D 45 55.45 -20.52 6.09
N LEU D 46 55.27 -20.50 7.40
CA LEU D 46 55.16 -19.23 8.13
C LEU D 46 56.49 -18.47 8.08
N GLN D 47 57.61 -19.19 8.13
CA GLN D 47 58.93 -18.56 8.10
C GLN D 47 59.08 -17.77 6.81
N LYS D 48 58.62 -18.37 5.72
CA LYS D 48 58.70 -17.74 4.40
C LYS D 48 57.80 -16.51 4.31
N VAL D 49 56.54 -16.66 4.71
CA VAL D 49 55.61 -15.54 4.63
C VAL D 49 56.06 -14.35 5.44
N VAL D 50 56.50 -14.59 6.69
CA VAL D 50 56.98 -13.53 7.56
C VAL D 50 58.12 -12.78 6.87
N SER D 51 59.10 -13.53 6.39
CA SER D 51 60.30 -12.96 5.78
C SER D 51 59.96 -12.04 4.61
N ARG D 52 58.92 -12.39 3.86
CA ARG D 52 58.41 -11.56 2.76
C ARG D 52 57.64 -10.33 3.27
N CYS D 53 56.78 -10.54 4.26
CA CYS D 53 56.04 -9.44 4.87
C CYS D 53 56.98 -8.32 5.30
N LEU D 54 58.14 -8.70 5.82
CA LEU D 54 59.11 -7.71 6.29
C LEU D 54 59.68 -6.93 5.11
N GLU D 55 59.85 -7.61 3.99
CA GLU D 55 60.41 -6.97 2.82
C GLU D 55 59.34 -6.07 2.19
N LEU D 56 58.08 -6.44 2.39
CA LEU D 56 56.96 -5.66 1.88
C LEU D 56 56.62 -4.47 2.75
N GLY D 57 57.19 -4.41 3.96
CA GLY D 57 57.15 -3.17 4.71
C GLY D 57 56.39 -3.26 6.03
N ALA D 58 56.04 -4.48 6.43
CA ALA D 58 55.40 -4.65 7.72
C ALA D 58 56.26 -3.95 8.76
N ALA D 59 55.60 -3.27 9.69
CA ALA D 59 56.30 -2.64 10.80
C ALA D 59 57.05 -3.67 11.64
N SER D 60 56.64 -4.93 11.55
CA SER D 60 57.28 -6.04 12.25
C SER D 60 56.45 -7.28 11.96
N ALA D 61 57.09 -8.45 11.95
CA ALA D 61 56.39 -9.67 11.57
C ALA D 61 56.87 -10.83 12.42
N HIS D 62 55.92 -11.56 13.02
CA HIS D 62 56.22 -12.74 13.81
C HIS D 62 55.29 -13.89 13.47
N TYR D 63 55.80 -15.11 13.55
CA TYR D 63 54.97 -16.30 13.43
C TYR D 63 55.03 -17.14 14.71
N ILE D 64 53.98 -17.92 14.95
CA ILE D 64 53.95 -18.94 16.01
C ILE D 64 53.23 -20.19 15.47
N ALA D 65 53.92 -21.32 15.47
CA ALA D 65 53.36 -22.54 14.86
C ALA D 65 52.55 -23.45 15.80
N GLY D 66 51.45 -23.99 15.27
CA GLY D 66 50.62 -24.91 16.02
C GLY D 66 49.31 -25.28 15.34
N THR D 67 48.55 -26.19 15.94
CA THR D 67 47.29 -26.64 15.38
C THR D 67 46.10 -26.08 16.15
N MET D 68 45.16 -25.48 15.42
CA MET D 68 43.98 -24.89 16.00
C MET D 68 42.99 -25.94 16.50
N GLU D 69 43.38 -27.21 16.43
CA GLU D 69 42.59 -28.28 16.99
C GLU D 69 42.91 -28.41 18.48
N ASP D 70 43.86 -27.61 18.94
CA ASP D 70 44.23 -27.56 20.35
C ASP D 70 43.78 -26.21 20.95
N MET D 71 42.68 -26.24 21.72
CA MET D 71 42.13 -25.02 22.28
C MET D 71 43.12 -24.32 23.23
N THR D 72 44.01 -25.10 23.85
CA THR D 72 45.06 -24.51 24.67
C THR D 72 46.08 -23.74 23.83
N PHE D 73 46.49 -24.31 22.71
CA PHE D 73 47.37 -23.58 21.84
C PHE D 73 46.73 -22.26 21.35
N ALA D 74 45.44 -22.32 21.01
CA ALA D 74 44.73 -21.17 20.47
C ALA D 74 44.70 -19.99 21.44
N GLU D 75 44.37 -20.27 22.69
CA GLU D 75 44.33 -19.24 23.72
C GLU D 75 45.73 -18.68 23.99
N GLN D 76 46.68 -19.60 24.21
CA GLN D 76 48.06 -19.20 24.45
C GLN D 76 48.69 -18.46 23.27
N PHE D 77 48.21 -18.73 22.06
CA PHE D 77 48.65 -17.98 20.89
C PHE D 77 48.28 -16.50 20.95
N ILE D 78 47.01 -16.20 21.19
CA ILE D 78 46.56 -14.82 21.27
C ILE D 78 47.30 -14.05 22.35
N VAL D 79 47.57 -14.72 23.48
CA VAL D 79 48.31 -14.10 24.57
C VAL D 79 49.71 -13.70 24.11
N LYS D 80 50.38 -14.60 23.40
CA LYS D 80 51.76 -14.38 23.09
C LYS D 80 51.83 -13.29 22.05
N ALA D 81 51.00 -13.40 21.03
CA ALA D 81 50.98 -12.42 19.94
C ALA D 81 50.83 -11.04 20.55
N GLY D 82 49.87 -10.93 21.47
CA GLY D 82 49.56 -9.65 22.10
C GLY D 82 50.71 -9.10 22.91
N LYS D 83 51.58 -9.98 23.43
CA LYS D 83 52.80 -9.56 24.12
C LYS D 83 53.92 -9.14 23.13
N LEU D 84 54.12 -9.94 22.09
CA LEU D 84 55.00 -9.55 21.01
C LEU D 84 54.66 -8.14 20.50
N MET D 85 53.37 -7.82 20.38
CA MET D 85 52.98 -6.55 19.80
C MET D 85 52.70 -5.49 20.87
N GLY D 86 52.58 -5.90 22.12
CA GLY D 86 52.16 -4.98 23.16
C GLY D 86 50.72 -4.57 22.97
N GLY D 87 49.90 -5.43 22.37
CA GLY D 87 48.51 -5.10 22.13
C GLY D 87 47.95 -5.76 20.88
N LEU D 88 46.68 -5.52 20.61
CA LEU D 88 46.00 -6.03 19.41
C LEU D 88 44.91 -5.05 18.93
N ASP D 89 44.88 -4.79 17.62
CA ASP D 89 43.90 -3.87 17.04
C ASP D 89 42.89 -4.62 16.16
N MET D 90 43.39 -5.56 15.36
CA MET D 90 42.54 -6.32 14.48
C MET D 90 42.80 -7.84 14.59
N LEU D 91 41.72 -8.62 14.58
CA LEU D 91 41.81 -10.09 14.65
C LEU D 91 41.21 -10.74 13.38
N ILE D 92 42.01 -11.50 12.65
CA ILE D 92 41.48 -12.19 11.50
C ILE D 92 41.45 -13.71 11.68
N LEU D 93 40.26 -14.24 11.88
CA LEU D 93 40.10 -15.67 12.10
C LEU D 93 39.73 -16.33 10.78
N ASN D 94 40.73 -16.98 10.17
CA ASN D 94 40.71 -17.29 8.74
C ASN D 94 40.96 -18.77 8.46
N HIS D 95 41.82 -19.39 9.24
CA HIS D 95 42.16 -20.79 9.03
C HIS D 95 40.92 -21.68 9.07
N ILE D 96 40.99 -22.80 8.35
CA ILE D 96 40.05 -23.92 8.53
C ILE D 96 40.85 -25.22 8.52
N THR D 97 40.21 -26.31 8.93
CA THR D 97 40.80 -27.64 8.81
C THR D 97 40.57 -28.20 7.42
N GLN D 98 41.30 -29.26 7.08
CA GLN D 98 41.24 -29.82 5.73
C GLN D 98 39.84 -30.30 5.35
N THR D 99 39.32 -29.83 4.22
CA THR D 99 37.97 -30.22 3.80
C THR D 99 37.87 -30.74 2.37
N SER D 100 37.17 -31.84 2.19
CA SER D 100 36.89 -32.32 0.86
C SER D 100 35.39 -32.40 0.71
N LEU D 101 34.94 -32.56 -0.53
CA LEU D 101 33.53 -32.73 -0.79
C LEU D 101 33.19 -34.21 -0.83
N SER D 102 32.08 -34.53 -0.17
CA SER D 102 31.46 -35.83 -0.30
C SER D 102 30.08 -35.82 0.37
N LEU D 103 29.28 -36.82 0.03
CA LEU D 103 28.02 -37.02 0.69
C LEU D 103 28.35 -37.45 2.11
N PHE D 104 27.80 -36.76 3.11
CA PHE D 104 28.11 -37.11 4.49
C PHE D 104 27.85 -38.59 4.72
N HIS D 105 28.83 -39.30 5.27
CA HIS D 105 28.61 -40.70 5.61
C HIS D 105 29.43 -41.17 6.79
N ASP D 106 28.73 -41.69 7.79
CA ASP D 106 29.33 -42.44 8.88
C ASP D 106 30.70 -41.91 9.28
N ASP D 107 30.73 -40.68 9.79
CA ASP D 107 31.95 -40.12 10.35
C ASP D 107 31.62 -39.04 11.36
N ILE D 108 31.64 -39.40 12.65
CA ILE D 108 31.31 -38.46 13.72
C ILE D 108 32.56 -37.69 14.19
N HIS D 109 33.71 -38.34 14.12
CA HIS D 109 34.95 -37.71 14.58
C HIS D 109 35.40 -36.63 13.61
N SER D 110 35.02 -36.79 12.35
CA SER D 110 35.18 -35.74 11.36
C SER D 110 34.40 -34.51 11.80
N VAL D 111 33.14 -34.73 12.12
CA VAL D 111 32.24 -33.67 12.55
C VAL D 111 32.85 -32.90 13.71
N ARG D 112 33.34 -33.63 14.70
CA ARG D 112 33.83 -33.02 15.93
C ARG D 112 35.09 -32.18 15.75
N ARG D 113 36.04 -32.65 14.96
CA ARG D 113 37.26 -31.88 14.85
C ARG D 113 37.14 -30.73 13.86
N VAL D 114 36.31 -30.89 12.84
CA VAL D 114 35.88 -29.76 12.01
C VAL D 114 35.21 -28.63 12.81
N MET D 115 34.30 -28.98 13.71
CA MET D 115 33.65 -27.98 14.60
C MET D 115 34.64 -27.36 15.62
N GLU D 116 35.58 -28.16 16.12
CA GLU D 116 36.61 -27.67 17.04
C GLU D 116 37.53 -26.65 16.38
N VAL D 117 38.09 -27.03 15.24
CA VAL D 117 39.05 -26.19 14.55
C VAL D 117 38.35 -24.95 13.93
N ASN D 118 37.28 -25.21 13.17
CA ASN D 118 36.65 -24.20 12.34
C ASN D 118 35.74 -23.25 13.12
N PHE D 119 35.25 -23.72 14.26
CA PHE D 119 34.34 -22.94 15.07
C PHE D 119 34.91 -22.67 16.46
N LEU D 120 35.05 -23.70 17.27
CA LEU D 120 35.38 -23.53 18.70
C LEU D 120 36.62 -22.68 18.93
N SER D 121 37.74 -23.06 18.31
CA SER D 121 38.94 -22.25 18.36
C SER D 121 38.64 -20.79 18.04
N TYR D 122 37.69 -20.55 17.14
CA TYR D 122 37.30 -19.18 16.85
C TYR D 122 36.81 -18.53 18.13
N VAL D 123 36.01 -19.26 18.89
CA VAL D 123 35.39 -18.68 20.07
C VAL D 123 36.46 -18.45 21.13
N VAL D 124 37.39 -19.39 21.22
CA VAL D 124 38.51 -19.34 22.17
C VAL D 124 39.36 -18.08 21.92
N MET D 125 39.65 -17.84 20.65
CA MET D 125 40.54 -16.75 20.27
C MET D 125 39.86 -15.40 20.43
N SER D 126 38.62 -15.32 19.95
CA SER D 126 37.80 -14.13 20.18
C SER D 126 37.74 -13.80 21.65
N THR D 127 37.49 -14.81 22.50
CA THR D 127 37.39 -14.57 23.94
C THR D 127 38.68 -14.01 24.57
N ALA D 128 39.81 -14.64 24.28
CA ALA D 128 41.08 -14.22 24.86
C ALA D 128 41.55 -12.89 24.27
N ALA D 129 41.08 -12.55 23.08
CA ALA D 129 41.50 -11.33 22.40
C ALA D 129 40.74 -10.09 22.90
N LEU D 130 39.45 -10.27 23.19
CA LEU D 130 38.57 -9.12 23.41
C LEU D 130 39.14 -8.03 24.33
N PRO D 131 39.76 -8.44 25.45
CA PRO D 131 40.30 -7.43 26.38
C PRO D 131 41.23 -6.44 25.68
N MET D 132 42.12 -6.97 24.86
CA MET D 132 43.01 -6.13 24.08
C MET D 132 42.23 -5.33 23.02
N LEU D 133 41.28 -6.00 22.39
CA LEU D 133 40.44 -5.33 21.40
C LEU D 133 39.66 -4.17 22.00
N LYS D 134 39.08 -4.40 23.19
CA LYS D 134 38.35 -3.35 23.90
C LYS D 134 39.23 -2.16 24.33
N GLN D 135 40.49 -2.41 24.63
CA GLN D 135 41.43 -1.32 24.94
C GLN D 135 41.78 -0.48 23.72
N SER D 136 41.65 -1.07 22.53
CA SER D 136 42.05 -0.42 21.30
C SER D 136 40.82 -0.04 20.45
N ASN D 137 39.64 -0.34 20.96
CA ASN D 137 38.45 -0.32 20.13
C ASN D 137 38.73 -1.06 18.84
N GLY D 138 39.00 -2.35 18.99
CA GLY D 138 39.51 -3.15 17.88
C GLY D 138 38.41 -3.78 17.10
N SER D 139 38.77 -4.69 16.20
CA SER D 139 37.82 -5.34 15.30
C SER D 139 38.11 -6.82 15.16
N ILE D 140 37.10 -7.60 14.82
CA ILE D 140 37.31 -9.00 14.47
C ILE D 140 36.70 -9.33 13.12
N ALA D 141 37.51 -9.91 12.23
CA ALA D 141 37.00 -10.48 10.98
C ALA D 141 36.86 -11.99 11.11
N VAL D 142 35.65 -12.47 10.85
CA VAL D 142 35.36 -13.89 10.88
C VAL D 142 35.11 -14.31 9.43
N ILE D 143 35.96 -15.18 8.93
CA ILE D 143 35.87 -15.59 7.54
C ILE D 143 34.93 -16.78 7.36
N SER D 144 33.91 -16.58 6.53
CA SER D 144 32.89 -17.58 6.31
C SER D 144 32.71 -17.82 4.81
N SER D 145 31.50 -18.18 4.39
CA SER D 145 31.25 -18.61 3.01
C SER D 145 29.77 -18.48 2.69
N LEU D 146 29.46 -18.64 1.41
CA LEU D 146 28.08 -18.78 0.96
C LEU D 146 27.48 -20.01 1.62
N ALA D 147 28.32 -21.01 1.83
CA ALA D 147 27.93 -22.24 2.54
C ALA D 147 27.58 -21.97 4.00
N GLY D 148 27.90 -20.78 4.47
CA GLY D 148 27.54 -20.41 5.84
C GLY D 148 26.31 -19.53 5.90
N LYS D 149 25.57 -19.49 4.78
CA LYS D 149 24.38 -18.66 4.70
C LYS D 149 23.26 -19.47 4.05
N VAL D 150 23.60 -20.18 2.98
CA VAL D 150 22.71 -21.15 2.33
C VAL D 150 23.47 -22.47 2.32
N THR D 151 22.87 -23.52 1.77
CA THR D 151 23.55 -24.81 1.85
C THR D 151 23.78 -25.47 0.50
N TYR D 152 24.78 -26.36 0.46
CA TYR D 152 25.15 -27.09 -0.74
C TYR D 152 25.48 -28.54 -0.42
N PRO D 153 25.34 -29.43 -1.41
CA PRO D 153 25.79 -30.83 -1.35
C PRO D 153 27.27 -31.03 -0.99
N MET D 154 27.53 -32.08 -0.22
CA MET D 154 28.89 -32.55 0.07
C MET D 154 29.71 -31.68 1.02
N VAL D 155 29.09 -30.74 1.72
CA VAL D 155 29.82 -29.94 2.71
C VAL D 155 29.07 -29.74 4.03
N ALA D 156 28.31 -30.76 4.45
CA ALA D 156 27.49 -30.69 5.65
C ALA D 156 28.26 -30.19 6.87
N PRO D 157 29.39 -30.82 7.21
CA PRO D 157 30.21 -30.48 8.39
C PRO D 157 30.77 -29.05 8.33
N TYR D 158 31.39 -28.73 7.20
CA TYR D 158 31.88 -27.39 6.90
C TYR D 158 30.77 -26.35 7.09
N SER D 159 29.70 -26.53 6.33
CA SER D 159 28.52 -25.69 6.43
C SER D 159 28.12 -25.45 7.89
N ALA D 160 27.98 -26.52 8.65
CA ALA D 160 27.52 -26.43 10.03
C ALA D 160 28.41 -25.49 10.84
N SER D 161 29.72 -25.63 10.70
CA SER D 161 30.65 -24.82 11.48
C SER D 161 30.48 -23.35 11.06
N LYS D 162 30.25 -23.13 9.76
CA LYS D 162 30.11 -21.78 9.20
C LYS D 162 28.80 -21.12 9.63
N PHE D 163 27.71 -21.88 9.57
CA PHE D 163 26.45 -21.41 10.12
C PHE D 163 26.62 -21.11 11.62
N ALA D 164 27.37 -21.97 12.31
CA ALA D 164 27.64 -21.74 13.72
C ALA D 164 28.37 -20.39 13.94
N LEU D 165 29.35 -20.12 13.08
CA LEU D 165 30.09 -18.87 13.14
C LEU D 165 29.15 -17.66 13.11
N ASP D 166 28.25 -17.63 12.12
CA ASP D 166 27.27 -16.55 11.96
C ASP D 166 26.37 -16.41 13.19
N GLY D 167 25.76 -17.51 13.62
CA GLY D 167 25.00 -17.51 14.85
C GLY D 167 25.74 -16.92 16.04
N PHE D 168 26.92 -17.43 16.33
CA PHE D 168 27.65 -16.97 17.52
C PHE D 168 28.15 -15.53 17.42
N PHE D 169 28.81 -15.22 16.31
CA PHE D 169 29.47 -13.92 16.22
C PHE D 169 28.46 -12.82 15.91
N SER D 170 27.32 -13.20 15.37
CA SER D 170 26.27 -12.25 15.08
C SER D 170 25.62 -11.84 16.41
N THR D 171 25.66 -12.73 17.39
CA THR D 171 25.17 -12.38 18.72
C THR D 171 26.16 -11.47 19.42
N ILE D 172 27.43 -11.84 19.41
CA ILE D 172 28.46 -11.03 20.08
C ILE D 172 28.41 -9.59 19.55
N ARG D 173 28.36 -9.45 18.23
CA ARG D 173 28.35 -8.14 17.59
C ARG D 173 27.21 -7.28 18.14
N THR D 174 26.03 -7.88 18.25
CA THR D 174 24.87 -7.17 18.79
C THR D 174 25.05 -6.88 20.27
N GLU D 175 25.67 -7.81 20.98
CA GLU D 175 25.85 -7.66 22.42
C GLU D 175 26.79 -6.51 22.70
N LEU D 176 27.77 -6.34 21.80
CA LEU D 176 28.76 -5.28 21.94
C LEU D 176 28.14 -3.93 21.62
N TYR D 177 27.21 -3.92 20.67
CA TYR D 177 26.55 -2.67 20.25
C TYR D 177 25.66 -2.07 21.34
N ILE D 178 24.76 -2.88 21.90
CA ILE D 178 23.82 -2.39 22.90
C ILE D 178 24.49 -2.09 24.24
N THR D 179 25.71 -2.58 24.45
CA THR D 179 26.47 -2.29 25.66
C THR D 179 27.48 -1.19 25.36
N LYS D 180 27.42 -0.67 24.14
CA LYS D 180 28.23 0.47 23.74
C LYS D 180 29.72 0.19 23.82
N VAL D 181 30.13 -1.06 23.61
CA VAL D 181 31.55 -1.38 23.47
C VAL D 181 31.88 -1.25 21.99
N ASN D 182 32.84 -0.40 21.67
CA ASN D 182 33.19 -0.08 20.28
C ASN D 182 34.22 -1.07 19.75
N VAL D 183 33.85 -2.34 19.74
CA VAL D 183 34.66 -3.37 19.12
C VAL D 183 33.80 -3.97 18.01
N SER D 184 34.25 -3.84 16.78
CA SER D 184 33.41 -4.24 15.65
C SER D 184 33.63 -5.69 15.24
N ILE D 185 32.64 -6.26 14.55
CA ILE D 185 32.70 -7.64 14.11
C ILE D 185 32.18 -7.80 12.68
N THR D 186 33.07 -8.19 11.78
CA THR D 186 32.72 -8.32 10.36
C THR D 186 32.70 -9.76 9.89
N LEU D 187 31.53 -10.24 9.49
CA LEU D 187 31.44 -11.57 8.90
C LEU D 187 31.64 -11.48 7.40
N CYS D 188 32.66 -12.17 6.91
CA CYS D 188 33.00 -12.15 5.50
C CYS D 188 32.45 -13.41 4.83
N VAL D 189 31.62 -13.22 3.81
CA VAL D 189 30.97 -14.33 3.16
C VAL D 189 31.55 -14.49 1.75
N LEU D 190 32.40 -15.49 1.59
CA LEU D 190 33.16 -15.67 0.36
C LEU D 190 32.55 -16.73 -0.56
N GLY D 191 32.54 -16.43 -1.86
CA GLY D 191 32.36 -17.46 -2.87
C GLY D 191 33.68 -18.16 -3.17
N LEU D 192 33.71 -18.95 -4.25
CA LEU D 192 34.88 -19.73 -4.64
C LEU D 192 36.04 -18.81 -4.96
N ILE D 193 37.15 -19.06 -4.29
CA ILE D 193 38.35 -18.25 -4.42
C ILE D 193 39.45 -19.17 -4.93
N ASP D 194 40.28 -18.67 -5.82
CA ASP D 194 41.17 -19.52 -6.60
C ASP D 194 42.43 -19.92 -5.85
N THR D 195 42.31 -20.15 -4.55
CA THR D 195 43.42 -20.72 -3.81
C THR D 195 43.62 -22.15 -4.29
N GLU D 196 44.84 -22.66 -4.16
CA GLU D 196 45.14 -23.96 -4.70
C GLU D 196 44.41 -25.07 -3.94
N THR D 197 44.27 -24.93 -2.63
CA THR D 197 43.60 -25.96 -1.85
C THR D 197 42.14 -26.10 -2.29
N ALA D 198 41.52 -25.00 -2.66
CA ALA D 198 40.10 -25.02 -3.01
C ALA D 198 39.91 -25.47 -4.46
N MET D 199 40.80 -25.03 -5.35
CA MET D 199 40.76 -25.48 -6.71
C MET D 199 40.95 -27.00 -6.75
N LYS D 200 41.91 -27.51 -5.98
CA LYS D 200 42.08 -28.95 -5.88
C LYS D 200 40.84 -29.61 -5.32
N ALA D 201 40.20 -28.96 -4.36
CA ALA D 201 39.04 -29.53 -3.66
C ALA D 201 37.81 -29.73 -4.56
N VAL D 202 37.54 -28.76 -5.45
CA VAL D 202 36.34 -28.85 -6.30
C VAL D 202 36.61 -29.55 -7.62
N SER D 203 37.86 -29.92 -7.84
CA SER D 203 38.27 -30.48 -9.13
C SER D 203 37.38 -31.67 -9.47
N GLY D 204 36.73 -31.61 -10.63
CA GLY D 204 35.92 -32.73 -11.07
C GLY D 204 34.60 -32.93 -10.33
N ILE D 205 34.24 -32.00 -9.45
CA ILE D 205 33.02 -32.18 -8.66
C ILE D 205 32.09 -30.99 -8.82
N VAL D 206 32.61 -29.80 -8.58
CA VAL D 206 31.82 -28.61 -8.81
C VAL D 206 32.49 -27.68 -9.81
N ASN D 207 31.73 -27.29 -10.83
CA ASN D 207 32.23 -26.42 -11.88
C ASN D 207 31.65 -25.03 -11.76
N ALA D 208 32.47 -24.08 -11.35
CA ALA D 208 32.03 -22.71 -11.13
C ALA D 208 33.24 -21.80 -11.21
N GLN D 209 33.03 -20.50 -11.37
CA GLN D 209 34.15 -19.59 -11.51
C GLN D 209 34.71 -19.18 -10.16
N ALA D 210 36.01 -19.39 -9.97
CA ALA D 210 36.70 -18.91 -8.78
C ALA D 210 37.03 -17.42 -8.92
N SER D 211 37.16 -16.74 -7.79
CA SER D 211 37.56 -15.33 -7.76
C SER D 211 39.02 -15.25 -7.36
N PRO D 212 39.69 -14.15 -7.73
CA PRO D 212 41.13 -14.06 -7.44
C PRO D 212 41.38 -13.81 -5.95
N LYS D 213 42.30 -14.58 -5.38
CA LYS D 213 42.59 -14.52 -3.95
C LYS D 213 43.13 -13.16 -3.50
N GLU D 214 43.94 -12.51 -4.34
CA GLU D 214 44.55 -11.23 -3.99
C GLU D 214 43.48 -10.17 -3.72
N GLU D 215 42.49 -10.08 -4.60
CA GLU D 215 41.40 -9.13 -4.42
C GLU D 215 40.49 -9.54 -3.26
N CYS D 216 40.47 -10.84 -2.94
CA CYS D 216 39.62 -11.31 -1.86
C CYS D 216 40.21 -10.86 -0.53
N ALA D 217 41.51 -11.07 -0.38
CA ALA D 217 42.24 -10.70 0.83
C ALA D 217 42.08 -9.22 1.18
N LEU D 218 42.13 -8.36 0.17
CA LEU D 218 42.04 -6.92 0.39
C LEU D 218 40.61 -6.49 0.73
N GLU D 219 39.62 -7.02 0.01
CA GLU D 219 38.21 -6.79 0.31
C GLU D 219 37.87 -7.05 1.77
N ILE D 220 38.30 -8.20 2.29
CA ILE D 220 38.02 -8.53 3.69
C ILE D 220 38.68 -7.45 4.52
N ILE D 221 39.89 -7.05 4.13
CA ILE D 221 40.68 -6.11 4.92
C ILE D 221 40.03 -4.73 4.96
N LYS D 222 39.54 -4.26 3.81
CA LYS D 222 38.87 -2.97 3.78
C LYS D 222 37.56 -3.00 4.57
N GLY D 223 36.81 -4.09 4.44
CA GLY D 223 35.50 -4.16 5.07
C GLY D 223 35.58 -4.18 6.58
N THR D 224 36.57 -4.90 7.10
CA THR D 224 36.78 -5.04 8.54
C THR D 224 37.28 -3.72 9.13
N ALA D 225 38.19 -3.06 8.41
CA ALA D 225 38.73 -1.78 8.85
C ALA D 225 37.63 -0.71 8.78
N LEU D 226 36.74 -0.83 7.80
CA LEU D 226 35.60 0.08 7.69
C LEU D 226 34.46 -0.42 8.55
N ARG D 227 34.78 -1.40 9.39
CA ARG D 227 33.88 -1.87 10.45
C ARG D 227 32.48 -2.20 9.95
N LYS D 228 32.40 -2.84 8.79
CA LYS D 228 31.10 -3.29 8.26
C LYS D 228 30.66 -4.60 8.93
N SER D 229 29.37 -4.86 8.96
CA SER D 229 28.87 -6.05 9.64
C SER D 229 29.17 -7.29 8.83
N GLU D 230 28.84 -7.21 7.54
CA GLU D 230 29.17 -8.27 6.60
C GLU D 230 29.80 -7.72 5.33
N VAL D 231 30.66 -8.53 4.73
CA VAL D 231 31.28 -8.22 3.45
C VAL D 231 31.05 -9.42 2.56
N TYR D 232 30.48 -9.19 1.37
CA TYR D 232 30.26 -10.26 0.41
C TYR D 232 31.26 -10.16 -0.72
N TYR D 233 31.77 -11.32 -1.14
CA TYR D 233 32.70 -11.36 -2.25
C TYR D 233 32.49 -12.60 -3.10
N ASP D 234 31.83 -12.40 -4.24
CA ASP D 234 31.55 -13.48 -5.18
C ASP D 234 31.56 -12.94 -6.60
N LYS D 235 31.54 -13.84 -7.58
CA LYS D 235 31.65 -13.42 -8.97
C LYS D 235 30.30 -13.00 -9.54
N SER D 236 29.22 -13.60 -9.03
CA SER D 236 27.88 -13.19 -9.46
C SER D 236 27.43 -11.95 -8.71
N PRO D 237 27.11 -10.88 -9.44
CA PRO D 237 26.60 -9.67 -8.78
C PRO D 237 25.26 -9.92 -8.08
N LEU D 238 24.57 -10.98 -8.49
CA LEU D 238 23.28 -11.33 -7.91
C LEU D 238 23.39 -12.04 -6.56
N THR D 239 24.60 -12.13 -6.03
CA THR D 239 24.81 -12.85 -4.78
C THR D 239 24.37 -12.05 -3.54
N PRO D 240 24.90 -10.82 -3.38
CA PRO D 240 24.54 -10.02 -2.20
C PRO D 240 23.04 -9.65 -2.12
N ILE D 241 22.35 -9.70 -3.26
CA ILE D 241 20.91 -9.50 -3.25
C ILE D 241 20.21 -10.78 -2.79
N LEU D 242 20.54 -11.90 -3.42
CA LEU D 242 19.97 -13.20 -3.08
C LEU D 242 20.25 -13.55 -1.62
N LEU D 243 21.33 -13.02 -1.08
CA LEU D 243 21.66 -13.28 0.32
C LEU D 243 21.42 -12.05 1.18
N GLY D 244 20.56 -11.16 0.71
CA GLY D 244 20.27 -9.95 1.45
C GLY D 244 19.49 -10.18 2.73
N ASN D 245 18.55 -11.13 2.68
CA ASN D 245 17.70 -11.47 3.83
C ASN D 245 17.30 -10.27 4.70
N PRO D 246 16.49 -9.36 4.14
CA PRO D 246 16.01 -8.18 4.87
C PRO D 246 15.10 -8.56 6.05
N GLY D 247 14.36 -9.65 5.89
CA GLY D 247 13.50 -10.15 6.93
C GLY D 247 14.23 -10.44 8.23
N ARG D 248 15.44 -10.99 8.14
CA ARG D 248 16.28 -11.21 9.33
C ARG D 248 16.66 -9.88 9.97
N LYS D 249 17.05 -8.92 9.12
CA LYS D 249 17.39 -7.57 9.57
C LYS D 249 16.25 -6.98 10.40
N ILE D 250 15.07 -6.94 9.80
CA ILE D 250 13.89 -6.39 10.46
C ILE D 250 13.56 -7.09 11.79
N MET D 251 13.53 -8.42 11.78
CA MET D 251 13.26 -9.18 13.00
C MET D 251 14.21 -8.76 14.10
N GLU D 252 15.48 -8.60 13.75
CA GLU D 252 16.49 -8.33 14.75
C GLU D 252 16.37 -6.93 15.29
N PHE D 253 16.06 -5.98 14.41
CA PHE D 253 15.85 -4.60 14.84
C PHE D 253 14.78 -4.54 15.95
N PHE D 254 13.59 -5.04 15.63
CA PHE D 254 12.46 -4.90 16.53
C PHE D 254 12.52 -5.76 17.78
N SER D 255 13.37 -6.79 17.76
CA SER D 255 13.34 -7.79 18.81
C SER D 255 14.02 -7.30 20.08
N LEU D 256 14.78 -6.23 19.97
CA LEU D 256 15.31 -5.58 21.17
C LEU D 256 14.20 -4.92 22.00
N ARG D 257 13.01 -4.82 21.43
CA ARG D 257 11.85 -4.25 22.12
C ARG D 257 11.35 -5.16 23.25
N TYR D 258 11.61 -6.46 23.13
CA TYR D 258 11.22 -7.41 24.16
C TYR D 258 12.10 -7.30 25.41
N TYR D 259 13.33 -6.84 25.24
CA TYR D 259 14.32 -6.87 26.32
C TYR D 259 14.17 -5.77 27.35
N ASN D 260 14.52 -6.11 28.58
CA ASN D 260 14.60 -5.13 29.67
C ASN D 260 15.84 -4.26 29.44
N LYS D 261 15.63 -2.95 29.29
CA LYS D 261 16.72 -2.04 28.94
C LYS D 261 17.91 -2.18 29.87
N ASP D 262 17.65 -2.64 31.09
CA ASP D 262 18.68 -2.73 32.13
C ASP D 262 19.79 -3.73 31.83
N MET D 263 19.48 -4.79 31.09
CA MET D 263 20.49 -5.79 30.78
C MET D 263 21.68 -5.19 30.02
N PHE D 264 21.53 -3.96 29.55
CA PHE D 264 22.59 -3.34 28.76
C PHE D 264 22.85 -1.88 29.17
N GLU E 1 -1.44 -6.88 34.63
CA GLU E 1 -0.77 -8.17 34.27
C GLU E 1 -1.23 -9.27 35.22
N PHE E 2 -1.67 -10.38 34.66
CA PHE E 2 -2.24 -11.47 35.44
C PHE E 2 -1.11 -12.23 36.13
N ARG E 3 -1.33 -12.63 37.37
CA ARG E 3 -0.45 -13.58 38.01
C ARG E 3 -1.25 -14.66 38.70
N PRO E 4 -0.95 -15.93 38.38
CA PRO E 4 -1.66 -17.10 38.89
C PRO E 4 -1.84 -17.05 40.40
N GLU E 5 -0.87 -16.48 41.09
CA GLU E 5 -0.89 -16.39 42.55
C GLU E 5 -2.19 -15.72 42.99
N MET E 6 -2.72 -14.87 42.12
CA MET E 6 -3.96 -14.15 42.37
C MET E 6 -5.06 -15.13 42.77
N LEU E 7 -5.00 -16.35 42.23
CA LEU E 7 -6.11 -17.29 42.35
C LEU E 7 -5.95 -18.38 43.41
N GLN E 8 -4.82 -18.42 44.09
CA GLN E 8 -4.60 -19.45 45.11
C GLN E 8 -5.51 -19.19 46.31
N GLY E 9 -6.13 -20.26 46.82
CA GLY E 9 -7.05 -20.12 47.94
C GLY E 9 -8.43 -19.60 47.55
N LYS E 10 -8.57 -19.07 46.35
CA LYS E 10 -9.85 -18.55 45.90
C LYS E 10 -10.86 -19.67 45.66
N LYS E 11 -12.13 -19.33 45.86
CA LYS E 11 -13.20 -20.31 45.78
C LYS E 11 -13.92 -20.13 44.44
N VAL E 12 -14.01 -21.21 43.65
CA VAL E 12 -14.43 -21.09 42.26
C VAL E 12 -15.45 -22.16 41.86
N ILE E 13 -16.44 -21.77 41.06
CA ILE E 13 -17.40 -22.71 40.47
C ILE E 13 -17.28 -22.73 38.94
N VAL E 14 -17.25 -23.93 38.38
CA VAL E 14 -17.22 -24.09 36.92
C VAL E 14 -18.33 -25.04 36.53
N THR E 15 -19.22 -24.59 35.64
CA THR E 15 -20.25 -25.47 35.10
C THR E 15 -19.78 -26.07 33.79
N GLY E 16 -20.36 -27.22 33.42
CA GLY E 16 -19.95 -27.88 32.19
C GLY E 16 -18.49 -28.27 32.23
N ALA E 17 -18.11 -28.88 33.35
CA ALA E 17 -16.71 -29.03 33.72
C ALA E 17 -16.20 -30.44 33.44
N SER E 18 -17.11 -31.33 33.05
CA SER E 18 -16.75 -32.73 32.89
C SER E 18 -15.90 -32.96 31.63
N LYS E 19 -15.88 -31.98 30.74
CA LYS E 19 -15.06 -32.08 29.53
C LYS E 19 -14.85 -30.73 28.87
N GLY E 20 -14.16 -30.76 27.73
CA GLY E 20 -13.88 -29.55 26.99
C GLY E 20 -13.27 -28.41 27.80
N ILE E 21 -13.71 -27.19 27.50
CA ILE E 21 -13.06 -25.99 27.96
C ILE E 21 -13.34 -25.87 29.44
N GLY E 22 -14.47 -26.46 29.82
CA GLY E 22 -14.86 -26.50 31.23
C GLY E 22 -13.91 -27.38 32.04
N ARG E 23 -13.56 -28.55 31.52
CA ARG E 23 -12.56 -29.37 32.18
C ARG E 23 -11.20 -28.65 32.25
N GLU E 24 -10.77 -28.05 31.15
CA GLU E 24 -9.50 -27.33 31.14
C GLU E 24 -9.44 -26.19 32.16
N MET E 25 -10.53 -25.44 32.32
CA MET E 25 -10.48 -24.36 33.31
C MET E 25 -10.34 -24.94 34.72
N ALA E 26 -11.01 -26.06 34.98
CA ALA E 26 -10.90 -26.73 36.27
C ALA E 26 -9.46 -27.16 36.53
N TYR E 27 -8.86 -27.83 35.55
CA TYR E 27 -7.47 -28.25 35.64
C TYR E 27 -6.59 -27.05 35.98
N HIS E 28 -6.72 -25.98 35.20
CA HIS E 28 -5.91 -24.80 35.41
C HIS E 28 -6.09 -24.24 36.82
N LEU E 29 -7.34 -24.14 37.27
CA LEU E 29 -7.60 -23.53 38.57
C LEU E 29 -6.94 -24.33 39.66
N SER E 30 -6.93 -25.64 39.50
CA SER E 30 -6.35 -26.54 40.49
C SER E 30 -4.84 -26.35 40.66
N LYS E 31 -4.11 -26.33 39.56
CA LYS E 31 -2.65 -26.13 39.63
C LYS E 31 -2.38 -24.79 40.28
N MET E 32 -3.32 -23.86 40.11
CA MET E 32 -3.21 -22.54 40.72
C MET E 32 -3.49 -22.56 42.22
N GLY E 33 -3.96 -23.70 42.73
CA GLY E 33 -4.22 -23.83 44.15
C GLY E 33 -5.56 -23.27 44.59
N ALA E 34 -6.60 -23.45 43.80
CA ALA E 34 -7.92 -22.93 44.17
C ALA E 34 -8.84 -24.02 44.70
N HIS E 35 -9.89 -23.61 45.42
CA HIS E 35 -10.98 -24.53 45.73
C HIS E 35 -11.96 -24.46 44.56
N VAL E 36 -12.34 -25.62 44.03
CA VAL E 36 -13.28 -25.67 42.91
C VAL E 36 -14.51 -26.50 43.25
N VAL E 37 -15.66 -26.06 42.74
CA VAL E 37 -16.86 -26.89 42.71
C VAL E 37 -17.28 -27.01 41.26
N LEU E 38 -17.32 -28.25 40.78
CA LEU E 38 -17.61 -28.54 39.39
C LEU E 38 -18.96 -29.20 39.28
N THR E 39 -19.60 -29.03 38.14
CA THR E 39 -20.87 -29.67 37.90
C THR E 39 -21.05 -29.91 36.42
N ALA E 40 -21.96 -30.83 36.13
CA ALA E 40 -22.36 -31.20 34.77
C ALA E 40 -23.37 -32.32 34.98
N ARG E 41 -23.85 -32.94 33.92
CA ARG E 41 -24.78 -34.05 34.13
C ARG E 41 -24.09 -35.35 34.53
N SER E 42 -22.93 -35.64 33.96
CA SER E 42 -22.32 -36.96 34.17
C SER E 42 -21.53 -37.08 35.47
N GLU E 43 -22.02 -37.93 36.36
CA GLU E 43 -21.33 -38.23 37.60
C GLU E 43 -19.93 -38.84 37.40
N GLU E 44 -19.84 -39.87 36.56
CA GLU E 44 -18.55 -40.48 36.31
C GLU E 44 -17.60 -39.46 35.67
N GLY E 45 -18.14 -38.63 34.78
CA GLY E 45 -17.32 -37.65 34.11
C GLY E 45 -16.74 -36.68 35.12
N LEU E 46 -17.56 -36.28 36.08
CA LEU E 46 -17.14 -35.32 37.08
C LEU E 46 -16.19 -35.95 38.10
N GLN E 47 -16.46 -37.19 38.49
CA GLN E 47 -15.57 -37.89 39.42
C GLN E 47 -14.16 -37.99 38.85
N LYS E 48 -14.06 -38.19 37.55
CA LYS E 48 -12.76 -38.21 36.87
C LYS E 48 -12.06 -36.86 36.99
N VAL E 49 -12.81 -35.77 36.84
CA VAL E 49 -12.19 -34.46 36.80
C VAL E 49 -11.82 -33.92 38.18
N VAL E 50 -12.57 -34.31 39.19
CA VAL E 50 -12.23 -33.94 40.56
C VAL E 50 -10.96 -34.63 41.02
N SER E 51 -10.87 -35.94 40.79
CA SER E 51 -9.71 -36.72 41.23
C SER E 51 -8.45 -36.17 40.61
N ARG E 52 -8.52 -35.86 39.32
CA ARG E 52 -7.40 -35.25 38.65
C ARG E 52 -7.08 -33.89 39.25
N CYS E 53 -8.12 -33.15 39.61
CA CYS E 53 -7.97 -31.80 40.12
C CYS E 53 -7.21 -31.80 41.43
N LEU E 54 -7.52 -32.79 42.26
CA LEU E 54 -6.84 -32.99 43.53
C LEU E 54 -5.37 -33.31 43.31
N GLU E 55 -5.11 -34.23 42.38
CA GLU E 55 -3.75 -34.63 42.08
C GLU E 55 -2.96 -33.44 41.53
N LEU E 56 -3.66 -32.49 40.93
CA LEU E 56 -2.98 -31.36 40.30
C LEU E 56 -2.69 -30.22 41.28
N GLY E 57 -3.20 -30.33 42.50
CA GLY E 57 -2.88 -29.34 43.51
C GLY E 57 -4.03 -28.44 43.92
N ALA E 58 -5.25 -28.82 43.55
CA ALA E 58 -6.44 -28.11 44.00
C ALA E 58 -6.48 -28.11 45.52
N ALA E 59 -6.87 -26.97 46.10
CA ALA E 59 -6.92 -26.83 47.56
C ALA E 59 -8.06 -27.68 48.09
N SER E 60 -9.05 -27.87 47.22
CA SER E 60 -10.11 -28.82 47.47
C SER E 60 -10.88 -28.94 46.16
N ALA E 61 -11.60 -30.04 46.00
CA ALA E 61 -12.38 -30.26 44.78
C ALA E 61 -13.61 -31.12 45.01
N HIS E 62 -14.78 -30.56 44.70
CA HIS E 62 -16.04 -31.25 44.84
C HIS E 62 -16.92 -31.04 43.62
N TYR E 63 -17.91 -31.91 43.46
CA TYR E 63 -18.86 -31.84 42.35
C TYR E 63 -20.27 -32.16 42.79
N ILE E 64 -21.23 -31.60 42.09
CA ILE E 64 -22.64 -31.92 42.28
C ILE E 64 -23.24 -32.08 40.87
N ALA E 65 -24.00 -33.15 40.67
CA ALA E 65 -24.45 -33.49 39.32
C ALA E 65 -25.93 -33.22 39.14
N GLY E 66 -26.30 -32.87 37.93
CA GLY E 66 -27.67 -32.49 37.66
C GLY E 66 -27.73 -31.80 36.32
N THR E 67 -28.94 -31.53 35.85
CA THR E 67 -29.11 -30.86 34.58
C THR E 67 -29.59 -29.43 34.73
N MET E 68 -29.01 -28.55 33.92
CA MET E 68 -29.30 -27.11 33.96
C MET E 68 -30.53 -26.77 33.13
N GLU E 69 -31.25 -27.81 32.70
CA GLU E 69 -32.61 -27.65 32.20
C GLU E 69 -33.54 -27.43 33.39
N ASP E 70 -33.14 -27.94 34.55
CA ASP E 70 -33.94 -27.77 35.78
C ASP E 70 -33.51 -26.52 36.55
N MET E 71 -34.28 -25.44 36.43
CA MET E 71 -33.93 -24.17 37.07
C MET E 71 -33.84 -24.33 38.58
N THR E 72 -34.56 -25.30 39.12
CA THR E 72 -34.45 -25.63 40.53
C THR E 72 -33.03 -26.11 40.84
N PHE E 73 -32.52 -27.08 40.09
CA PHE E 73 -31.17 -27.55 40.31
C PHE E 73 -30.15 -26.42 40.18
N ALA E 74 -30.37 -25.55 39.21
CA ALA E 74 -29.45 -24.44 38.95
C ALA E 74 -29.27 -23.57 40.18
N GLU E 75 -30.39 -23.26 40.83
CA GLU E 75 -30.37 -22.42 42.02
C GLU E 75 -29.83 -23.22 43.20
N GLN E 76 -30.37 -24.43 43.37
CA GLN E 76 -29.94 -25.30 44.44
C GLN E 76 -28.42 -25.50 44.40
N PHE E 77 -27.90 -25.79 43.20
CA PHE E 77 -26.46 -25.99 43.04
C PHE E 77 -25.63 -24.84 43.62
N ILE E 78 -25.93 -23.60 43.23
CA ILE E 78 -25.08 -22.50 43.65
C ILE E 78 -25.04 -22.45 45.17
N VAL E 79 -26.20 -22.69 45.78
CA VAL E 79 -26.32 -22.70 47.23
C VAL E 79 -25.44 -23.76 47.88
N LYS E 80 -25.52 -24.98 47.36
CA LYS E 80 -24.71 -26.07 47.88
C LYS E 80 -23.22 -25.82 47.61
N ALA E 81 -22.93 -25.27 46.43
CA ALA E 81 -21.53 -25.04 46.08
C ALA E 81 -20.91 -24.05 47.08
N GLY E 82 -21.74 -23.12 47.55
CA GLY E 82 -21.23 -22.10 48.45
C GLY E 82 -21.01 -22.61 49.85
N LYS E 83 -21.93 -23.43 50.35
CA LYS E 83 -21.73 -24.02 51.66
C LYS E 83 -20.48 -24.90 51.67
N LEU E 84 -20.16 -25.52 50.54
CA LEU E 84 -19.02 -26.42 50.47
C LEU E 84 -17.69 -25.68 50.57
N MET E 85 -17.59 -24.52 49.93
CA MET E 85 -16.36 -23.74 50.01
C MET E 85 -16.50 -22.62 51.03
N GLY E 86 -17.72 -22.43 51.53
CA GLY E 86 -17.97 -21.38 52.52
C GLY E 86 -17.92 -19.98 51.94
N GLY E 87 -18.53 -19.79 50.78
CA GLY E 87 -18.30 -18.56 50.03
C GLY E 87 -18.01 -18.80 48.56
N LEU E 88 -17.90 -17.71 47.82
CA LEU E 88 -17.69 -17.81 46.38
C LEU E 88 -17.01 -16.58 45.79
N ASP E 89 -15.90 -16.79 45.09
CA ASP E 89 -15.13 -15.70 44.53
C ASP E 89 -15.30 -15.53 43.02
N MET E 90 -15.53 -16.64 42.32
CA MET E 90 -15.68 -16.60 40.88
C MET E 90 -16.60 -17.69 40.37
N LEU E 91 -17.55 -17.28 39.56
CA LEU E 91 -18.53 -18.18 38.97
C LEU E 91 -18.29 -18.28 37.46
N ILE E 92 -18.04 -19.49 37.00
CA ILE E 92 -17.84 -19.68 35.57
C ILE E 92 -18.97 -20.45 34.92
N LEU E 93 -19.82 -19.70 34.24
CA LEU E 93 -20.98 -20.25 33.55
C LEU E 93 -20.59 -20.54 32.10
N ASN E 94 -20.47 -21.82 31.78
CA ASN E 94 -19.78 -22.26 30.56
C ASN E 94 -20.60 -23.25 29.75
N HIS E 95 -21.51 -23.98 30.40
CA HIS E 95 -22.21 -25.12 29.79
C HIS E 95 -23.21 -24.77 28.66
N ILE E 96 -23.40 -25.69 27.73
CA ILE E 96 -24.39 -25.54 26.66
C ILE E 96 -25.05 -26.90 26.35
N THR E 97 -26.22 -26.90 25.72
CA THR E 97 -26.86 -28.15 25.30
C THR E 97 -26.12 -28.67 24.11
N GLN E 98 -26.51 -29.87 23.68
CA GLN E 98 -26.02 -30.43 22.44
C GLN E 98 -26.36 -29.49 21.28
N THR E 99 -25.42 -29.37 20.34
CA THR E 99 -25.57 -28.44 19.23
C THR E 99 -25.10 -29.09 17.92
N SER E 100 -25.95 -29.06 16.90
CA SER E 100 -25.55 -29.50 15.57
C SER E 100 -25.50 -28.33 14.60
N LEU E 101 -24.72 -28.48 13.54
CA LEU E 101 -24.86 -27.61 12.39
C LEU E 101 -26.06 -28.10 11.60
N SER E 102 -27.06 -27.23 11.46
CA SER E 102 -28.24 -27.57 10.68
C SER E 102 -29.01 -26.30 10.31
N LEU E 103 -29.46 -26.23 9.06
CA LEU E 103 -30.40 -25.19 8.66
C LEU E 103 -31.57 -25.36 9.60
N PHE E 104 -32.13 -24.24 10.06
CA PHE E 104 -33.05 -24.30 11.17
C PHE E 104 -34.31 -25.07 10.78
N HIS E 105 -34.65 -26.05 11.62
CA HIS E 105 -35.88 -26.79 11.47
C HIS E 105 -36.26 -27.48 12.78
N ASP E 106 -35.92 -26.86 13.91
CA ASP E 106 -36.29 -27.37 15.22
C ASP E 106 -37.72 -26.98 15.61
N ASP E 107 -38.36 -27.81 16.41
CA ASP E 107 -39.63 -27.44 16.97
C ASP E 107 -39.39 -26.62 18.22
N ILE E 108 -40.47 -26.10 18.78
CA ILE E 108 -40.43 -25.12 19.83
C ILE E 108 -39.84 -25.74 21.12
N HIS E 109 -40.07 -27.04 21.30
CA HIS E 109 -39.64 -27.71 22.51
C HIS E 109 -38.11 -27.85 22.63
N SER E 110 -37.43 -28.05 21.51
CA SER E 110 -35.97 -28.09 21.51
C SER E 110 -35.39 -26.67 21.46
N VAL E 111 -36.11 -25.73 20.84
CA VAL E 111 -35.72 -24.32 20.89
C VAL E 111 -35.95 -23.72 22.28
N ARG E 112 -36.95 -24.20 23.01
CA ARG E 112 -37.06 -23.80 24.40
C ARG E 112 -35.95 -24.42 25.25
N ARG E 113 -35.66 -25.69 25.01
CA ARG E 113 -34.61 -26.35 25.78
C ARG E 113 -33.33 -25.56 25.61
N VAL E 114 -32.96 -25.27 24.38
CA VAL E 114 -31.75 -24.47 24.10
C VAL E 114 -31.70 -23.20 24.95
N MET E 115 -32.80 -22.47 25.02
CA MET E 115 -32.80 -21.19 25.71
C MET E 115 -32.68 -21.36 27.23
N GLU E 116 -33.17 -22.48 27.75
CA GLU E 116 -33.18 -22.68 29.19
C GLU E 116 -31.82 -23.10 29.70
N VAL E 117 -31.25 -24.13 29.09
CA VAL E 117 -29.90 -24.55 29.42
C VAL E 117 -28.90 -23.45 29.09
N ASN E 118 -28.86 -23.05 27.82
CA ASN E 118 -27.88 -22.05 27.39
C ASN E 118 -28.03 -20.66 28.02
N PHE E 119 -29.25 -20.24 28.35
CA PHE E 119 -29.46 -18.87 28.79
C PHE E 119 -30.11 -18.73 30.16
N LEU E 120 -31.32 -19.26 30.31
CA LEU E 120 -32.06 -19.09 31.56
C LEU E 120 -31.23 -19.48 32.78
N SER E 121 -30.52 -20.61 32.69
CA SER E 121 -29.79 -21.18 33.83
C SER E 121 -28.62 -20.27 34.24
N TYR E 122 -28.05 -19.58 33.25
CA TYR E 122 -26.98 -18.64 33.49
C TYR E 122 -27.51 -17.47 34.33
N VAL E 123 -28.72 -17.03 34.03
CA VAL E 123 -29.37 -15.95 34.78
C VAL E 123 -29.75 -16.42 36.18
N VAL E 124 -30.37 -17.60 36.27
CA VAL E 124 -30.71 -18.18 37.55
C VAL E 124 -29.47 -18.22 38.46
N MET E 125 -28.39 -18.82 37.95
CA MET E 125 -27.23 -19.10 38.78
C MET E 125 -26.53 -17.83 39.25
N SER E 126 -26.37 -16.87 38.33
CA SER E 126 -25.71 -15.62 38.67
C SER E 126 -26.58 -14.80 39.63
N THR E 127 -27.89 -15.00 39.58
CA THR E 127 -28.78 -14.36 40.52
C THR E 127 -28.71 -14.94 41.93
N ALA E 128 -28.57 -16.27 42.03
CA ALA E 128 -28.40 -16.92 43.33
C ALA E 128 -26.98 -16.73 43.88
N ALA E 129 -26.01 -16.66 42.99
CA ALA E 129 -24.62 -16.51 43.40
C ALA E 129 -24.32 -15.10 43.90
N LEU E 130 -25.10 -14.13 43.43
CA LEU E 130 -24.76 -12.71 43.53
C LEU E 130 -24.53 -12.19 44.96
N PRO E 131 -25.30 -12.69 45.94
CA PRO E 131 -25.03 -12.28 47.33
C PRO E 131 -23.62 -12.63 47.82
N MET E 132 -23.15 -13.83 47.50
CA MET E 132 -21.77 -14.21 47.80
C MET E 132 -20.75 -13.40 47.00
N LEU E 133 -20.99 -13.26 45.69
CA LEU E 133 -20.16 -12.38 44.86
C LEU E 133 -19.96 -11.00 45.51
N LYS E 134 -21.04 -10.38 45.98
CA LYS E 134 -20.97 -9.06 46.61
C LYS E 134 -20.17 -9.13 47.91
N GLN E 135 -20.36 -10.23 48.64
CA GLN E 135 -19.68 -10.44 49.91
C GLN E 135 -18.17 -10.52 49.72
N SER E 136 -17.75 -10.88 48.51
CA SER E 136 -16.34 -11.15 48.21
C SER E 136 -15.81 -10.26 47.09
N ASN E 137 -16.65 -9.35 46.59
CA ASN E 137 -16.31 -8.55 45.41
C ASN E 137 -15.81 -9.47 44.31
N GLY E 138 -16.57 -10.54 44.04
CA GLY E 138 -16.11 -11.55 43.10
C GLY E 138 -16.39 -11.26 41.63
N SER E 139 -16.25 -12.29 40.80
CA SER E 139 -16.41 -12.12 39.37
C SER E 139 -17.30 -13.20 38.77
N ILE E 140 -17.91 -12.87 37.62
CA ILE E 140 -18.61 -13.83 36.81
C ILE E 140 -17.99 -13.87 35.42
N ALA E 141 -17.71 -15.07 34.92
CA ALA E 141 -17.38 -15.25 33.51
C ALA E 141 -18.57 -15.87 32.79
N VAL E 142 -19.02 -15.22 31.73
CA VAL E 142 -20.08 -15.78 30.89
C VAL E 142 -19.49 -16.15 29.54
N ILE E 143 -19.45 -17.44 29.25
CA ILE E 143 -18.80 -17.91 28.04
C ILE E 143 -19.76 -17.78 26.86
N SER E 144 -19.39 -16.93 25.90
CA SER E 144 -20.17 -16.72 24.71
C SER E 144 -19.38 -17.14 23.45
N SER E 145 -19.55 -16.41 22.36
CA SER E 145 -19.11 -16.89 21.07
C SER E 145 -19.05 -15.71 20.10
N LEU E 146 -18.22 -15.85 19.08
CA LEU E 146 -18.34 -15.04 17.87
C LEU E 146 -19.79 -15.08 17.37
N ALA E 147 -20.44 -16.23 17.56
CA ALA E 147 -21.82 -16.40 17.12
C ALA E 147 -22.76 -15.60 18.03
N GLY E 148 -22.20 -15.06 19.10
CA GLY E 148 -22.96 -14.21 19.99
C GLY E 148 -22.74 -12.75 19.67
N LYS E 149 -21.99 -12.51 18.59
CA LYS E 149 -21.61 -11.16 18.18
C LYS E 149 -21.96 -10.91 16.72
N VAL E 150 -21.81 -11.94 15.91
CA VAL E 150 -22.24 -11.88 14.52
C VAL E 150 -22.94 -13.20 14.29
N THR E 151 -23.60 -13.34 13.14
CA THR E 151 -24.29 -14.58 12.84
C THR E 151 -23.55 -15.44 11.82
N TYR E 152 -23.66 -16.75 12.02
CA TYR E 152 -23.23 -17.76 11.05
C TYR E 152 -24.39 -18.69 10.73
N PRO E 153 -24.49 -19.18 9.50
CA PRO E 153 -25.58 -20.12 9.20
C PRO E 153 -25.51 -21.38 10.06
N MET E 154 -26.66 -22.02 10.25
CA MET E 154 -26.73 -23.39 10.79
C MET E 154 -26.58 -23.52 12.31
N VAL E 155 -26.55 -22.39 13.03
CA VAL E 155 -26.56 -22.43 14.49
C VAL E 155 -27.58 -21.45 15.09
N ALA E 156 -28.81 -21.46 14.60
CA ALA E 156 -29.75 -20.37 14.88
C ALA E 156 -30.14 -20.25 16.36
N PRO E 157 -30.60 -21.35 16.97
CA PRO E 157 -30.97 -21.36 18.40
C PRO E 157 -29.78 -21.05 19.31
N TYR E 158 -28.69 -21.76 19.06
CA TYR E 158 -27.42 -21.52 19.73
C TYR E 158 -27.11 -20.02 19.72
N SER E 159 -27.17 -19.38 18.55
CA SER E 159 -26.85 -17.97 18.44
C SER E 159 -27.82 -17.09 19.24
N ALA E 160 -29.11 -17.38 19.14
CA ALA E 160 -30.10 -16.66 19.95
C ALA E 160 -29.69 -16.61 21.43
N SER E 161 -29.26 -17.75 21.97
CA SER E 161 -28.99 -17.82 23.40
C SER E 161 -27.73 -17.02 23.76
N LYS E 162 -26.72 -17.07 22.88
CA LYS E 162 -25.51 -16.30 23.11
C LYS E 162 -25.75 -14.79 22.98
N PHE E 163 -26.51 -14.40 21.97
CA PHE E 163 -26.96 -13.01 21.85
C PHE E 163 -27.74 -12.57 23.09
N ALA E 164 -28.65 -13.43 23.57
CA ALA E 164 -29.38 -13.15 24.80
C ALA E 164 -28.42 -12.88 25.95
N LEU E 165 -27.32 -13.61 25.97
CA LEU E 165 -26.39 -13.50 27.08
C LEU E 165 -25.76 -12.12 27.10
N ASP E 166 -25.40 -11.63 25.90
CA ASP E 166 -24.76 -10.31 25.72
C ASP E 166 -25.70 -9.18 26.12
N GLY E 167 -26.92 -9.19 25.59
CA GLY E 167 -27.88 -8.13 25.88
C GLY E 167 -28.24 -8.06 27.35
N PHE E 168 -28.53 -9.23 27.93
CA PHE E 168 -28.82 -9.33 29.36
C PHE E 168 -27.66 -8.94 30.28
N PHE E 169 -26.53 -9.61 30.12
CA PHE E 169 -25.40 -9.45 31.03
C PHE E 169 -24.67 -8.12 30.86
N SER E 170 -24.77 -7.52 29.68
CA SER E 170 -24.27 -6.17 29.51
C SER E 170 -25.06 -5.22 30.38
N THR E 171 -26.38 -5.35 30.34
CA THR E 171 -27.27 -4.49 31.13
C THR E 171 -26.88 -4.56 32.61
N ILE E 172 -26.76 -5.77 33.13
CA ILE E 172 -26.51 -6.00 34.56
C ILE E 172 -25.18 -5.39 34.97
N ARG E 173 -24.15 -5.65 34.17
CA ARG E 173 -22.84 -5.06 34.38
C ARG E 173 -23.02 -3.54 34.55
N THR E 174 -23.79 -2.94 33.63
CA THR E 174 -24.04 -1.50 33.68
C THR E 174 -24.81 -1.09 34.93
N GLU E 175 -25.79 -1.88 35.34
CA GLU E 175 -26.50 -1.60 36.59
C GLU E 175 -25.58 -1.76 37.81
N LEU E 176 -24.73 -2.78 37.79
CA LEU E 176 -23.76 -3.03 38.86
C LEU E 176 -22.81 -1.85 39.05
N TYR E 177 -22.38 -1.29 37.94
CA TYR E 177 -21.55 -0.09 37.94
C TYR E 177 -22.24 1.11 38.59
N ILE E 178 -23.38 1.54 38.06
CA ILE E 178 -24.02 2.77 38.50
C ILE E 178 -24.51 2.67 39.94
N THR E 179 -24.59 1.46 40.47
CA THR E 179 -25.04 1.26 41.84
C THR E 179 -23.85 0.99 42.77
N LYS E 180 -22.64 1.06 42.21
CA LYS E 180 -21.40 0.86 42.95
C LYS E 180 -21.21 -0.53 43.56
N VAL E 181 -21.85 -1.53 42.96
CA VAL E 181 -21.58 -2.91 43.34
C VAL E 181 -20.27 -3.41 42.70
N ASN E 182 -19.34 -3.84 43.54
CA ASN E 182 -17.98 -4.15 43.10
C ASN E 182 -17.90 -5.63 42.69
N VAL E 183 -18.74 -5.99 41.71
CA VAL E 183 -18.72 -7.32 41.10
C VAL E 183 -18.60 -7.25 39.58
N SER E 184 -17.56 -7.88 39.04
CA SER E 184 -17.23 -7.71 37.64
C SER E 184 -17.91 -8.75 36.74
N ILE E 185 -18.20 -8.35 35.49
CA ILE E 185 -18.87 -9.22 34.53
C ILE E 185 -18.09 -9.31 33.24
N THR E 186 -17.56 -10.51 32.96
CA THR E 186 -16.72 -10.75 31.78
C THR E 186 -17.41 -11.69 30.76
N LEU E 187 -17.74 -11.14 29.59
CA LEU E 187 -18.23 -11.93 28.48
C LEU E 187 -17.04 -12.36 27.60
N CYS E 188 -16.81 -13.67 27.52
CA CYS E 188 -15.72 -14.22 26.69
C CYS E 188 -16.23 -14.67 25.29
N VAL E 189 -15.85 -13.91 24.27
CA VAL E 189 -16.21 -14.21 22.89
C VAL E 189 -15.17 -15.16 22.28
N LEU E 190 -15.59 -16.39 22.03
CA LEU E 190 -14.69 -17.45 21.58
C LEU E 190 -14.92 -17.82 20.11
N GLY E 191 -13.82 -17.91 19.36
CA GLY E 191 -13.85 -18.51 18.04
C GLY E 191 -13.83 -20.03 18.15
N LEU E 192 -13.77 -20.72 17.01
CA LEU E 192 -13.74 -22.18 17.02
C LEU E 192 -12.60 -22.68 17.91
N ILE E 193 -12.89 -23.67 18.74
CA ILE E 193 -11.93 -24.22 19.69
C ILE E 193 -11.90 -25.73 19.48
N ASP E 194 -10.75 -26.33 19.76
CA ASP E 194 -10.51 -27.71 19.37
C ASP E 194 -11.02 -28.73 20.38
N THR E 195 -12.22 -28.53 20.92
CA THR E 195 -12.78 -29.52 21.82
C THR E 195 -13.37 -30.71 21.04
N GLU E 196 -13.41 -31.87 21.68
CA GLU E 196 -13.78 -33.09 20.98
C GLU E 196 -15.15 -32.93 20.32
N THR E 197 -16.08 -32.32 21.05
CA THR E 197 -17.44 -32.15 20.57
C THR E 197 -17.43 -31.30 19.32
N ALA E 198 -16.82 -30.12 19.43
CA ALA E 198 -16.83 -29.14 18.37
C ALA E 198 -16.20 -29.67 17.08
N MET E 199 -15.04 -30.31 17.20
CA MET E 199 -14.32 -30.82 16.02
C MET E 199 -15.19 -31.87 15.35
N LYS E 200 -15.87 -32.65 16.19
CA LYS E 200 -16.80 -33.67 15.75
C LYS E 200 -17.96 -33.04 15.00
N ALA E 201 -18.52 -31.96 15.55
CA ALA E 201 -19.67 -31.31 14.96
C ALA E 201 -19.39 -30.59 13.65
N VAL E 202 -18.21 -30.00 13.51
CA VAL E 202 -17.95 -29.23 12.31
C VAL E 202 -17.53 -30.13 11.16
N SER E 203 -17.13 -31.35 11.49
CA SER E 203 -16.56 -32.27 10.51
C SER E 203 -17.32 -32.36 9.21
N GLY E 204 -16.61 -32.10 8.12
CA GLY E 204 -17.20 -32.19 6.81
C GLY E 204 -18.05 -30.98 6.50
N ILE E 205 -18.27 -30.11 7.49
CA ILE E 205 -19.19 -28.99 7.31
C ILE E 205 -18.48 -27.65 7.32
N VAL E 206 -17.76 -27.37 8.39
CA VAL E 206 -17.00 -26.12 8.47
C VAL E 206 -15.50 -26.36 8.43
N ASN E 207 -14.84 -25.63 7.54
CA ASN E 207 -13.40 -25.72 7.37
C ASN E 207 -12.76 -24.45 7.93
N ALA E 208 -12.42 -24.48 9.22
CA ALA E 208 -11.65 -23.40 9.84
C ALA E 208 -10.60 -23.97 10.80
N GLN E 209 -9.65 -23.14 11.21
CA GLN E 209 -8.63 -23.57 12.16
C GLN E 209 -9.10 -23.42 13.61
N ALA E 210 -8.80 -24.42 14.43
CA ALA E 210 -9.18 -24.45 15.84
C ALA E 210 -8.04 -23.98 16.72
N SER E 211 -8.35 -23.17 17.73
CA SER E 211 -7.36 -22.77 18.72
C SER E 211 -7.35 -23.76 19.85
N PRO E 212 -6.21 -23.86 20.55
CA PRO E 212 -5.95 -24.85 21.59
C PRO E 212 -6.76 -24.61 22.87
N LYS E 213 -7.49 -25.63 23.30
CA LYS E 213 -8.38 -25.49 24.45
C LYS E 213 -7.64 -25.17 25.76
N GLU E 214 -6.35 -25.47 25.81
CA GLU E 214 -5.54 -25.19 27.00
C GLU E 214 -5.30 -23.69 27.22
N GLU E 215 -4.97 -22.99 26.14
CA GLU E 215 -4.77 -21.54 26.15
C GLU E 215 -6.12 -20.77 26.27
N CYS E 216 -7.13 -21.19 25.51
CA CYS E 216 -8.49 -20.64 25.62
C CYS E 216 -8.90 -20.51 27.09
N ALA E 217 -8.83 -21.63 27.80
CA ALA E 217 -9.31 -21.73 29.15
C ALA E 217 -8.50 -20.83 30.06
N LEU E 218 -7.21 -20.71 29.76
CA LEU E 218 -6.38 -19.85 30.56
C LEU E 218 -6.68 -18.38 30.28
N GLU E 219 -7.06 -18.05 29.05
CA GLU E 219 -7.34 -16.66 28.71
C GLU E 219 -8.63 -16.22 29.40
N ILE E 220 -9.53 -17.17 29.62
CA ILE E 220 -10.85 -16.85 30.15
C ILE E 220 -10.68 -16.55 31.62
N ILE E 221 -9.90 -17.38 32.29
CA ILE E 221 -9.59 -17.21 33.70
C ILE E 221 -8.84 -15.91 34.00
N LYS E 222 -7.93 -15.53 33.12
CA LYS E 222 -7.13 -14.34 33.32
C LYS E 222 -7.92 -13.05 33.13
N GLY E 223 -8.72 -13.00 32.06
CA GLY E 223 -9.48 -11.79 31.77
C GLY E 223 -10.49 -11.54 32.88
N THR E 224 -11.10 -12.61 33.33
CA THR E 224 -12.13 -12.56 34.35
C THR E 224 -11.53 -12.13 35.69
N ALA E 225 -10.37 -12.70 36.03
CA ALA E 225 -9.64 -12.25 37.20
C ALA E 225 -9.25 -10.76 37.10
N LEU E 226 -8.91 -10.30 35.90
CA LEU E 226 -8.53 -8.90 35.72
C LEU E 226 -9.76 -8.00 35.62
N ARG E 227 -10.93 -8.63 35.62
CA ARG E 227 -12.20 -7.90 35.70
C ARG E 227 -12.46 -7.18 34.39
N LYS E 228 -11.92 -7.73 33.32
CA LYS E 228 -12.15 -7.20 31.99
C LYS E 228 -13.61 -7.43 31.63
N SER E 229 -14.21 -6.48 30.92
CA SER E 229 -15.61 -6.59 30.55
C SER E 229 -15.81 -7.61 29.44
N GLU E 230 -14.89 -7.65 28.50
CA GLU E 230 -14.92 -8.63 27.43
C GLU E 230 -13.54 -9.18 27.15
N VAL E 231 -13.52 -10.38 26.61
CA VAL E 231 -12.31 -11.11 26.30
C VAL E 231 -12.55 -11.69 24.91
N TYR E 232 -11.59 -11.52 24.02
CA TYR E 232 -11.66 -12.10 22.68
C TYR E 232 -10.58 -13.14 22.45
N TYR E 233 -10.99 -14.35 22.07
CA TYR E 233 -10.04 -15.41 21.77
C TYR E 233 -10.44 -16.18 20.51
N ASP E 234 -9.61 -16.04 19.48
CA ASP E 234 -9.87 -16.57 18.14
C ASP E 234 -8.55 -16.56 17.39
N LYS E 235 -8.38 -17.49 16.45
CA LYS E 235 -7.09 -17.59 15.81
C LYS E 235 -6.76 -16.39 14.93
N SER E 236 -7.78 -15.67 14.48
CA SER E 236 -7.52 -14.51 13.62
C SER E 236 -7.26 -13.27 14.44
N PRO E 237 -6.18 -12.54 14.11
CA PRO E 237 -5.80 -11.27 14.74
C PRO E 237 -6.76 -10.13 14.38
N LEU E 238 -7.54 -10.34 13.32
CA LEU E 238 -8.44 -9.31 12.81
C LEU E 238 -9.79 -9.33 13.53
N THR E 239 -10.03 -10.39 14.28
CA THR E 239 -11.33 -10.58 14.91
C THR E 239 -11.65 -9.51 15.95
N PRO E 240 -10.72 -9.25 16.88
CA PRO E 240 -11.00 -8.30 17.97
C PRO E 240 -11.20 -6.84 17.52
N ILE E 241 -10.50 -6.43 16.46
CA ILE E 241 -10.70 -5.09 15.93
C ILE E 241 -11.98 -4.98 15.10
N LEU E 242 -12.33 -6.07 14.43
CA LEU E 242 -13.58 -6.14 13.67
C LEU E 242 -14.79 -6.33 14.57
N LEU E 243 -14.56 -6.40 15.88
CA LEU E 243 -15.65 -6.60 16.81
C LEU E 243 -15.66 -5.60 17.97
N GLY E 244 -14.83 -4.57 17.87
CA GLY E 244 -14.80 -3.57 18.92
C GLY E 244 -16.16 -2.93 19.12
N ASN E 245 -16.76 -2.51 18.01
CA ASN E 245 -18.03 -1.82 18.01
C ASN E 245 -18.00 -0.57 18.88
N PRO E 246 -17.30 0.48 18.40
CA PRO E 246 -17.11 1.72 19.17
C PRO E 246 -18.42 2.46 19.36
N GLY E 247 -19.23 2.48 18.30
CA GLY E 247 -20.52 3.13 18.36
C GLY E 247 -21.30 2.67 19.58
N ARG E 248 -21.52 1.36 19.68
CA ARG E 248 -22.27 0.80 20.80
C ARG E 248 -21.70 1.28 22.12
N LYS E 249 -20.38 1.27 22.24
CA LYS E 249 -19.74 1.77 23.45
C LYS E 249 -20.08 3.23 23.68
N ILE E 250 -20.02 4.02 22.62
CA ILE E 250 -20.33 5.45 22.71
C ILE E 250 -21.78 5.65 23.07
N MET E 251 -22.67 5.00 22.31
CA MET E 251 -24.09 5.09 22.60
C MET E 251 -24.34 4.73 24.04
N GLU E 252 -23.65 3.70 24.52
CA GLU E 252 -23.84 3.23 25.87
C GLU E 252 -23.32 4.25 26.86
N PHE E 253 -22.26 4.96 26.47
CA PHE E 253 -21.70 6.01 27.31
C PHE E 253 -22.67 7.16 27.54
N PHE E 254 -23.20 7.73 26.47
CA PHE E 254 -24.03 8.93 26.58
C PHE E 254 -25.46 8.65 27.00
N SER E 255 -25.91 7.41 26.83
CA SER E 255 -27.28 7.07 27.14
C SER E 255 -27.62 7.38 28.59
N LEU E 256 -26.65 7.17 29.49
CA LEU E 256 -26.87 7.39 30.91
C LEU E 256 -27.26 8.82 31.31
N ARG E 257 -27.10 9.77 30.39
CA ARG E 257 -27.44 11.16 30.69
C ARG E 257 -28.93 11.42 30.52
N TYR E 258 -29.70 10.34 30.41
CA TYR E 258 -31.14 10.46 30.24
C TYR E 258 -31.87 9.62 31.27
N TYR E 259 -31.19 9.29 32.37
CA TYR E 259 -31.83 8.63 33.49
C TYR E 259 -31.90 9.49 34.74
N ASN E 260 -32.98 9.28 35.50
CA ASN E 260 -33.15 9.88 36.81
C ASN E 260 -32.17 9.23 37.78
N LYS E 261 -31.13 9.98 38.15
CA LYS E 261 -30.10 9.48 39.06
C LYS E 261 -30.72 9.03 40.37
N ASP E 262 -31.90 9.57 40.67
CA ASP E 262 -32.58 9.27 41.93
C ASP E 262 -33.28 7.91 41.91
N MET E 263 -33.02 7.14 40.86
CA MET E 263 -33.55 5.78 40.79
C MET E 263 -32.47 4.73 41.00
N PHE E 264 -31.22 5.18 41.08
CA PHE E 264 -30.09 4.28 41.30
C PHE E 264 -29.71 4.26 42.79
N GLU F 1 -38.35 2.45 -5.38
CA GLU F 1 -38.91 3.08 -4.16
C GLU F 1 -40.32 2.54 -3.89
N PHE F 2 -40.83 2.77 -2.69
CA PHE F 2 -42.06 2.16 -2.24
C PHE F 2 -43.32 2.80 -2.84
N ARG F 3 -44.25 1.95 -3.25
CA ARG F 3 -45.58 2.40 -3.63
C ARG F 3 -46.64 1.52 -3.00
N PRO F 4 -47.74 2.12 -2.51
CA PRO F 4 -48.79 1.44 -1.74
C PRO F 4 -49.40 0.22 -2.44
N GLU F 5 -49.44 0.25 -3.76
CA GLU F 5 -49.99 -0.86 -4.55
C GLU F 5 -49.27 -2.18 -4.21
N MET F 6 -48.02 -2.10 -3.77
CA MET F 6 -47.30 -3.29 -3.35
C MET F 6 -48.09 -4.07 -2.29
N LEU F 7 -48.96 -3.38 -1.58
CA LEU F 7 -49.74 -4.05 -0.55
C LEU F 7 -51.21 -4.16 -0.91
N GLN F 8 -51.53 -3.83 -2.15
CA GLN F 8 -52.89 -3.96 -2.68
C GLN F 8 -53.32 -5.43 -2.69
N GLY F 9 -54.30 -5.74 -1.85
CA GLY F 9 -54.80 -7.11 -1.79
C GLY F 9 -53.75 -8.13 -1.39
N LYS F 10 -52.74 -7.70 -0.63
CA LYS F 10 -51.77 -8.62 -0.06
C LYS F 10 -52.28 -9.18 1.26
N LYS F 11 -51.76 -10.34 1.67
CA LYS F 11 -52.20 -11.01 2.89
C LYS F 11 -51.23 -10.75 4.05
N VAL F 12 -51.67 -9.94 5.00
CA VAL F 12 -50.79 -9.50 6.08
C VAL F 12 -51.31 -9.91 7.46
N ILE F 13 -50.40 -10.44 8.29
CA ILE F 13 -50.69 -10.63 9.70
C ILE F 13 -49.92 -9.59 10.50
N VAL F 14 -50.59 -8.94 11.45
CA VAL F 14 -49.93 -8.07 12.40
C VAL F 14 -50.27 -8.54 13.80
N THR F 15 -49.27 -8.79 14.63
CA THR F 15 -49.57 -9.05 16.03
C THR F 15 -49.43 -7.76 16.81
N GLY F 16 -50.11 -7.72 17.96
CA GLY F 16 -50.04 -6.57 18.85
C GLY F 16 -50.75 -5.40 18.23
N ALA F 17 -51.92 -5.65 17.65
CA ALA F 17 -52.55 -4.67 16.78
C ALA F 17 -53.64 -3.82 17.46
N SER F 18 -53.92 -4.08 18.73
CA SER F 18 -55.02 -3.37 19.38
C SER F 18 -54.66 -1.92 19.72
N LYS F 19 -53.35 -1.65 19.80
CA LYS F 19 -52.89 -0.31 20.07
C LYS F 19 -51.44 -0.08 19.63
N GLY F 20 -50.92 1.09 19.99
CA GLY F 20 -49.57 1.47 19.60
C GLY F 20 -49.24 1.36 18.12
N ILE F 21 -47.97 1.05 17.87
CA ILE F 21 -47.42 0.92 16.53
C ILE F 21 -48.22 -0.09 15.73
N GLY F 22 -48.54 -1.22 16.37
CA GLY F 22 -49.30 -2.27 15.70
C GLY F 22 -50.65 -1.78 15.17
N ARG F 23 -51.37 -1.00 15.99
CA ARG F 23 -52.61 -0.45 15.55
C ARG F 23 -52.40 0.49 14.35
N GLU F 24 -51.37 1.34 14.43
CA GLU F 24 -51.10 2.29 13.36
C GLU F 24 -50.73 1.53 12.09
N MET F 25 -50.09 0.37 12.26
CA MET F 25 -49.72 -0.44 11.09
C MET F 25 -50.96 -0.99 10.38
N ALA F 26 -51.95 -1.43 11.16
CA ALA F 26 -53.22 -1.91 10.59
C ALA F 26 -53.82 -0.84 9.71
N TYR F 27 -53.85 0.40 10.19
CA TYR F 27 -54.53 1.48 9.50
C TYR F 27 -53.85 1.77 8.15
N HIS F 28 -52.52 1.86 8.17
CA HIS F 28 -51.72 2.03 6.96
C HIS F 28 -51.99 0.90 5.97
N LEU F 29 -51.93 -0.32 6.48
CA LEU F 29 -52.18 -1.49 5.65
C LEU F 29 -53.57 -1.43 5.04
N SER F 30 -54.56 -1.07 5.87
CA SER F 30 -55.94 -1.00 5.43
C SER F 30 -56.13 0.06 4.37
N LYS F 31 -55.45 1.19 4.56
CA LYS F 31 -55.54 2.28 3.61
C LYS F 31 -54.97 1.84 2.27
N MET F 32 -53.94 1.01 2.31
CA MET F 32 -53.35 0.46 1.10
C MET F 32 -54.21 -0.64 0.47
N GLY F 33 -55.33 -0.96 1.10
CA GLY F 33 -56.22 -1.96 0.55
C GLY F 33 -55.76 -3.40 0.70
N ALA F 34 -55.12 -3.72 1.82
CA ALA F 34 -54.69 -5.08 2.06
C ALA F 34 -55.74 -5.88 2.82
N HIS F 35 -55.61 -7.19 2.76
CA HIS F 35 -56.27 -8.08 3.71
C HIS F 35 -55.42 -8.13 4.96
N VAL F 36 -56.06 -8.12 6.13
CA VAL F 36 -55.34 -8.22 7.40
C VAL F 36 -55.99 -9.14 8.42
N VAL F 37 -55.16 -9.88 9.14
CA VAL F 37 -55.60 -10.57 10.34
C VAL F 37 -54.84 -10.03 11.54
N LEU F 38 -55.58 -9.58 12.53
CA LEU F 38 -55.02 -8.86 13.66
C LEU F 38 -55.21 -9.66 14.94
N THR F 39 -54.27 -9.52 15.87
CA THR F 39 -54.38 -10.27 17.11
C THR F 39 -53.79 -9.47 18.28
N ALA F 40 -54.26 -9.78 19.49
CA ALA F 40 -53.83 -9.16 20.73
C ALA F 40 -54.65 -9.85 21.84
N ARG F 41 -54.56 -9.40 23.08
CA ARG F 41 -55.41 -10.00 24.12
C ARG F 41 -56.81 -9.36 24.21
N SER F 42 -56.90 -8.06 23.93
CA SER F 42 -58.17 -7.37 24.07
C SER F 42 -59.12 -7.58 22.90
N GLU F 43 -60.15 -8.41 23.12
CA GLU F 43 -61.15 -8.65 22.10
C GLU F 43 -61.81 -7.37 21.62
N GLU F 44 -62.09 -6.46 22.55
CA GLU F 44 -62.73 -5.19 22.23
C GLU F 44 -61.79 -4.19 21.56
N GLY F 45 -60.55 -4.13 22.04
CA GLY F 45 -59.55 -3.32 21.36
C GLY F 45 -59.34 -3.79 19.93
N LEU F 46 -59.36 -5.11 19.73
CA LEU F 46 -59.28 -5.69 18.40
C LEU F 46 -60.54 -5.45 17.56
N GLN F 47 -61.70 -5.59 18.18
CA GLN F 47 -62.94 -5.31 17.48
C GLN F 47 -62.96 -3.90 16.92
N LYS F 48 -62.42 -2.94 17.68
CA LYS F 48 -62.47 -1.55 17.28
C LYS F 48 -61.55 -1.29 16.11
N VAL F 49 -60.37 -1.89 16.16
CA VAL F 49 -59.37 -1.65 15.15
C VAL F 49 -59.81 -2.21 13.81
N VAL F 50 -60.22 -3.47 13.78
CA VAL F 50 -60.72 -4.09 12.56
C VAL F 50 -61.90 -3.30 11.98
N SER F 51 -62.75 -2.81 12.86
CA SER F 51 -63.91 -2.04 12.41
C SER F 51 -63.46 -0.77 11.67
N ARG F 52 -62.41 -0.12 12.18
CA ARG F 52 -61.89 1.09 11.56
C ARG F 52 -61.07 0.76 10.29
N CYS F 53 -60.42 -0.40 10.30
CA CYS F 53 -59.72 -0.87 9.11
C CYS F 53 -60.65 -0.96 7.89
N LEU F 54 -61.84 -1.55 8.07
CA LEU F 54 -62.75 -1.80 6.95
C LEU F 54 -63.20 -0.51 6.30
N GLU F 55 -63.61 0.44 7.14
CA GLU F 55 -64.04 1.72 6.62
C GLU F 55 -62.88 2.50 6.00
N LEU F 56 -61.65 2.09 6.33
CA LEU F 56 -60.45 2.68 5.77
C LEU F 56 -60.13 2.08 4.39
N GLY F 57 -60.70 0.91 4.11
CA GLY F 57 -60.51 0.31 2.79
C GLY F 57 -59.85 -1.06 2.78
N ALA F 58 -59.68 -1.66 3.96
CA ALA F 58 -59.10 -3.00 4.01
C ALA F 58 -59.90 -3.92 3.11
N ALA F 59 -59.22 -4.72 2.31
CA ALA F 59 -59.86 -5.69 1.42
C ALA F 59 -60.72 -6.62 2.27
N SER F 60 -60.21 -6.93 3.45
CA SER F 60 -60.95 -7.63 4.47
C SER F 60 -60.11 -7.52 5.72
N ALA F 61 -60.62 -8.06 6.83
CA ALA F 61 -60.07 -7.72 8.12
C ALA F 61 -60.78 -8.53 9.20
N HIS F 62 -60.04 -9.44 9.82
CA HIS F 62 -60.52 -10.24 10.94
C HIS F 62 -59.52 -10.11 12.09
N TYR F 63 -59.95 -10.53 13.28
CA TYR F 63 -59.05 -10.59 14.43
C TYR F 63 -59.21 -11.94 15.11
N ILE F 64 -58.22 -12.31 15.93
CA ILE F 64 -58.28 -13.48 16.78
C ILE F 64 -57.57 -13.05 18.05
N ALA F 65 -58.21 -13.28 19.19
CA ALA F 65 -57.68 -12.77 20.45
C ALA F 65 -57.06 -13.91 21.23
N GLY F 66 -55.97 -13.61 21.93
CA GLY F 66 -55.36 -14.58 22.80
C GLY F 66 -54.17 -13.96 23.47
N THR F 67 -53.45 -14.75 24.26
CA THR F 67 -52.20 -14.30 24.83
C THR F 67 -51.04 -15.00 24.14
N MET F 68 -50.06 -14.22 23.72
CA MET F 68 -48.91 -14.75 23.01
C MET F 68 -47.94 -15.42 24.01
N GLU F 69 -48.39 -15.59 25.25
CA GLU F 69 -47.68 -16.39 26.22
C GLU F 69 -48.05 -17.87 26.07
N ASP F 70 -49.07 -18.14 25.28
CA ASP F 70 -49.47 -19.51 24.99
C ASP F 70 -48.91 -19.97 23.63
N MET F 71 -47.86 -20.78 23.65
CA MET F 71 -47.24 -21.17 22.39
C MET F 71 -48.21 -21.92 21.47
N THR F 72 -49.12 -22.69 22.05
CA THR F 72 -50.14 -23.39 21.26
C THR F 72 -51.03 -22.42 20.52
N PHE F 73 -51.48 -21.38 21.22
CA PHE F 73 -52.29 -20.34 20.57
C PHE F 73 -51.52 -19.62 19.46
N ALA F 74 -50.19 -19.58 19.58
CA ALA F 74 -49.33 -18.84 18.66
C ALA F 74 -49.32 -19.44 17.26
N GLU F 75 -49.28 -20.77 17.20
CA GLU F 75 -49.22 -21.40 15.90
C GLU F 75 -50.63 -21.54 15.34
N GLN F 76 -51.55 -22.04 16.16
CA GLN F 76 -52.92 -22.16 15.71
C GLN F 76 -53.40 -20.83 15.15
N PHE F 77 -53.05 -19.75 15.83
CA PHE F 77 -53.33 -18.42 15.30
C PHE F 77 -52.84 -18.24 13.85
N ILE F 78 -51.55 -18.50 13.59
CA ILE F 78 -50.99 -18.40 12.24
C ILE F 78 -51.78 -19.26 11.25
N VAL F 79 -52.14 -20.46 11.67
CA VAL F 79 -52.83 -21.39 10.81
C VAL F 79 -54.26 -20.96 10.45
N LYS F 80 -55.03 -20.50 11.44
CA LYS F 80 -56.37 -19.99 11.18
C LYS F 80 -56.35 -18.73 10.31
N ALA F 81 -55.43 -17.81 10.59
CA ALA F 81 -55.36 -16.56 9.84
C ALA F 81 -55.12 -16.84 8.36
N GLY F 82 -54.33 -17.87 8.09
CA GLY F 82 -53.96 -18.19 6.72
C GLY F 82 -55.11 -18.84 5.97
N LYS F 83 -55.95 -19.56 6.72
CA LYS F 83 -57.15 -20.10 6.13
C LYS F 83 -58.13 -18.97 5.83
N LEU F 84 -58.19 -18.00 6.72
CA LEU F 84 -59.08 -16.86 6.48
C LEU F 84 -58.74 -16.12 5.20
N MET F 85 -57.46 -15.94 4.92
CA MET F 85 -57.06 -15.14 3.77
C MET F 85 -56.70 -16.03 2.59
N GLY F 86 -56.61 -17.34 2.82
CA GLY F 86 -56.17 -18.23 1.77
C GLY F 86 -54.73 -17.94 1.40
N GLY F 87 -53.87 -17.79 2.40
CA GLY F 87 -52.46 -17.55 2.15
C GLY F 87 -51.89 -16.51 3.10
N LEU F 88 -50.61 -16.21 2.91
CA LEU F 88 -49.94 -15.19 3.70
C LEU F 88 -48.79 -14.54 2.92
N ASP F 89 -48.85 -13.23 2.79
CA ASP F 89 -47.81 -12.45 2.14
C ASP F 89 -46.80 -11.85 3.13
N MET F 90 -47.31 -11.28 4.22
CA MET F 90 -46.44 -10.58 5.15
C MET F 90 -46.81 -10.88 6.60
N LEU F 91 -45.79 -11.29 7.37
CA LEU F 91 -45.97 -11.59 8.79
C LEU F 91 -45.28 -10.51 9.64
N ILE F 92 -46.06 -9.73 10.40
CA ILE F 92 -45.43 -8.71 11.24
C ILE F 92 -45.49 -9.06 12.71
N LEU F 93 -44.33 -9.33 13.30
CA LEU F 93 -44.24 -9.74 14.69
C LEU F 93 -43.90 -8.53 15.53
N ASN F 94 -44.90 -8.06 16.28
CA ASN F 94 -44.85 -6.73 16.89
C ASN F 94 -45.16 -6.72 18.39
N HIS F 95 -46.05 -7.59 18.84
CA HIS F 95 -46.44 -7.62 20.24
C HIS F 95 -45.22 -7.80 21.16
N ILE F 96 -45.36 -7.38 22.42
CA ILE F 96 -44.38 -7.67 23.50
C ILE F 96 -45.15 -7.78 24.81
N THR F 97 -44.58 -8.45 25.80
CA THR F 97 -45.26 -8.50 27.09
C THR F 97 -45.04 -7.21 27.88
N GLN F 98 -45.95 -6.95 28.83
CA GLN F 98 -45.87 -5.79 29.70
C GLN F 98 -44.45 -5.66 30.24
N THR F 99 -43.89 -4.47 30.09
CA THR F 99 -42.53 -4.20 30.52
C THR F 99 -42.44 -2.91 31.30
N SER F 100 -41.85 -2.99 32.47
CA SER F 100 -41.53 -1.81 33.25
C SER F 100 -40.04 -1.50 33.22
N LEU F 101 -39.69 -0.25 33.51
CA LEU F 101 -38.31 0.09 33.81
C LEU F 101 -38.06 -0.23 35.27
N SER F 102 -36.94 -0.90 35.53
CA SER F 102 -36.46 -1.13 36.89
C SER F 102 -35.17 -1.95 36.84
N LEU F 103 -34.29 -1.69 37.81
CA LEU F 103 -33.12 -2.52 38.03
C LEU F 103 -33.55 -3.95 38.31
N PHE F 104 -32.80 -4.91 37.77
CA PHE F 104 -33.19 -6.31 37.84
C PHE F 104 -32.84 -6.89 39.19
N HIS F 105 -33.78 -7.60 39.82
CA HIS F 105 -33.52 -8.17 41.12
C HIS F 105 -34.29 -9.45 41.46
N ASP F 106 -33.74 -10.59 41.05
CA ASP F 106 -34.21 -11.90 41.48
C ASP F 106 -35.38 -12.44 40.67
N ASP F 107 -35.94 -11.64 39.77
CA ASP F 107 -37.10 -12.07 39.02
C ASP F 107 -36.74 -12.98 37.86
N ILE F 108 -36.93 -14.28 38.08
CA ILE F 108 -36.63 -15.30 37.08
C ILE F 108 -37.81 -15.58 36.18
N HIS F 109 -38.96 -15.85 36.81
CA HIS F 109 -40.16 -16.16 36.06
C HIS F 109 -40.53 -14.97 35.20
N SER F 110 -40.20 -13.78 35.68
CA SER F 110 -40.35 -12.57 34.89
C SER F 110 -39.50 -12.66 33.63
N VAL F 111 -38.22 -12.98 33.79
CA VAL F 111 -37.33 -13.19 32.65
C VAL F 111 -37.90 -14.27 31.72
N ARG F 112 -38.30 -15.41 32.29
CA ARG F 112 -38.83 -16.50 31.49
C ARG F 112 -40.07 -16.08 30.70
N ARG F 113 -41.00 -15.42 31.37
CA ARG F 113 -42.23 -15.01 30.70
C ARG F 113 -41.91 -14.02 29.58
N VAL F 114 -41.02 -13.08 29.86
CA VAL F 114 -40.55 -12.14 28.86
C VAL F 114 -39.94 -12.87 27.65
N MET F 115 -39.15 -13.90 27.90
CA MET F 115 -38.48 -14.60 26.80
C MET F 115 -39.48 -15.47 26.01
N GLU F 116 -40.56 -15.90 26.67
CA GLU F 116 -41.61 -16.68 25.99
C GLU F 116 -42.40 -15.78 25.04
N VAL F 117 -42.88 -14.65 25.55
CA VAL F 117 -43.67 -13.75 24.75
C VAL F 117 -42.81 -12.98 23.74
N ASN F 118 -41.69 -12.44 24.18
CA ASN F 118 -40.98 -11.47 23.36
C ASN F 118 -40.14 -12.17 22.31
N PHE F 119 -39.92 -13.47 22.50
CA PHE F 119 -39.05 -14.21 21.60
C PHE F 119 -39.57 -15.56 21.08
N LEU F 120 -39.99 -16.45 21.97
CA LEU F 120 -40.32 -17.81 21.54
C LEU F 120 -41.59 -17.86 20.68
N SER F 121 -42.55 -17.01 20.99
CA SER F 121 -43.76 -16.90 20.17
C SER F 121 -43.43 -16.36 18.76
N TYR F 122 -42.40 -15.54 18.68
CA TYR F 122 -41.87 -15.07 17.40
C TYR F 122 -41.33 -16.25 16.60
N VAL F 123 -40.67 -17.16 17.29
CA VAL F 123 -40.06 -18.29 16.60
C VAL F 123 -41.11 -19.32 16.21
N VAL F 124 -42.05 -19.58 17.10
CA VAL F 124 -43.21 -20.40 16.76
C VAL F 124 -43.91 -19.84 15.52
N MET F 125 -44.29 -18.56 15.57
CA MET F 125 -45.09 -18.00 14.49
C MET F 125 -44.31 -17.94 13.19
N SER F 126 -42.99 -17.78 13.27
CA SER F 126 -42.21 -17.71 12.04
C SER F 126 -42.09 -19.11 11.48
N THR F 127 -42.05 -20.11 12.35
CA THR F 127 -41.99 -21.49 11.91
C THR F 127 -43.28 -21.87 11.21
N ALA F 128 -44.42 -21.43 11.74
CA ALA F 128 -45.71 -21.83 11.22
C ALA F 128 -46.09 -21.03 9.97
N ALA F 129 -45.61 -19.81 9.87
CA ALA F 129 -45.97 -18.91 8.78
C ALA F 129 -45.15 -19.23 7.55
N LEU F 130 -43.97 -19.80 7.80
CA LEU F 130 -42.90 -19.91 6.81
C LEU F 130 -43.35 -20.62 5.52
N PRO F 131 -44.01 -21.78 5.65
CA PRO F 131 -44.52 -22.48 4.47
C PRO F 131 -45.43 -21.65 3.57
N MET F 132 -46.39 -20.93 4.14
CA MET F 132 -47.23 -20.04 3.34
C MET F 132 -46.42 -18.92 2.71
N LEU F 133 -45.41 -18.46 3.44
CA LEU F 133 -44.50 -17.42 2.94
C LEU F 133 -43.61 -17.90 1.77
N LYS F 134 -43.10 -19.12 1.86
CA LYS F 134 -42.24 -19.66 0.80
C LYS F 134 -43.02 -19.71 -0.51
N GLN F 135 -44.27 -20.10 -0.41
CA GLN F 135 -45.14 -20.23 -1.57
C GLN F 135 -45.38 -18.87 -2.23
N SER F 136 -45.39 -17.80 -1.43
CA SER F 136 -45.69 -16.47 -1.95
C SER F 136 -44.47 -15.56 -2.10
N ASN F 137 -43.28 -16.09 -1.82
CA ASN F 137 -42.07 -15.27 -1.77
C ASN F 137 -42.22 -14.09 -0.83
N GLY F 138 -42.81 -14.34 0.32
CA GLY F 138 -43.21 -13.25 1.20
C GLY F 138 -42.08 -12.68 2.05
N SER F 139 -42.44 -12.15 3.21
CA SER F 139 -41.45 -11.50 4.07
C SER F 139 -41.94 -11.36 5.50
N ILE F 140 -40.99 -11.23 6.43
CA ILE F 140 -41.33 -11.10 7.84
C ILE F 140 -40.75 -9.81 8.40
N ALA F 141 -41.58 -9.03 9.07
CA ALA F 141 -41.09 -7.92 9.89
C ALA F 141 -40.91 -8.35 11.36
N VAL F 142 -39.71 -8.13 11.88
CA VAL F 142 -39.38 -8.43 13.26
C VAL F 142 -39.02 -7.14 13.98
N ILE F 143 -39.96 -6.63 14.77
CA ILE F 143 -39.81 -5.32 15.41
C ILE F 143 -38.95 -5.39 16.68
N SER F 144 -37.83 -4.69 16.66
CA SER F 144 -36.91 -4.67 17.80
C SER F 144 -36.63 -3.23 18.23
N SER F 145 -35.42 -2.99 18.75
CA SER F 145 -35.15 -1.76 19.48
C SER F 145 -33.66 -1.46 19.50
N LEU F 146 -33.31 -0.20 19.73
CA LEU F 146 -31.94 0.18 20.05
C LEU F 146 -31.44 -0.69 21.20
N ALA F 147 -32.36 -1.02 22.11
CA ALA F 147 -32.04 -1.88 23.24
C ALA F 147 -31.91 -3.32 22.78
N GLY F 148 -32.05 -3.53 21.47
CA GLY F 148 -31.75 -4.83 20.90
C GLY F 148 -30.44 -4.83 20.10
N LYS F 149 -29.71 -3.72 20.17
CA LYS F 149 -28.48 -3.53 19.40
C LYS F 149 -27.42 -3.04 20.34
N VAL F 150 -27.86 -2.29 21.35
CA VAL F 150 -26.98 -1.85 22.41
C VAL F 150 -27.78 -2.00 23.71
N THR F 151 -27.16 -1.75 24.86
CA THR F 151 -27.88 -1.97 26.10
C THR F 151 -28.13 -0.72 26.95
N TYR F 152 -29.14 -0.79 27.81
CA TYR F 152 -29.50 0.29 28.73
C TYR F 152 -29.81 -0.25 30.14
N PRO F 153 -29.61 0.59 31.16
CA PRO F 153 -30.00 0.21 32.51
C PRO F 153 -31.52 -0.02 32.60
N MET F 154 -31.95 -0.85 33.54
CA MET F 154 -33.37 -1.05 33.85
C MET F 154 -34.24 -1.78 32.82
N VAL F 155 -33.64 -2.45 31.85
CA VAL F 155 -34.44 -3.23 30.89
C VAL F 155 -33.76 -4.53 30.44
N ALA F 156 -33.07 -5.18 31.37
CA ALA F 156 -32.23 -6.34 31.06
C ALA F 156 -33.02 -7.45 30.39
N PRO F 157 -34.15 -7.85 30.99
CA PRO F 157 -34.91 -8.96 30.41
C PRO F 157 -35.39 -8.62 28.98
N TYR F 158 -36.01 -7.46 28.84
CA TYR F 158 -36.48 -6.97 27.56
C TYR F 158 -35.36 -6.99 26.50
N SER F 159 -34.20 -6.44 26.85
CA SER F 159 -33.11 -6.37 25.89
C SER F 159 -32.60 -7.77 25.55
N ALA F 160 -32.56 -8.64 26.55
CA ALA F 160 -32.18 -10.02 26.34
C ALA F 160 -33.03 -10.65 25.24
N SER F 161 -34.34 -10.36 25.24
CA SER F 161 -35.24 -10.90 24.23
C SER F 161 -35.10 -10.24 22.86
N LYS F 162 -34.62 -9.00 22.82
CA LYS F 162 -34.41 -8.31 21.55
C LYS F 162 -33.07 -8.72 20.91
N PHE F 163 -32.03 -8.81 21.71
CA PHE F 163 -30.79 -9.34 21.19
C PHE F 163 -31.09 -10.71 20.59
N ALA F 164 -31.77 -11.54 21.37
CA ALA F 164 -32.02 -12.91 20.95
C ALA F 164 -32.78 -12.95 19.63
N LEU F 165 -33.58 -11.92 19.37
CA LEU F 165 -34.29 -11.83 18.09
C LEU F 165 -33.35 -11.57 16.90
N ASP F 166 -32.28 -10.81 17.13
CA ASP F 166 -31.36 -10.47 16.06
C ASP F 166 -30.53 -11.71 15.71
N GLY F 167 -30.08 -12.42 16.74
CA GLY F 167 -29.30 -13.63 16.51
C GLY F 167 -30.08 -14.71 15.76
N PHE F 168 -31.31 -14.96 16.18
CA PHE F 168 -32.09 -16.03 15.56
C PHE F 168 -32.43 -15.69 14.11
N PHE F 169 -33.08 -14.55 13.94
CA PHE F 169 -33.68 -14.19 12.66
C PHE F 169 -32.65 -13.75 11.61
N SER F 170 -31.55 -13.15 12.05
CA SER F 170 -30.41 -12.92 11.16
C SER F 170 -29.80 -14.22 10.63
N THR F 171 -29.85 -15.28 11.44
CA THR F 171 -29.41 -16.59 10.98
C THR F 171 -30.39 -17.13 9.93
N ILE F 172 -31.67 -17.14 10.29
CA ILE F 172 -32.75 -17.53 9.40
C ILE F 172 -32.63 -16.73 8.08
N ARG F 173 -32.42 -15.42 8.20
CA ARG F 173 -32.34 -14.59 7.02
C ARG F 173 -31.26 -15.10 6.06
N THR F 174 -30.02 -15.08 6.52
CA THR F 174 -28.89 -15.62 5.75
C THR F 174 -29.18 -17.04 5.26
N GLU F 175 -29.68 -17.89 6.14
CA GLU F 175 -29.95 -19.29 5.78
C GLU F 175 -30.92 -19.32 4.60
N LEU F 176 -31.80 -18.33 4.54
CA LEU F 176 -32.75 -18.25 3.45
C LEU F 176 -32.03 -17.84 2.18
N TYR F 177 -31.13 -16.87 2.31
CA TYR F 177 -30.43 -16.35 1.16
C TYR F 177 -29.52 -17.37 0.47
N ILE F 178 -28.79 -18.17 1.24
CA ILE F 178 -27.85 -19.11 0.62
C ILE F 178 -28.50 -20.40 0.10
N THR F 179 -29.77 -20.62 0.45
CA THR F 179 -30.52 -21.78 -0.05
C THR F 179 -31.51 -21.32 -1.12
N LYS F 180 -31.49 -20.02 -1.39
CA LYS F 180 -32.24 -19.42 -2.50
C LYS F 180 -33.75 -19.41 -2.28
N VAL F 181 -34.16 -19.31 -1.01
CA VAL F 181 -35.58 -19.16 -0.69
C VAL F 181 -35.92 -17.67 -0.63
N ASN F 182 -36.80 -17.22 -1.54
CA ASN F 182 -37.07 -15.80 -1.70
C ASN F 182 -38.05 -15.29 -0.64
N VAL F 183 -37.66 -15.44 0.62
CA VAL F 183 -38.38 -14.89 1.77
C VAL F 183 -37.47 -13.87 2.45
N SER F 184 -37.92 -12.63 2.58
CA SER F 184 -37.11 -11.60 3.21
C SER F 184 -37.48 -11.39 4.68
N ILE F 185 -36.46 -11.01 5.47
CA ILE F 185 -36.58 -10.83 6.90
C ILE F 185 -36.03 -9.44 7.28
N THR F 186 -36.90 -8.59 7.82
CA THR F 186 -36.52 -7.24 8.22
C THR F 186 -36.52 -7.06 9.74
N LEU F 187 -35.36 -6.80 10.32
CA LEU F 187 -35.25 -6.42 11.73
C LEU F 187 -35.42 -4.91 11.84
N CYS F 188 -36.43 -4.47 12.57
CA CYS F 188 -36.75 -3.04 12.64
C CYS F 188 -36.26 -2.45 13.95
N VAL F 189 -35.26 -1.57 13.87
CA VAL F 189 -34.60 -1.03 15.05
C VAL F 189 -35.20 0.32 15.42
N LEU F 190 -35.99 0.34 16.48
CA LEU F 190 -36.77 1.50 16.85
C LEU F 190 -36.22 2.20 18.09
N GLY F 191 -36.13 3.53 18.02
CA GLY F 191 -35.90 4.32 19.21
C GLY F 191 -37.21 4.63 19.89
N LEU F 192 -37.19 5.56 20.85
CA LEU F 192 -38.39 5.87 21.64
C LEU F 192 -39.53 6.36 20.77
N ILE F 193 -40.67 5.67 20.85
CA ILE F 193 -41.81 5.97 20.00
C ILE F 193 -42.97 6.37 20.90
N ASP F 194 -43.69 7.41 20.49
CA ASP F 194 -44.63 8.09 21.37
C ASP F 194 -45.94 7.33 21.63
N THR F 195 -45.84 6.01 21.83
CA THR F 195 -47.00 5.24 22.25
C THR F 195 -47.34 5.53 23.71
N GLU F 196 -48.59 5.36 24.08
CA GLU F 196 -49.03 5.62 25.44
C GLU F 196 -48.31 4.78 26.50
N THR F 197 -48.12 3.50 26.20
CA THR F 197 -47.50 2.59 27.14
C THR F 197 -46.03 2.95 27.36
N ALA F 198 -45.27 3.11 26.28
CA ALA F 198 -43.89 3.56 26.37
C ALA F 198 -43.75 4.88 27.13
N MET F 199 -44.54 5.89 26.74
CA MET F 199 -44.51 7.17 27.43
C MET F 199 -44.77 7.00 28.92
N LYS F 200 -45.84 6.28 29.28
CA LYS F 200 -46.09 5.95 30.67
C LYS F 200 -44.91 5.23 31.35
N ALA F 201 -44.23 4.35 30.63
CA ALA F 201 -43.16 3.55 31.23
C ALA F 201 -41.89 4.36 31.42
N VAL F 202 -41.65 5.33 30.54
CA VAL F 202 -40.45 6.15 30.63
C VAL F 202 -40.64 7.38 31.53
N SER F 203 -41.88 7.66 31.90
CA SER F 203 -42.21 8.90 32.59
C SER F 203 -41.49 9.01 33.93
N GLY F 204 -40.74 10.09 34.11
CA GLY F 204 -40.07 10.32 35.38
C GLY F 204 -38.83 9.47 35.53
N ILE F 205 -38.59 8.59 34.56
CA ILE F 205 -37.44 7.71 34.60
C ILE F 205 -36.45 8.03 33.49
N VAL F 206 -36.91 8.14 32.26
CA VAL F 206 -36.05 8.56 31.16
C VAL F 206 -36.59 9.82 30.47
N ASN F 207 -35.71 10.79 30.28
CA ASN F 207 -36.09 12.06 29.67
C ASN F 207 -35.48 12.16 28.28
N ALA F 208 -36.05 11.41 27.34
CA ALA F 208 -35.61 11.46 25.95
C ALA F 208 -36.79 11.93 25.10
N GLN F 209 -36.50 12.35 23.87
CA GLN F 209 -37.54 12.72 22.94
C GLN F 209 -38.05 11.50 22.19
N ALA F 210 -39.36 11.42 22.02
CA ALA F 210 -39.98 10.35 21.25
C ALA F 210 -40.21 10.76 19.80
N SER F 211 -40.36 9.75 18.95
CA SER F 211 -40.75 9.97 17.56
C SER F 211 -42.18 9.50 17.39
N PRO F 212 -42.86 10.00 16.35
CA PRO F 212 -44.28 9.69 16.12
C PRO F 212 -44.54 8.26 15.67
N LYS F 213 -45.52 7.63 16.31
CA LYS F 213 -45.85 6.23 16.08
C LYS F 213 -46.44 5.97 14.70
N GLU F 214 -47.03 6.99 14.10
CA GLU F 214 -47.63 6.84 12.77
C GLU F 214 -46.56 6.68 11.71
N GLU F 215 -45.62 7.64 11.64
CA GLU F 215 -44.55 7.57 10.66
C GLU F 215 -43.69 6.33 10.86
N CYS F 216 -43.46 6.00 12.13
CA CYS F 216 -42.76 4.77 12.51
C CYS F 216 -43.40 3.51 11.92
N ALA F 217 -44.70 3.35 12.13
CA ALA F 217 -45.43 2.22 11.57
C ALA F 217 -45.27 2.19 10.05
N LEU F 218 -45.27 3.37 9.44
CA LEU F 218 -45.22 3.46 7.98
C LEU F 218 -43.84 3.06 7.45
N GLU F 219 -42.79 3.49 8.14
CA GLU F 219 -41.44 3.09 7.80
C GLU F 219 -41.24 1.58 7.88
N ILE F 220 -41.83 0.97 8.89
CA ILE F 220 -41.79 -0.48 9.07
C ILE F 220 -42.40 -1.18 7.85
N ILE F 221 -43.58 -0.71 7.44
CA ILE F 221 -44.24 -1.29 6.29
C ILE F 221 -43.48 -1.05 4.98
N LYS F 222 -42.85 0.11 4.83
CA LYS F 222 -42.05 0.37 3.64
C LYS F 222 -40.78 -0.49 3.60
N GLY F 223 -40.02 -0.47 4.68
CA GLY F 223 -38.76 -1.21 4.74
C GLY F 223 -38.96 -2.70 4.58
N THR F 224 -40.07 -3.21 5.12
CA THR F 224 -40.39 -4.62 4.99
C THR F 224 -40.85 -4.96 3.58
N ALA F 225 -41.57 -4.05 2.96
CA ALA F 225 -42.04 -4.30 1.60
C ALA F 225 -40.86 -4.23 0.65
N LEU F 226 -39.92 -3.32 0.95
CA LEU F 226 -38.73 -3.21 0.13
C LEU F 226 -37.71 -4.29 0.45
N ARG F 227 -38.06 -5.17 1.37
CA ARG F 227 -37.29 -6.38 1.66
C ARG F 227 -35.91 -6.04 2.18
N LYS F 228 -35.81 -4.92 2.89
CA LYS F 228 -34.57 -4.52 3.53
C LYS F 228 -34.25 -5.44 4.69
N SER F 229 -32.98 -5.53 5.06
CA SER F 229 -32.57 -6.39 6.15
C SER F 229 -32.87 -5.73 7.49
N GLU F 230 -32.59 -4.43 7.58
CA GLU F 230 -32.85 -3.69 8.81
C GLU F 230 -33.38 -2.27 8.57
N VAL F 231 -34.36 -1.89 9.38
CA VAL F 231 -34.87 -0.53 9.40
C VAL F 231 -34.50 0.15 10.73
N TYR F 232 -33.92 1.34 10.67
CA TYR F 232 -33.64 2.10 11.88
C TYR F 232 -34.56 3.31 11.86
N TYR F 233 -35.26 3.53 12.96
CA TYR F 233 -36.14 4.67 13.05
C TYR F 233 -36.03 5.28 14.44
N ASP F 234 -35.30 6.38 14.50
CA ASP F 234 -35.00 7.05 15.76
C ASP F 234 -35.02 8.56 15.51
N LYS F 235 -35.26 9.36 16.55
CA LYS F 235 -35.31 10.79 16.32
C LYS F 235 -33.91 11.34 16.03
N SER F 236 -32.89 10.61 16.48
CA SER F 236 -31.50 11.04 16.30
C SER F 236 -30.90 10.46 15.03
N PRO F 237 -30.71 11.30 14.01
CA PRO F 237 -30.08 10.87 12.75
C PRO F 237 -28.63 10.46 12.95
N LEU F 238 -28.16 10.52 14.18
CA LEU F 238 -26.81 10.06 14.50
C LEU F 238 -26.88 8.64 15.05
N THR F 239 -27.90 7.90 14.64
CA THR F 239 -28.11 6.54 15.14
C THR F 239 -27.68 5.47 14.14
N PRO F 240 -28.29 5.45 12.95
CA PRO F 240 -27.98 4.35 12.03
C PRO F 240 -26.50 4.25 11.69
N ILE F 241 -25.76 5.33 11.90
CA ILE F 241 -24.33 5.32 11.68
C ILE F 241 -23.60 4.83 12.92
N LEU F 242 -24.12 5.20 14.10
CA LEU F 242 -23.54 4.78 15.38
C LEU F 242 -23.75 3.30 15.62
N LEU F 243 -24.73 2.72 14.93
CA LEU F 243 -24.97 1.30 15.02
C LEU F 243 -24.75 0.64 13.67
N GLY F 244 -23.83 1.19 12.89
CA GLY F 244 -23.50 0.59 11.61
C GLY F 244 -22.92 -0.80 11.82
N ASN F 245 -21.88 -0.87 12.64
CA ASN F 245 -21.22 -2.13 12.94
C ASN F 245 -20.69 -2.78 11.65
N PRO F 246 -19.76 -2.10 10.96
CA PRO F 246 -19.14 -2.57 9.71
C PRO F 246 -18.34 -3.85 9.91
N GLY F 247 -17.94 -4.11 11.14
CA GLY F 247 -17.25 -5.35 11.43
C GLY F 247 -18.13 -6.53 11.10
N ARG F 248 -19.36 -6.48 11.61
CA ARG F 248 -20.27 -7.61 11.55
C ARG F 248 -20.65 -7.93 10.11
N LYS F 249 -21.00 -6.90 9.35
CA LYS F 249 -21.21 -7.08 7.92
C LYS F 249 -19.97 -7.74 7.31
N ILE F 250 -18.79 -7.18 7.59
CA ILE F 250 -17.53 -7.71 7.08
C ILE F 250 -17.34 -9.17 7.50
N MET F 251 -17.53 -9.42 8.79
CA MET F 251 -17.33 -10.75 9.34
C MET F 251 -18.29 -11.77 8.71
N GLU F 252 -19.58 -11.41 8.58
CA GLU F 252 -20.57 -12.36 8.08
C GLU F 252 -20.39 -12.69 6.61
N PHE F 253 -19.93 -11.72 5.83
CA PHE F 253 -19.68 -11.94 4.41
C PHE F 253 -18.56 -12.96 4.17
N PHE F 254 -17.47 -12.82 4.91
CA PHE F 254 -16.31 -13.68 4.71
C PHE F 254 -16.41 -15.05 5.37
N SER F 255 -17.29 -15.19 6.36
CA SER F 255 -17.36 -16.41 7.13
C SER F 255 -18.01 -17.57 6.37
N LEU F 256 -18.64 -17.27 5.24
CA LEU F 256 -19.23 -18.31 4.41
C LEU F 256 -18.18 -19.16 3.70
N ARG F 257 -16.99 -18.59 3.48
CA ARG F 257 -15.87 -19.33 2.93
C ARG F 257 -15.61 -20.63 3.69
N TYR F 258 -15.89 -20.63 4.99
CA TYR F 258 -15.55 -21.74 5.87
C TYR F 258 -16.46 -22.95 5.68
N TYR F 259 -17.65 -22.73 5.14
CA TYR F 259 -18.64 -23.80 5.05
C TYR F 259 -18.46 -24.65 3.80
N ASN F 260 -18.78 -25.93 3.95
CA ASN F 260 -18.93 -26.88 2.84
C ASN F 260 -20.17 -26.47 2.05
N LYS F 261 -19.98 -25.90 0.86
CA LYS F 261 -21.11 -25.33 0.12
C LYS F 261 -22.18 -26.34 -0.28
N ASP F 262 -21.84 -27.62 -0.22
CA ASP F 262 -22.82 -28.67 -0.49
C ASP F 262 -23.80 -28.79 0.68
N MET F 263 -23.59 -28.00 1.72
CA MET F 263 -24.56 -27.86 2.79
C MET F 263 -25.74 -26.98 2.35
N PHE F 264 -25.48 -26.05 1.45
CA PHE F 264 -26.52 -25.11 1.01
C PHE F 264 -26.95 -25.39 -0.42
N GLU G 1 -7.74 31.96 -6.28
CA GLU G 1 -7.17 31.46 -7.56
C GLU G 1 -6.92 32.62 -8.54
N PHE G 2 -6.03 32.38 -9.50
CA PHE G 2 -5.53 33.44 -10.38
C PHE G 2 -6.58 33.97 -11.36
N ARG G 3 -6.67 35.29 -11.43
CA ARG G 3 -7.54 35.93 -12.42
C ARG G 3 -6.65 36.78 -13.33
N PRO G 4 -6.60 36.44 -14.62
CA PRO G 4 -5.73 37.18 -15.55
C PRO G 4 -5.99 38.68 -15.43
N GLU G 5 -7.25 39.03 -15.19
CA GLU G 5 -7.67 40.41 -15.00
C GLU G 5 -6.87 41.06 -13.87
N MET G 6 -6.26 40.25 -13.01
CA MET G 6 -5.45 40.76 -11.89
C MET G 6 -4.30 41.62 -12.41
N LEU G 7 -3.69 41.20 -13.51
CA LEU G 7 -2.55 41.91 -14.07
C LEU G 7 -2.95 43.04 -15.01
N GLN G 8 -4.25 43.31 -15.06
CA GLN G 8 -4.79 44.37 -15.89
C GLN G 8 -4.25 45.72 -15.39
N GLY G 9 -3.51 46.41 -16.25
CA GLY G 9 -3.02 47.74 -15.92
C GLY G 9 -1.82 47.78 -14.98
N LYS G 10 -1.37 46.60 -14.58
CA LYS G 10 -0.25 46.50 -13.65
C LYS G 10 1.07 46.92 -14.30
N LYS G 11 2.06 47.25 -13.48
CA LYS G 11 3.35 47.72 -13.95
C LYS G 11 4.43 46.70 -13.66
N VAL G 12 5.01 46.14 -14.72
CA VAL G 12 5.77 44.90 -14.60
C VAL G 12 7.09 44.94 -15.33
N ILE G 13 8.16 44.72 -14.59
CA ILE G 13 9.47 44.52 -15.19
C ILE G 13 9.73 43.04 -15.50
N VAL G 14 10.34 42.79 -16.66
CA VAL G 14 10.82 41.46 -17.01
C VAL G 14 12.28 41.62 -17.45
N THR G 15 13.19 40.83 -16.89
CA THR G 15 14.57 40.85 -17.37
C THR G 15 14.85 39.61 -18.21
N GLY G 16 15.60 39.80 -19.29
CA GLY G 16 15.89 38.72 -20.22
C GLY G 16 14.76 38.43 -21.20
N ALA G 17 13.98 39.46 -21.52
CA ALA G 17 12.71 39.26 -22.21
C ALA G 17 12.83 39.20 -23.74
N SER G 18 14.04 38.99 -24.24
CA SER G 18 14.28 39.05 -25.67
C SER G 18 14.19 37.66 -26.27
N LYS G 19 14.19 36.63 -25.42
CA LYS G 19 13.88 35.27 -25.85
C LYS G 19 13.58 34.34 -24.67
N GLY G 20 13.43 33.05 -24.96
CA GLY G 20 13.18 32.08 -23.91
C GLY G 20 11.95 32.39 -23.07
N ILE G 21 11.94 31.89 -21.83
CA ILE G 21 10.85 32.11 -20.91
C ILE G 21 10.50 33.59 -20.71
N GLY G 22 11.52 34.43 -20.58
CA GLY G 22 11.28 35.86 -20.40
C GLY G 22 10.46 36.47 -21.51
N ARG G 23 10.67 36.01 -22.74
CA ARG G 23 9.90 36.50 -23.89
C ARG G 23 8.44 36.06 -23.86
N GLU G 24 8.20 34.80 -23.49
CA GLU G 24 6.83 34.30 -23.33
C GLU G 24 6.09 35.03 -22.21
N MET G 25 6.81 35.41 -21.15
CA MET G 25 6.21 36.12 -20.03
C MET G 25 5.71 37.50 -20.45
N ALA G 26 6.53 38.20 -21.24
CA ALA G 26 6.16 39.50 -21.78
C ALA G 26 4.88 39.40 -22.61
N TYR G 27 4.85 38.42 -23.51
CA TYR G 27 3.67 38.18 -24.36
C TYR G 27 2.40 37.95 -23.54
N HIS G 28 2.48 37.09 -22.53
CA HIS G 28 1.36 36.83 -21.62
C HIS G 28 0.91 38.09 -20.86
N LEU G 29 1.87 38.82 -20.31
CA LEU G 29 1.57 40.09 -19.66
C LEU G 29 0.87 41.00 -20.66
N SER G 30 1.32 40.96 -21.90
CA SER G 30 0.78 41.86 -22.90
C SER G 30 -0.67 41.53 -23.20
N LYS G 31 -1.00 40.24 -23.18
CA LYS G 31 -2.37 39.82 -23.48
C LYS G 31 -3.30 40.10 -22.30
N MET G 32 -2.73 40.18 -21.11
CA MET G 32 -3.54 40.52 -19.95
C MET G 32 -3.79 42.02 -19.85
N GLY G 33 -3.00 42.82 -20.58
CA GLY G 33 -3.20 44.25 -20.56
C GLY G 33 -2.39 44.97 -19.49
N ALA G 34 -1.19 44.47 -19.24
CA ALA G 34 -0.28 45.10 -18.30
C ALA G 34 0.64 46.12 -18.98
N HIS G 35 1.27 46.96 -18.18
CA HIS G 35 2.42 47.75 -18.64
C HIS G 35 3.68 46.91 -18.52
N VAL G 36 4.61 47.06 -19.47
CA VAL G 36 5.86 46.31 -19.40
C VAL G 36 7.09 47.14 -19.78
N VAL G 37 8.15 46.99 -18.99
CA VAL G 37 9.49 47.28 -19.50
C VAL G 37 10.34 46.02 -19.59
N LEU G 38 10.94 45.82 -20.75
CA LEU G 38 11.75 44.63 -20.97
C LEU G 38 13.22 45.00 -21.02
N THR G 39 14.08 44.06 -20.62
CA THR G 39 15.50 44.33 -20.71
C THR G 39 16.31 43.12 -21.12
N ALA G 40 17.41 43.39 -21.81
CA ALA G 40 18.35 42.38 -22.25
C ALA G 40 19.49 43.13 -22.91
N ARG G 41 20.47 42.41 -23.43
CA ARG G 41 21.59 43.07 -24.12
C ARG G 41 21.24 43.46 -25.54
N SER G 42 20.58 42.55 -26.27
CA SER G 42 20.27 42.79 -27.68
C SER G 42 19.10 43.74 -27.87
N GLU G 43 19.40 44.92 -28.42
CA GLU G 43 18.38 45.94 -28.66
C GLU G 43 17.44 45.54 -29.80
N GLU G 44 17.99 44.97 -30.87
CA GLU G 44 17.17 44.54 -32.01
C GLU G 44 16.09 43.55 -31.58
N GLY G 45 16.50 42.52 -30.85
CA GLY G 45 15.55 41.55 -30.32
C GLY G 45 14.54 42.17 -29.37
N LEU G 46 15.03 42.98 -28.43
CA LEU G 46 14.14 43.66 -27.50
C LEU G 46 13.10 44.47 -28.24
N GLN G 47 13.50 45.05 -29.38
CA GLN G 47 12.62 45.90 -30.17
C GLN G 47 11.54 45.05 -30.82
N LYS G 48 11.94 43.88 -31.33
CA LYS G 48 10.97 42.97 -31.93
C LYS G 48 9.92 42.61 -30.91
N VAL G 49 10.35 42.21 -29.72
CA VAL G 49 9.41 41.74 -28.71
C VAL G 49 8.41 42.82 -28.28
N VAL G 50 8.90 44.03 -28.07
CA VAL G 50 8.02 45.15 -27.78
C VAL G 50 6.95 45.38 -28.85
N SER G 51 7.34 45.39 -30.12
CA SER G 51 6.39 45.55 -31.22
C SER G 51 5.30 44.51 -31.09
N ARG G 52 5.71 43.27 -30.85
CA ARG G 52 4.81 42.15 -30.70
C ARG G 52 3.93 42.32 -29.48
N CYS G 53 4.51 42.81 -28.38
CA CYS G 53 3.77 43.04 -27.15
C CYS G 53 2.66 44.05 -27.31
N LEU G 54 2.92 45.09 -28.10
CA LEU G 54 1.90 46.08 -28.39
C LEU G 54 0.83 45.38 -29.21
N GLU G 55 1.28 44.60 -30.19
CA GLU G 55 0.38 43.88 -31.07
C GLU G 55 -0.53 42.95 -30.25
N LEU G 56 -0.03 42.47 -29.12
CA LEU G 56 -0.81 41.55 -28.31
C LEU G 56 -1.72 42.25 -27.30
N GLY G 57 -1.66 43.58 -27.27
CA GLY G 57 -2.64 44.33 -26.51
C GLY G 57 -2.17 44.81 -25.15
N ALA G 58 -0.88 45.10 -25.04
CA ALA G 58 -0.31 45.59 -23.80
C ALA G 58 -0.66 47.06 -23.61
N ALA G 59 -1.19 47.38 -22.44
CA ALA G 59 -1.35 48.77 -22.04
C ALA G 59 -0.20 49.59 -22.59
N SER G 60 1.01 49.22 -22.22
CA SER G 60 2.21 49.95 -22.60
C SER G 60 3.39 48.98 -22.61
N ALA G 61 4.42 49.28 -23.40
CA ALA G 61 5.56 48.40 -23.51
C ALA G 61 6.80 49.17 -23.96
N HIS G 62 7.87 49.06 -23.18
CA HIS G 62 9.14 49.68 -23.51
C HIS G 62 10.30 48.72 -23.25
N TYR G 63 11.43 48.96 -23.87
CA TYR G 63 12.59 48.17 -23.54
C TYR G 63 13.76 49.05 -23.08
N ILE G 64 14.73 48.43 -22.43
CA ILE G 64 15.96 49.09 -22.04
C ILE G 64 17.11 48.10 -22.22
N ALA G 65 18.00 48.36 -23.16
CA ALA G 65 19.09 47.43 -23.43
C ALA G 65 20.29 47.63 -22.51
N GLY G 66 20.96 46.53 -22.17
CA GLY G 66 22.11 46.59 -21.29
C GLY G 66 22.48 45.22 -20.72
N THR G 67 23.67 45.13 -20.14
CA THR G 67 24.20 43.88 -19.60
C THR G 67 24.15 43.85 -18.07
N MET G 68 23.53 42.81 -17.52
CA MET G 68 23.37 42.70 -16.09
C MET G 68 24.66 42.35 -15.34
N GLU G 69 25.77 42.27 -16.06
CA GLU G 69 27.06 42.03 -15.42
C GLU G 69 27.56 43.33 -14.78
N ASP G 70 26.93 44.44 -15.14
CA ASP G 70 27.25 45.75 -14.59
C ASP G 70 26.20 46.14 -13.56
N MET G 71 26.57 46.15 -12.29
CA MET G 71 25.64 46.49 -11.22
C MET G 71 25.10 47.92 -11.37
N THR G 72 25.86 48.78 -12.05
CA THR G 72 25.39 50.15 -12.30
C THR G 72 24.28 50.17 -13.33
N PHE G 73 24.42 49.39 -14.39
CA PHE G 73 23.33 49.28 -15.35
C PHE G 73 22.07 48.79 -14.64
N ALA G 74 22.19 47.67 -13.92
CA ALA G 74 21.07 47.05 -13.23
C ALA G 74 20.34 48.05 -12.35
N GLU G 75 21.09 48.81 -11.57
CA GLU G 75 20.51 49.84 -10.70
C GLU G 75 19.74 50.91 -11.48
N GLN G 76 20.42 51.59 -12.40
CA GLN G 76 19.79 52.61 -13.22
C GLN G 76 18.60 52.06 -13.98
N PHE G 77 18.67 50.77 -14.34
CA PHE G 77 17.60 50.17 -15.13
C PHE G 77 16.28 50.15 -14.38
N ILE G 78 16.33 49.92 -13.08
CA ILE G 78 15.14 49.87 -12.22
C ILE G 78 14.55 51.27 -12.05
N VAL G 79 15.41 52.27 -11.81
CA VAL G 79 14.96 53.65 -11.71
C VAL G 79 14.25 54.12 -12.98
N LYS G 80 14.88 53.90 -14.13
CA LYS G 80 14.28 54.32 -15.39
C LYS G 80 12.97 53.58 -15.67
N ALA G 81 13.02 52.26 -15.77
CA ALA G 81 11.82 51.49 -16.01
C ALA G 81 10.71 51.99 -15.09
N GLY G 82 11.10 52.31 -13.86
CA GLY G 82 10.15 52.73 -12.86
C GLY G 82 9.59 54.07 -13.27
N LYS G 83 10.46 54.90 -13.85
CA LYS G 83 10.07 56.24 -14.29
C LYS G 83 9.15 56.15 -15.49
N LEU G 84 9.48 55.30 -16.46
CA LEU G 84 8.63 55.09 -17.62
C LEU G 84 7.21 54.66 -17.24
N MET G 85 7.05 53.90 -16.17
CA MET G 85 5.73 53.34 -15.86
C MET G 85 5.04 54.12 -14.76
N GLY G 86 5.82 54.81 -13.95
CA GLY G 86 5.24 55.57 -12.87
C GLY G 86 4.82 54.63 -11.78
N GLY G 87 5.67 53.66 -11.50
CA GLY G 87 5.41 52.71 -10.44
C GLY G 87 5.96 51.33 -10.76
N LEU G 88 5.79 50.40 -9.83
CA LEU G 88 6.22 49.04 -10.04
C LEU G 88 5.38 48.08 -9.23
N ASP G 89 4.70 47.18 -9.93
CA ASP G 89 3.85 46.19 -9.31
C ASP G 89 4.57 44.88 -9.17
N MET G 90 5.18 44.45 -10.27
CA MET G 90 5.78 43.12 -10.36
C MET G 90 7.19 43.18 -10.96
N LEU G 91 8.16 42.67 -10.20
CA LEU G 91 9.54 42.53 -10.65
C LEU G 91 9.86 41.07 -10.94
N ILE G 92 10.19 40.77 -12.20
CA ILE G 92 10.48 39.40 -12.63
C ILE G 92 11.95 39.20 -13.02
N LEU G 93 12.71 38.55 -12.15
CA LEU G 93 14.14 38.38 -12.37
C LEU G 93 14.39 36.99 -12.95
N ASN G 94 15.02 36.96 -14.12
CA ASN G 94 14.90 35.83 -15.06
C ASN G 94 16.23 35.53 -15.81
N HIS G 95 16.95 36.56 -16.19
CA HIS G 95 18.11 36.39 -17.08
C HIS G 95 19.23 35.56 -16.46
N ILE G 96 20.00 34.90 -17.30
CA ILE G 96 21.20 34.19 -16.84
C ILE G 96 22.26 34.31 -17.91
N THR G 97 23.52 34.06 -17.55
CA THR G 97 24.63 34.01 -18.51
C THR G 97 24.56 32.76 -19.39
N GLN G 98 25.08 32.88 -20.61
CA GLN G 98 25.41 31.70 -21.42
C GLN G 98 25.77 30.54 -20.49
N THR G 99 25.11 29.39 -20.68
CA THR G 99 25.34 28.24 -19.82
C THR G 99 25.53 26.96 -20.63
N SER G 100 26.60 26.23 -20.36
CA SER G 100 26.78 24.92 -21.00
C SER G 100 27.04 23.81 -20.00
N LEU G 101 26.69 22.58 -20.41
CA LEU G 101 27.06 21.39 -19.65
C LEU G 101 28.53 21.05 -19.87
N SER G 102 29.31 21.05 -18.79
CA SER G 102 30.64 20.46 -18.79
C SER G 102 31.13 20.27 -17.37
N LEU G 103 32.05 19.32 -17.20
CA LEU G 103 32.74 19.15 -15.93
C LEU G 103 33.54 20.42 -15.66
N PHE G 104 33.49 20.90 -14.41
CA PHE G 104 34.04 22.20 -14.07
C PHE G 104 35.51 22.34 -14.42
N HIS G 105 35.86 23.47 -15.01
CA HIS G 105 37.25 23.77 -15.34
C HIS G 105 37.46 25.27 -15.53
N ASP G 106 36.39 26.03 -15.41
CA ASP G 106 36.43 27.47 -15.64
C ASP G 106 37.51 28.15 -14.79
N ASP G 107 37.89 29.37 -15.19
CA ASP G 107 38.71 30.22 -14.33
C ASP G 107 37.80 31.03 -13.41
N ILE G 108 38.40 31.78 -12.50
CA ILE G 108 37.64 32.44 -11.47
C ILE G 108 36.96 33.69 -12.01
N HIS G 109 37.48 34.22 -13.10
CA HIS G 109 36.84 35.36 -13.74
C HIS G 109 35.53 34.89 -14.35
N SER G 110 35.54 33.66 -14.83
CA SER G 110 34.34 33.04 -15.40
C SER G 110 33.29 32.85 -14.31
N VAL G 111 33.69 32.28 -13.18
CA VAL G 111 32.75 32.01 -12.10
C VAL G 111 32.20 33.31 -11.54
N ARG G 112 33.04 34.32 -11.47
CA ARG G 112 32.59 35.62 -11.00
C ARG G 112 31.54 36.19 -11.96
N ARG G 113 31.80 36.06 -13.26
CA ARG G 113 30.81 36.39 -14.27
C ARG G 113 29.43 35.83 -13.91
N VAL G 114 29.37 34.53 -13.60
CA VAL G 114 28.11 33.86 -13.34
C VAL G 114 27.43 34.49 -12.13
N MET G 115 28.22 34.74 -11.08
CA MET G 115 27.69 35.21 -9.82
C MET G 115 27.17 36.63 -9.91
N GLU G 116 27.85 37.47 -10.68
CA GLU G 116 27.44 38.86 -10.79
C GLU G 116 26.11 38.92 -11.54
N VAL G 117 26.04 38.17 -12.62
CA VAL G 117 24.90 38.21 -13.52
C VAL G 117 23.73 37.37 -12.99
N ASN G 118 23.99 36.12 -12.67
CA ASN G 118 22.94 35.22 -12.23
C ASN G 118 22.44 35.52 -10.80
N PHE G 119 23.27 36.19 -9.98
CA PHE G 119 22.91 36.42 -8.58
C PHE G 119 23.05 37.86 -8.07
N LEU G 120 24.20 38.47 -8.27
CA LEU G 120 24.42 39.81 -7.72
C LEU G 120 23.48 40.86 -8.31
N SER G 121 23.28 40.84 -9.62
CA SER G 121 22.35 41.77 -10.27
C SER G 121 20.91 41.61 -9.75
N TYR G 122 20.53 40.37 -9.48
CA TYR G 122 19.23 40.08 -8.88
C TYR G 122 19.10 40.82 -7.55
N VAL G 123 20.16 40.77 -6.74
CA VAL G 123 20.19 41.43 -5.44
C VAL G 123 20.11 42.93 -5.63
N VAL G 124 20.93 43.46 -6.54
CA VAL G 124 20.88 44.88 -6.86
C VAL G 124 19.50 45.40 -7.28
N MET G 125 18.85 44.70 -8.20
CA MET G 125 17.56 45.17 -8.73
C MET G 125 16.42 45.10 -7.70
N SER G 126 16.29 43.99 -6.98
CA SER G 126 15.29 43.93 -5.92
C SER G 126 15.54 45.03 -4.89
N THR G 127 16.79 45.24 -4.53
CA THR G 127 17.11 46.27 -3.54
C THR G 127 16.61 47.61 -4.08
N ALA G 128 17.05 47.96 -5.28
CA ALA G 128 16.63 49.22 -5.89
C ALA G 128 15.10 49.32 -5.98
N ALA G 129 14.45 48.22 -6.39
CA ALA G 129 13.02 48.22 -6.67
C ALA G 129 12.15 48.21 -5.42
N LEU G 130 12.73 47.80 -4.30
CA LEU G 130 11.99 47.64 -3.06
C LEU G 130 11.15 48.86 -2.74
N PRO G 131 11.73 50.06 -2.85
CA PRO G 131 10.94 51.25 -2.50
C PRO G 131 9.61 51.32 -3.25
N MET G 132 9.69 51.28 -4.58
CA MET G 132 8.47 51.26 -5.41
C MET G 132 7.59 50.08 -5.03
N LEU G 133 8.24 48.94 -4.75
CA LEU G 133 7.52 47.71 -4.45
C LEU G 133 6.80 47.85 -3.13
N LYS G 134 7.38 48.63 -2.21
CA LYS G 134 6.75 48.87 -0.92
C LYS G 134 5.56 49.79 -1.07
N GLN G 135 5.67 50.75 -1.99
CA GLN G 135 4.62 51.72 -2.26
C GLN G 135 3.37 51.09 -2.87
N SER G 136 3.52 49.99 -3.60
CA SER G 136 2.37 49.33 -4.20
C SER G 136 2.03 47.99 -3.59
N ASN G 137 2.77 47.55 -2.57
CA ASN G 137 2.63 46.20 -2.02
C ASN G 137 2.92 45.15 -3.08
N GLY G 138 4.04 45.31 -3.79
CA GLY G 138 4.29 44.48 -4.95
C GLY G 138 4.74 43.05 -4.69
N SER G 139 5.33 42.46 -5.71
CA SER G 139 5.79 41.07 -5.63
C SER G 139 7.04 40.89 -6.50
N ILE G 140 7.94 40.03 -6.07
CA ILE G 140 9.12 39.71 -6.86
C ILE G 140 9.14 38.24 -7.23
N ALA G 141 9.39 37.95 -8.50
CA ALA G 141 9.56 36.57 -8.94
C ALA G 141 11.04 36.26 -9.13
N VAL G 142 11.52 35.28 -8.37
CA VAL G 142 12.87 34.79 -8.55
C VAL G 142 12.82 33.50 -9.37
N ILE G 143 13.42 33.55 -10.55
CA ILE G 143 13.48 32.36 -11.38
C ILE G 143 14.73 31.55 -11.07
N SER G 144 14.53 30.30 -10.66
CA SER G 144 15.62 29.39 -10.32
C SER G 144 15.35 28.06 -11.01
N SER G 145 16.17 27.07 -10.68
CA SER G 145 16.15 25.76 -11.34
C SER G 145 15.91 24.69 -10.27
N LEU G 146 15.61 23.47 -10.70
CA LEU G 146 15.75 22.32 -9.83
C LEU G 146 17.19 22.29 -9.33
N ALA G 147 18.09 22.81 -10.17
CA ALA G 147 19.52 22.80 -9.88
C ALA G 147 19.88 23.84 -8.83
N GLY G 148 18.87 24.51 -8.29
CA GLY G 148 19.09 25.39 -7.16
C GLY G 148 18.60 24.76 -5.87
N LYS G 149 18.10 23.54 -5.99
CA LYS G 149 17.56 22.81 -4.83
C LYS G 149 18.22 21.46 -4.70
N VAL G 150 18.69 20.90 -5.82
CA VAL G 150 19.54 19.72 -5.79
C VAL G 150 20.65 19.82 -6.83
N THR G 151 21.63 18.91 -6.77
CA THR G 151 22.74 18.98 -7.71
C THR G 151 22.61 18.04 -8.91
N TYR G 152 23.14 18.50 -10.03
CA TYR G 152 23.29 17.67 -11.21
C TYR G 152 24.71 17.90 -11.70
N PRO G 153 25.32 16.90 -12.31
CA PRO G 153 26.69 17.12 -12.79
C PRO G 153 26.77 18.09 -13.97
N MET G 154 27.84 18.88 -14.01
CA MET G 154 28.27 19.60 -15.22
C MET G 154 27.78 21.04 -15.29
N VAL G 155 27.30 21.58 -14.16
CA VAL G 155 26.74 22.91 -14.23
C VAL G 155 27.03 23.69 -12.94
N ALA G 156 28.22 23.43 -12.39
CA ALA G 156 28.64 23.91 -11.07
C ALA G 156 28.36 25.39 -10.76
N PRO G 157 28.94 26.31 -11.55
CA PRO G 157 28.81 27.75 -11.27
C PRO G 157 27.36 28.21 -11.26
N TYR G 158 26.57 27.58 -12.13
CA TYR G 158 25.15 27.89 -12.35
C TYR G 158 24.31 27.48 -11.14
N SER G 159 24.57 26.28 -10.64
CA SER G 159 23.88 25.74 -9.49
C SER G 159 24.25 26.51 -8.23
N ALA G 160 25.49 26.98 -8.20
CA ALA G 160 25.97 27.81 -7.10
C ALA G 160 25.21 29.13 -7.09
N SER G 161 24.91 29.67 -8.26
CA SER G 161 24.23 30.98 -8.36
C SER G 161 22.75 30.85 -8.02
N LYS G 162 22.17 29.70 -8.37
CA LYS G 162 20.77 29.42 -8.04
C LYS G 162 20.58 29.06 -6.58
N PHE G 163 21.50 28.27 -6.03
CA PHE G 163 21.47 28.02 -4.59
C PHE G 163 21.58 29.32 -3.81
N ALA G 164 22.49 30.19 -4.21
CA ALA G 164 22.64 31.47 -3.53
C ALA G 164 21.35 32.31 -3.64
N LEU G 165 20.60 32.17 -4.73
CA LEU G 165 19.32 32.88 -4.84
C LEU G 165 18.36 32.47 -3.73
N ASP G 166 18.17 31.15 -3.56
CA ASP G 166 17.35 30.63 -2.48
C ASP G 166 17.87 31.14 -1.14
N GLY G 167 19.17 31.08 -0.94
CA GLY G 167 19.70 31.52 0.34
C GLY G 167 19.29 32.96 0.62
N PHE G 168 19.59 33.85 -0.33
CA PHE G 168 19.39 35.27 -0.08
C PHE G 168 17.91 35.63 0.07
N PHE G 169 17.12 35.30 -0.96
CA PHE G 169 15.77 35.82 -1.09
C PHE G 169 14.78 35.14 -0.13
N SER G 170 15.06 33.89 0.23
CA SER G 170 14.30 33.25 1.29
C SER G 170 14.54 34.01 2.59
N THR G 171 15.80 34.39 2.82
CA THR G 171 16.12 35.21 3.99
C THR G 171 15.37 36.53 3.92
N ILE G 172 15.31 37.13 2.73
CA ILE G 172 14.62 38.39 2.57
C ILE G 172 13.13 38.21 2.82
N ARG G 173 12.57 37.09 2.38
CA ARG G 173 11.15 36.82 2.60
C ARG G 173 10.79 36.93 4.08
N THR G 174 11.54 36.23 4.92
CA THR G 174 11.29 36.19 6.35
C THR G 174 11.56 37.54 7.02
N GLU G 175 12.55 38.27 6.51
CA GLU G 175 12.77 39.62 7.00
C GLU G 175 11.61 40.55 6.62
N LEU G 176 11.12 40.44 5.39
CA LEU G 176 9.94 41.19 4.98
C LEU G 176 8.74 40.87 5.88
N TYR G 177 8.56 39.59 6.20
CA TYR G 177 7.39 39.17 6.97
C TYR G 177 7.46 39.63 8.43
N ILE G 178 8.60 39.43 9.07
CA ILE G 178 8.72 39.76 10.49
C ILE G 178 8.59 41.26 10.75
N THR G 179 8.94 42.09 9.76
CA THR G 179 8.78 43.53 9.89
C THR G 179 7.46 44.00 9.26
N LYS G 180 6.58 43.05 8.94
CA LYS G 180 5.24 43.37 8.46
C LYS G 180 5.21 44.18 7.17
N VAL G 181 6.19 43.98 6.30
CA VAL G 181 6.19 44.65 4.99
C VAL G 181 5.53 43.76 3.95
N ASN G 182 4.42 44.24 3.38
CA ASN G 182 3.64 43.42 2.47
C ASN G 182 4.22 43.41 1.05
N VAL G 183 5.43 42.88 0.94
CA VAL G 183 6.03 42.58 -0.35
C VAL G 183 6.27 41.09 -0.42
N SER G 184 5.83 40.46 -1.50
CA SER G 184 5.97 39.02 -1.62
C SER G 184 7.12 38.62 -2.56
N ILE G 185 7.68 37.44 -2.31
CA ILE G 185 8.79 36.95 -3.13
C ILE G 185 8.57 35.48 -3.48
N THR G 186 8.56 35.19 -4.76
CA THR G 186 8.33 33.84 -5.24
C THR G 186 9.57 33.25 -5.91
N LEU G 187 10.08 32.16 -5.35
CA LEU G 187 11.15 31.41 -5.98
C LEU G 187 10.48 30.45 -6.96
N CYS G 188 10.85 30.55 -8.23
CA CYS G 188 10.29 29.68 -9.25
C CYS G 188 11.31 28.62 -9.65
N VAL G 189 10.95 27.36 -9.41
CA VAL G 189 11.87 26.25 -9.53
C VAL G 189 11.50 25.37 -10.72
N LEU G 190 12.02 25.73 -11.90
CA LEU G 190 11.70 25.02 -13.15
C LEU G 190 12.57 23.78 -13.40
N GLY G 191 12.00 22.81 -14.11
CA GLY G 191 12.80 21.74 -14.70
C GLY G 191 13.12 22.09 -16.14
N LEU G 192 13.38 21.08 -16.98
CA LEU G 192 13.75 21.33 -18.37
C LEU G 192 12.63 22.02 -19.13
N ILE G 193 12.94 23.17 -19.72
CA ILE G 193 11.95 23.91 -20.50
C ILE G 193 12.40 24.02 -21.95
N ASP G 194 11.48 23.73 -22.87
CA ASP G 194 11.80 23.59 -24.28
C ASP G 194 12.23 24.88 -25.00
N THR G 195 13.09 25.68 -24.37
CA THR G 195 13.63 26.86 -25.05
C THR G 195 14.81 26.51 -25.95
N GLU G 196 15.07 27.38 -26.92
CA GLU G 196 16.09 27.15 -27.94
C GLU G 196 17.46 26.88 -27.32
N THR G 197 17.84 27.68 -26.33
CA THR G 197 19.16 27.59 -25.71
C THR G 197 19.31 26.32 -24.88
N ALA G 198 18.31 26.03 -24.05
CA ALA G 198 18.34 24.82 -23.26
C ALA G 198 18.45 23.58 -24.15
N MET G 199 17.72 23.58 -25.26
CA MET G 199 17.56 22.37 -26.06
C MET G 199 18.82 22.08 -26.87
N LYS G 200 19.38 23.13 -27.45
CA LYS G 200 20.70 23.05 -28.06
C LYS G 200 21.75 22.66 -27.00
N ALA G 201 21.67 23.29 -25.82
CA ALA G 201 22.62 23.02 -24.77
C ALA G 201 22.67 21.54 -24.37
N VAL G 202 21.52 20.89 -24.25
CA VAL G 202 21.51 19.50 -23.77
C VAL G 202 21.57 18.50 -24.91
N SER G 203 21.67 19.01 -26.14
CA SER G 203 21.75 18.15 -27.31
C SER G 203 22.91 17.15 -27.17
N GLY G 204 22.57 15.88 -26.96
CA GLY G 204 23.59 14.84 -26.92
C GLY G 204 24.30 14.67 -25.59
N ILE G 205 23.88 15.43 -24.58
CA ILE G 205 24.44 15.31 -23.25
C ILE G 205 23.40 14.80 -22.25
N VAL G 206 22.22 15.42 -22.27
CA VAL G 206 21.11 15.04 -21.40
C VAL G 206 19.84 14.87 -22.20
N ASN G 207 19.05 13.85 -21.83
CA ASN G 207 17.96 13.38 -22.68
C ASN G 207 16.60 13.45 -21.98
N ALA G 208 16.52 14.24 -20.92
CA ALA G 208 15.25 14.42 -20.19
C ALA G 208 14.15 15.01 -21.05
N GLN G 209 12.90 14.86 -20.59
CA GLN G 209 11.74 15.38 -21.29
C GLN G 209 11.41 16.81 -20.85
N ALA G 210 11.33 17.71 -21.82
CA ALA G 210 11.10 19.13 -21.55
C ALA G 210 9.63 19.45 -21.27
N SER G 211 9.40 20.62 -20.67
CA SER G 211 8.07 21.23 -20.59
C SER G 211 8.00 22.48 -21.48
N PRO G 212 6.79 22.86 -21.91
CA PRO G 212 6.64 24.01 -22.82
C PRO G 212 6.90 25.38 -22.15
N LYS G 213 7.41 26.31 -22.94
CA LYS G 213 7.77 27.63 -22.42
C LYS G 213 6.50 28.40 -22.06
N GLU G 214 5.44 28.13 -22.81
CA GLU G 214 4.22 28.91 -22.70
C GLU G 214 3.55 28.70 -21.35
N GLU G 215 3.28 27.45 -21.01
CA GLU G 215 2.62 27.16 -19.75
C GLU G 215 3.53 27.60 -18.58
N CYS G 216 4.83 27.32 -18.71
CA CYS G 216 5.81 27.64 -17.69
C CYS G 216 5.77 29.11 -17.36
N ALA G 217 5.82 29.93 -18.40
CA ALA G 217 5.82 31.37 -18.22
C ALA G 217 4.60 31.72 -17.39
N LEU G 218 3.45 31.20 -17.80
CA LEU G 218 2.19 31.50 -17.15
C LEU G 218 2.14 31.02 -15.70
N GLU G 219 2.65 29.81 -15.46
CA GLU G 219 2.76 29.27 -14.12
C GLU G 219 3.60 30.18 -13.19
N ILE G 220 4.63 30.81 -13.76
CA ILE G 220 5.42 31.78 -13.01
C ILE G 220 4.62 33.04 -12.67
N ILE G 221 3.87 33.56 -13.65
CA ILE G 221 3.04 34.74 -13.42
C ILE G 221 1.89 34.43 -12.46
N LYS G 222 1.43 33.19 -12.50
CA LYS G 222 0.30 32.81 -11.68
C LYS G 222 0.67 32.79 -10.22
N GLY G 223 1.81 32.17 -9.91
CA GLY G 223 2.17 31.95 -8.51
C GLY G 223 2.70 33.19 -7.83
N THR G 224 3.24 34.10 -8.63
CA THR G 224 3.81 35.34 -8.11
C THR G 224 2.67 36.27 -7.72
N ALA G 225 1.66 36.33 -8.56
CA ALA G 225 0.48 37.15 -8.32
C ALA G 225 -0.26 36.66 -7.08
N LEU G 226 -0.29 35.35 -6.89
CA LEU G 226 -0.97 34.75 -5.75
C LEU G 226 -0.06 34.76 -4.54
N ARG G 227 1.14 35.32 -4.72
CA ARG G 227 2.07 35.59 -3.63
C ARG G 227 2.52 34.32 -2.92
N LYS G 228 2.64 33.24 -3.67
CA LYS G 228 3.09 31.95 -3.15
C LYS G 228 4.59 32.04 -2.93
N SER G 229 5.11 31.30 -1.95
CA SER G 229 6.54 31.38 -1.64
C SER G 229 7.37 30.66 -2.68
N GLU G 230 6.89 29.53 -3.17
CA GLU G 230 7.62 28.82 -4.20
C GLU G 230 6.70 28.31 -5.31
N VAL G 231 7.26 28.18 -6.51
CA VAL G 231 6.53 27.63 -7.65
C VAL G 231 7.34 26.56 -8.36
N TYR G 232 7.12 25.30 -8.03
CA TYR G 232 7.80 24.21 -8.72
C TYR G 232 7.05 23.85 -10.00
N TYR G 233 7.75 23.93 -11.14
CA TYR G 233 7.15 23.60 -12.42
C TYR G 233 8.02 22.57 -13.15
N ASP G 234 7.54 21.34 -13.18
CA ASP G 234 8.24 20.25 -13.87
C ASP G 234 7.21 19.25 -14.43
N LYS G 235 7.62 18.46 -15.41
CA LYS G 235 6.73 17.46 -15.99
C LYS G 235 6.41 16.37 -14.97
N SER G 236 7.44 15.89 -14.27
CA SER G 236 7.28 14.84 -13.27
C SER G 236 6.55 15.33 -12.02
N PRO G 237 5.32 14.86 -11.81
CA PRO G 237 4.52 15.23 -10.63
C PRO G 237 5.18 14.74 -9.35
N LEU G 238 6.10 13.78 -9.51
CA LEU G 238 6.82 13.18 -8.39
C LEU G 238 7.97 14.09 -7.95
N THR G 239 7.97 15.33 -8.44
CA THR G 239 9.05 16.25 -8.17
C THR G 239 8.77 17.23 -7.03
N PRO G 240 7.56 17.82 -7.01
CA PRO G 240 7.18 18.70 -5.91
C PRO G 240 7.08 18.00 -4.55
N ILE G 241 7.04 16.67 -4.57
CA ILE G 241 7.06 15.91 -3.32
C ILE G 241 8.48 15.72 -2.79
N LEU G 242 9.35 15.11 -3.59
CA LEU G 242 10.74 14.87 -3.19
C LEU G 242 11.41 16.16 -2.73
N LEU G 243 11.03 17.26 -3.36
CA LEU G 243 11.56 18.57 -3.02
C LEU G 243 10.80 19.17 -1.84
N GLY G 244 10.12 18.31 -1.09
CA GLY G 244 9.33 18.80 0.02
C GLY G 244 10.20 19.52 1.03
N ASN G 245 10.99 18.74 1.76
CA ASN G 245 11.92 19.31 2.73
C ASN G 245 11.15 20.05 3.81
N PRO G 246 10.04 19.46 4.29
CA PRO G 246 9.25 20.11 5.34
C PRO G 246 10.09 20.32 6.59
N GLY G 247 11.12 19.50 6.76
CA GLY G 247 12.04 19.68 7.85
C GLY G 247 12.59 21.10 7.88
N ARG G 248 12.83 21.65 6.69
CA ARG G 248 13.38 23.01 6.56
C ARG G 248 12.33 24.06 6.93
N LYS G 249 11.13 23.89 6.41
CA LYS G 249 10.05 24.84 6.62
C LYS G 249 9.59 24.80 8.07
N ILE G 250 9.81 23.66 8.74
CA ILE G 250 9.52 23.50 10.15
C ILE G 250 10.58 24.17 11.02
N MET G 251 11.85 23.92 10.69
CA MET G 251 12.97 24.47 11.43
C MET G 251 13.09 25.99 11.28
N GLU G 252 12.76 26.52 10.11
CA GLU G 252 12.77 27.97 9.92
C GLU G 252 11.75 28.67 10.83
N PHE G 253 10.53 28.15 10.85
CA PHE G 253 9.48 28.67 11.73
C PHE G 253 9.92 28.69 13.20
N PHE G 254 10.39 27.54 13.70
CA PHE G 254 10.81 27.40 15.09
C PHE G 254 11.89 28.39 15.50
N SER G 255 12.87 28.55 14.63
CA SER G 255 14.10 29.26 14.98
C SER G 255 13.86 30.69 15.43
N LEU G 256 12.73 31.26 15.01
CA LEU G 256 12.43 32.65 15.32
C LEU G 256 12.33 32.86 16.82
N ARG G 257 12.29 31.75 17.55
CA ARG G 257 12.21 31.77 19.01
C ARG G 257 13.51 32.24 19.65
N TYR G 258 14.63 32.04 18.95
CA TYR G 258 15.93 32.41 19.49
C TYR G 258 16.12 33.92 19.48
N TYR G 259 15.38 34.59 18.61
CA TYR G 259 15.64 36.00 18.33
C TYR G 259 15.01 36.94 19.35
N ASN G 260 15.62 38.12 19.49
CA ASN G 260 15.10 39.15 20.36
C ASN G 260 14.08 39.98 19.59
N LYS G 261 12.85 40.02 20.11
CA LYS G 261 11.75 40.73 19.45
C LYS G 261 12.17 42.14 19.05
N ASP G 262 12.81 42.84 19.98
CA ASP G 262 13.16 44.24 19.78
C ASP G 262 14.15 44.43 18.64
N MET G 263 14.59 43.33 18.04
CA MET G 263 15.55 43.39 16.94
C MET G 263 14.86 43.53 15.59
N PHE G 264 13.53 43.50 15.59
CA PHE G 264 12.76 43.55 14.35
C PHE G 264 11.75 44.70 14.35
N GLU H 1 36.39 3.36 10.65
CA GLU H 1 36.44 4.32 11.77
C GLU H 1 37.80 5.04 11.77
N PHE H 2 37.87 6.14 12.53
CA PHE H 2 39.01 7.05 12.44
C PHE H 2 40.16 6.65 13.34
N ARG H 3 41.37 6.95 12.87
CA ARG H 3 42.57 6.79 13.66
C ARG H 3 43.44 8.03 13.47
N PRO H 4 44.10 8.49 14.54
CA PRO H 4 45.06 9.60 14.43
C PRO H 4 46.19 9.26 13.46
N GLU H 5 46.58 7.99 13.45
CA GLU H 5 47.66 7.54 12.58
C GLU H 5 47.31 7.80 11.11
N MET H 6 46.07 8.22 10.88
CA MET H 6 45.58 8.52 9.53
C MET H 6 45.99 9.90 9.03
N LEU H 7 46.35 10.79 9.95
CA LEU H 7 46.73 12.15 9.59
C LEU H 7 48.21 12.35 9.84
N GLN H 8 48.83 11.37 10.47
CA GLN H 8 50.23 11.46 10.82
C GLN H 8 51.07 11.67 9.57
N GLY H 9 51.81 12.77 9.54
CA GLY H 9 52.69 13.02 8.43
C GLY H 9 52.02 13.41 7.13
N LYS H 10 50.70 13.57 7.14
CA LYS H 10 50.00 14.09 5.97
C LYS H 10 50.18 15.60 5.82
N LYS H 11 50.00 16.09 4.59
CA LYS H 11 50.16 17.51 4.30
C LYS H 11 48.80 18.19 4.39
N VAL H 12 48.69 19.19 5.25
CA VAL H 12 47.42 19.85 5.48
C VAL H 12 47.46 21.38 5.43
N ILE H 13 46.45 21.95 4.78
CA ILE H 13 46.21 23.39 4.80
C ILE H 13 44.96 23.75 5.61
N VAL H 14 45.05 24.82 6.40
CA VAL H 14 43.90 25.30 7.16
C VAL H 14 43.81 26.82 7.03
N THR H 15 42.73 27.31 6.41
CA THR H 15 42.50 28.75 6.33
C THR H 15 41.67 29.16 7.54
N GLY H 16 41.80 30.41 7.97
CA GLY H 16 41.07 30.90 9.13
C GLY H 16 41.59 30.28 10.42
N ALA H 17 42.87 29.94 10.44
CA ALA H 17 43.41 29.16 11.53
C ALA H 17 44.05 29.97 12.65
N SER H 18 43.79 31.27 12.70
CA SER H 18 44.41 32.12 13.72
C SER H 18 43.64 32.15 15.04
N LYS H 19 42.32 32.08 14.96
CA LYS H 19 41.47 32.00 16.14
C LYS H 19 40.30 31.06 15.83
N GLY H 20 39.50 30.74 16.83
CA GLY H 20 38.25 30.05 16.58
C GLY H 20 38.42 28.59 16.21
N ILE H 21 37.59 28.13 15.27
CA ILE H 21 37.54 26.74 14.87
C ILE H 21 38.76 26.36 14.03
N GLY H 22 39.36 27.34 13.37
CA GLY H 22 40.50 27.04 12.53
C GLY H 22 41.70 26.67 13.38
N ARG H 23 41.89 27.42 14.47
CA ARG H 23 43.03 27.22 15.39
C ARG H 23 42.90 25.93 16.20
N GLU H 24 41.70 25.64 16.68
CA GLU H 24 41.47 24.35 17.32
C GLU H 24 41.77 23.22 16.36
N MET H 25 41.45 23.43 15.08
CA MET H 25 41.73 22.45 14.05
C MET H 25 43.23 22.37 13.74
N ALA H 26 43.94 23.48 13.92
CA ALA H 26 45.39 23.48 13.75
C ALA H 26 46.01 22.64 14.85
N TYR H 27 45.59 22.90 16.09
CA TYR H 27 46.10 22.17 17.23
C TYR H 27 45.88 20.66 17.11
N HIS H 28 44.65 20.25 16.84
CA HIS H 28 44.35 18.83 16.69
C HIS H 28 45.21 18.11 15.64
N LEU H 29 45.41 18.74 14.49
CA LEU H 29 46.25 18.16 13.45
C LEU H 29 47.70 18.07 13.93
N SER H 30 48.10 19.02 14.77
CA SER H 30 49.43 19.05 15.36
C SER H 30 49.70 17.87 16.29
N LYS H 31 48.73 17.55 17.14
CA LYS H 31 48.87 16.43 18.06
C LYS H 31 48.92 15.11 17.32
N MET H 32 48.40 15.08 16.10
CA MET H 32 48.44 13.85 15.30
C MET H 32 49.72 13.75 14.46
N GLY H 33 50.55 14.78 14.51
CA GLY H 33 51.81 14.73 13.81
C GLY H 33 51.70 14.93 12.31
N ALA H 34 50.82 15.83 11.90
CA ALA H 34 50.65 16.16 10.49
C ALA H 34 51.59 17.30 10.15
N HIS H 35 51.81 17.51 8.86
CA HIS H 35 52.39 18.76 8.39
C HIS H 35 51.27 19.79 8.22
N VAL H 36 51.50 21.02 8.67
CA VAL H 36 50.50 22.08 8.50
C VAL H 36 51.05 23.36 7.87
N VAL H 37 50.22 24.01 7.07
CA VAL H 37 50.46 25.40 6.70
C VAL H 37 49.18 26.18 7.02
N LEU H 38 49.32 27.26 7.78
CA LEU H 38 48.14 27.96 8.28
C LEU H 38 47.99 29.31 7.58
N THR H 39 46.87 29.98 7.79
CA THR H 39 46.73 31.30 7.21
C THR H 39 45.54 32.06 7.77
N ALA H 40 45.69 33.37 7.81
CA ALA H 40 44.63 34.29 8.17
C ALA H 40 45.20 35.66 7.83
N ARG H 41 44.57 36.73 8.29
CA ARG H 41 45.17 38.04 8.10
C ARG H 41 46.22 38.34 9.15
N SER H 42 45.95 37.97 10.40
CA SER H 42 46.84 38.32 11.50
C SER H 42 48.12 37.49 11.56
N GLU H 43 49.23 38.16 11.28
CA GLU H 43 50.57 37.55 11.32
C GLU H 43 50.99 37.15 12.71
N GLU H 44 50.85 38.06 13.67
CA GLU H 44 51.20 37.72 15.03
C GLU H 44 50.38 36.51 15.46
N GLY H 45 49.12 36.49 15.05
CA GLY H 45 48.21 35.44 15.48
C GLY H 45 48.54 34.09 14.88
N LEU H 46 49.12 34.10 13.69
CA LEU H 46 49.59 32.89 13.05
C LEU H 46 50.94 32.44 13.62
N GLN H 47 51.78 33.40 14.00
CA GLN H 47 53.06 33.07 14.64
C GLN H 47 52.81 32.36 15.97
N LYS H 48 51.84 32.87 16.71
CA LYS H 48 51.44 32.26 17.98
C LYS H 48 50.86 30.88 17.76
N VAL H 49 50.06 30.70 16.71
CA VAL H 49 49.49 29.38 16.50
C VAL H 49 50.52 28.38 15.97
N VAL H 50 51.38 28.82 15.06
CA VAL H 50 52.37 27.95 14.44
C VAL H 50 53.27 27.37 15.53
N SER H 51 53.84 28.27 16.33
CA SER H 51 54.75 27.92 17.41
C SER H 51 54.09 26.95 18.41
N ARG H 52 52.82 27.21 18.73
CA ARG H 52 52.05 26.29 19.55
C ARG H 52 51.92 24.93 18.87
N CYS H 53 51.59 24.96 17.58
CA CYS H 53 51.45 23.74 16.81
C CYS H 53 52.72 22.92 16.93
N LEU H 54 53.86 23.59 16.74
CA LEU H 54 55.16 22.93 16.81
C LEU H 54 55.41 22.28 18.17
N GLU H 55 54.95 22.94 19.23
CA GLU H 55 55.08 22.38 20.57
C GLU H 55 54.21 21.14 20.74
N LEU H 56 53.09 21.09 20.04
CA LEU H 56 52.13 20.00 20.23
C LEU H 56 52.51 18.73 19.48
N GLY H 57 53.44 18.85 18.52
CA GLY H 57 53.91 17.67 17.82
C GLY H 57 53.80 17.74 16.30
N ALA H 58 53.44 18.89 15.77
CA ALA H 58 53.34 19.07 14.32
C ALA H 58 54.65 18.66 13.67
N ALA H 59 54.57 17.85 12.62
CA ALA H 59 55.77 17.42 11.90
C ALA H 59 56.45 18.65 11.33
N SER H 60 55.66 19.66 11.03
CA SER H 60 56.19 20.94 10.56
C SER H 60 55.04 21.91 10.41
N ALA H 61 55.33 23.19 10.65
CA ALA H 61 54.31 24.21 10.68
C ALA H 61 54.79 25.48 10.00
N HIS H 62 53.90 26.09 9.21
CA HIS H 62 54.22 27.32 8.51
C HIS H 62 53.00 28.25 8.45
N TYR H 63 53.24 29.54 8.59
CA TYR H 63 52.19 30.52 8.38
C TYR H 63 52.47 31.37 7.14
N ILE H 64 51.40 31.73 6.44
CA ILE H 64 51.45 32.70 5.35
C ILE H 64 50.25 33.65 5.51
N ALA H 65 50.53 34.93 5.69
CA ALA H 65 49.47 35.88 6.02
C ALA H 65 48.89 36.56 4.77
N GLY H 66 47.63 36.98 4.87
CA GLY H 66 47.03 37.69 3.76
C GLY H 66 45.53 37.59 3.79
N THR H 67 44.86 38.42 2.99
CA THR H 67 43.41 38.46 2.96
C THR H 67 42.84 37.69 1.76
N MET H 68 41.81 36.89 2.02
CA MET H 68 41.20 36.06 0.99
C MET H 68 40.19 36.85 0.14
N GLU H 69 40.10 38.16 0.37
CA GLU H 69 39.35 39.02 -0.55
C GLU H 69 40.11 39.16 -1.87
N ASP H 70 41.36 38.73 -1.88
CA ASP H 70 42.21 38.76 -3.07
C ASP H 70 42.40 37.36 -3.68
N MET H 71 41.86 37.17 -4.89
CA MET H 71 41.92 35.89 -5.59
C MET H 71 43.35 35.57 -6.03
N THR H 72 44.22 36.56 -5.97
CA THR H 72 45.63 36.36 -6.30
C THR H 72 46.31 35.75 -5.09
N PHE H 73 46.11 36.37 -3.94
CA PHE H 73 46.66 35.78 -2.73
C PHE H 73 46.19 34.34 -2.57
N ALA H 74 44.89 34.10 -2.71
CA ALA H 74 44.36 32.75 -2.51
C ALA H 74 45.08 31.72 -3.37
N GLU H 75 45.26 32.04 -4.65
CA GLU H 75 45.87 31.11 -5.59
C GLU H 75 47.36 30.92 -5.27
N GLN H 76 48.05 32.01 -4.96
CA GLN H 76 49.47 31.93 -4.67
C GLN H 76 49.76 31.27 -3.32
N PHE H 77 48.89 31.51 -2.35
CA PHE H 77 48.96 30.79 -1.08
C PHE H 77 48.96 29.26 -1.26
N ILE H 78 47.99 28.73 -1.99
CA ILE H 78 47.95 27.28 -2.17
C ILE H 78 49.17 26.80 -2.92
N VAL H 79 49.58 27.52 -3.96
CA VAL H 79 50.78 27.16 -4.70
C VAL H 79 51.96 27.04 -3.75
N LYS H 80 52.06 27.99 -2.84
CA LYS H 80 53.22 28.09 -1.97
C LYS H 80 53.14 27.03 -0.89
N ALA H 81 51.95 26.82 -0.36
CA ALA H 81 51.77 25.87 0.74
C ALA H 81 52.14 24.48 0.22
N GLY H 82 51.75 24.20 -1.03
CA GLY H 82 52.11 22.95 -1.66
C GLY H 82 53.61 22.80 -1.76
N LYS H 83 54.29 23.90 -2.05
CA LYS H 83 55.76 23.95 -2.12
C LYS H 83 56.44 23.70 -0.78
N LEU H 84 55.98 24.42 0.25
CA LEU H 84 56.50 24.24 1.60
C LEU H 84 56.39 22.78 2.08
N MET H 85 55.33 22.09 1.70
CA MET H 85 55.13 20.71 2.16
C MET H 85 55.51 19.66 1.11
N GLY H 86 55.72 20.08 -0.13
CA GLY H 86 55.95 19.12 -1.20
C GLY H 86 54.74 18.24 -1.50
N GLY H 87 53.57 18.86 -1.59
CA GLY H 87 52.33 18.12 -1.77
C GLY H 87 51.22 18.55 -0.82
N LEU H 88 50.02 18.03 -1.06
CA LEU H 88 48.85 18.36 -0.23
C LEU H 88 47.97 17.12 -0.06
N ASP H 89 47.60 16.80 1.17
CA ASP H 89 46.74 15.65 1.44
C ASP H 89 45.32 16.06 1.78
N MET H 90 45.18 17.20 2.46
CA MET H 90 43.87 17.68 2.92
C MET H 90 43.83 19.20 2.84
N LEU H 91 42.68 19.72 2.43
CA LEU H 91 42.44 21.16 2.39
C LEU H 91 41.23 21.49 3.27
N ILE H 92 41.42 22.35 4.26
CA ILE H 92 40.32 22.79 5.10
C ILE H 92 39.98 24.27 4.87
N LEU H 93 38.92 24.48 4.10
CA LEU H 93 38.45 25.82 3.79
C LEU H 93 37.47 26.23 4.89
N ASN H 94 37.97 27.02 5.84
CA ASN H 94 37.25 27.27 7.08
C ASN H 94 37.01 28.76 7.30
N HIS H 95 37.84 29.60 6.71
CA HIS H 95 37.79 31.03 6.98
C HIS H 95 36.49 31.69 6.47
N ILE H 96 36.18 32.85 7.05
CA ILE H 96 35.06 33.66 6.57
C ILE H 96 35.41 35.12 6.79
N THR H 97 34.68 36.02 6.15
CA THR H 97 34.86 37.44 6.44
C THR H 97 33.99 37.82 7.62
N GLN H 98 34.28 38.94 8.25
CA GLN H 98 33.62 39.29 9.49
C GLN H 98 32.14 39.56 9.25
N THR H 99 31.26 38.98 10.04
CA THR H 99 29.85 39.32 9.90
C THR H 99 29.10 39.57 11.19
N SER H 100 28.01 40.32 11.07
CA SER H 100 27.13 40.57 12.18
C SER H 100 25.68 40.27 11.76
N LEU H 101 24.78 40.30 12.73
CA LEU H 101 23.37 40.16 12.46
C LEU H 101 22.74 41.52 12.13
N SER H 102 22.03 41.58 11.02
CA SER H 102 21.18 42.73 10.74
C SER H 102 20.22 42.44 9.58
N LEU H 103 18.99 42.89 9.74
CA LEU H 103 18.04 42.82 8.65
C LEU H 103 18.74 43.44 7.46
N PHE H 104 18.56 42.84 6.29
CA PHE H 104 19.17 43.38 5.08
C PHE H 104 18.58 44.75 4.77
N HIS H 105 19.45 45.75 4.66
CA HIS H 105 19.01 47.10 4.33
C HIS H 105 20.10 47.90 3.62
N ASP H 106 19.83 48.24 2.37
CA ASP H 106 20.73 49.04 1.55
C ASP H 106 22.20 48.75 1.84
N ASP H 107 22.71 47.65 1.29
CA ASP H 107 24.15 47.38 1.30
C ASP H 107 24.55 46.34 0.26
N ILE H 108 24.66 46.77 -0.99
CA ILE H 108 25.10 45.90 -2.08
C ILE H 108 26.58 45.53 -1.97
N HIS H 109 27.41 46.54 -1.67
CA HIS H 109 28.86 46.35 -1.60
C HIS H 109 29.23 45.30 -0.55
N SER H 110 28.37 45.16 0.44
CA SER H 110 28.55 44.15 1.49
C SER H 110 28.44 42.75 0.88
N VAL H 111 27.47 42.58 -0.01
CA VAL H 111 27.18 41.28 -0.61
C VAL H 111 28.35 40.70 -1.39
N ARG H 112 28.93 41.49 -2.29
CA ARG H 112 30.01 41.01 -3.14
C ARG H 112 31.20 40.55 -2.31
N ARG H 113 31.56 41.36 -1.32
CA ARG H 113 32.71 41.09 -0.46
C ARG H 113 32.48 39.83 0.37
N VAL H 114 31.26 39.65 0.85
CA VAL H 114 30.89 38.39 1.48
C VAL H 114 31.04 37.22 0.50
N MET H 115 30.60 37.40 -0.74
CA MET H 115 30.67 36.30 -1.71
C MET H 115 32.11 36.02 -2.09
N GLU H 116 32.91 37.08 -2.23
CA GLU H 116 34.30 36.94 -2.62
C GLU H 116 35.09 36.16 -1.57
N VAL H 117 34.93 36.53 -0.30
CA VAL H 117 35.68 35.92 0.79
C VAL H 117 35.20 34.51 1.15
N ASN H 118 33.89 34.39 1.38
CA ASN H 118 33.27 33.15 1.81
C ASN H 118 33.06 32.08 0.73
N PHE H 119 33.03 32.49 -0.54
CA PHE H 119 32.71 31.59 -1.64
C PHE H 119 33.75 31.50 -2.76
N LEU H 120 33.92 32.58 -3.51
CA LEU H 120 34.87 32.59 -4.62
C LEU H 120 36.27 32.16 -4.18
N SER H 121 36.73 32.69 -3.06
CA SER H 121 38.06 32.35 -2.56
C SER H 121 38.16 30.84 -2.32
N TYR H 122 37.06 30.22 -1.95
CA TYR H 122 37.03 28.78 -1.80
C TYR H 122 37.18 28.04 -3.14
N VAL H 123 36.54 28.53 -4.19
CA VAL H 123 36.65 27.87 -5.48
C VAL H 123 38.06 28.03 -6.06
N VAL H 124 38.63 29.24 -5.94
CA VAL H 124 40.01 29.48 -6.34
C VAL H 124 40.97 28.50 -5.66
N MET H 125 40.83 28.35 -4.35
CA MET H 125 41.72 27.48 -3.58
C MET H 125 41.54 25.99 -3.85
N SER H 126 40.31 25.51 -3.77
CA SER H 126 40.00 24.15 -4.16
C SER H 126 40.55 23.87 -5.56
N THR H 127 40.29 24.78 -6.50
CA THR H 127 40.73 24.57 -7.87
C THR H 127 42.26 24.49 -7.98
N ALA H 128 42.96 25.45 -7.37
CA ALA H 128 44.41 25.46 -7.45
C ALA H 128 45.02 24.22 -6.81
N ALA H 129 44.28 23.59 -5.88
CA ALA H 129 44.84 22.51 -5.08
C ALA H 129 44.56 21.11 -5.66
N LEU H 130 43.54 21.02 -6.49
CA LEU H 130 43.06 19.72 -6.96
C LEU H 130 44.15 18.87 -7.60
N PRO H 131 45.08 19.49 -8.33
CA PRO H 131 46.11 18.64 -8.95
C PRO H 131 46.87 17.84 -7.88
N MET H 132 47.33 18.53 -6.84
CA MET H 132 47.98 17.88 -5.73
C MET H 132 47.03 16.95 -5.00
N LEU H 133 45.82 17.43 -4.73
CA LEU H 133 44.80 16.58 -4.14
C LEU H 133 44.65 15.27 -4.95
N LYS H 134 44.58 15.39 -6.27
CA LYS H 134 44.42 14.23 -7.13
C LYS H 134 45.62 13.29 -7.07
N GLN H 135 46.80 13.84 -6.84
CA GLN H 135 48.00 13.00 -6.78
C GLN H 135 48.02 12.15 -5.52
N SER H 136 47.41 12.64 -4.46
CA SER H 136 47.53 11.98 -3.17
C SER H 136 46.21 11.34 -2.78
N ASN H 137 45.22 11.44 -3.68
CA ASN H 137 43.88 10.99 -3.36
C ASN H 137 43.44 11.68 -2.09
N GLY H 138 43.48 13.00 -2.11
CA GLY H 138 43.23 13.77 -0.90
C GLY H 138 41.77 14.08 -0.69
N SER H 139 41.50 14.98 0.26
CA SER H 139 40.14 15.40 0.57
C SER H 139 40.10 16.90 0.82
N ILE H 140 38.95 17.49 0.51
CA ILE H 140 38.67 18.89 0.88
C ILE H 140 37.60 18.93 1.97
N ALA H 141 37.85 19.72 3.01
CA ALA H 141 36.82 20.02 3.99
C ALA H 141 36.30 21.43 3.76
N VAL H 142 34.98 21.54 3.62
CA VAL H 142 34.31 22.80 3.43
C VAL H 142 33.40 23.11 4.62
N ILE H 143 33.71 24.20 5.30
CA ILE H 143 32.99 24.53 6.53
C ILE H 143 31.81 25.43 6.23
N SER H 144 30.63 24.95 6.60
CA SER H 144 29.40 25.67 6.32
C SER H 144 28.56 25.75 7.58
N SER H 145 27.27 25.96 7.41
CA SER H 145 26.39 26.27 8.52
C SER H 145 25.01 25.68 8.35
N LEU H 146 24.25 25.67 9.44
CA LEU H 146 22.84 25.36 9.37
C LEU H 146 22.19 26.34 8.39
N ALA H 147 22.73 27.55 8.36
CA ALA H 147 22.23 28.64 7.52
C ALA H 147 22.70 28.43 6.09
N GLY H 148 23.48 27.37 5.89
CA GLY H 148 23.77 26.90 4.55
C GLY H 148 22.75 25.87 4.07
N LYS H 149 21.82 25.53 4.95
CA LYS H 149 20.78 24.54 4.61
C LYS H 149 19.37 25.09 4.83
N VAL H 150 19.23 25.97 5.81
CA VAL H 150 17.94 26.61 6.09
C VAL H 150 18.22 28.08 6.36
N THR H 151 17.20 28.93 6.23
CA THR H 151 17.44 30.37 6.36
C THR H 151 17.04 30.94 7.71
N TYR H 152 17.73 32.00 8.12
CA TYR H 152 17.45 32.69 9.37
C TYR H 152 17.42 34.18 9.09
N PRO H 153 16.71 34.96 9.92
CA PRO H 153 16.77 36.42 9.80
C PRO H 153 18.14 37.02 10.14
N MET H 154 18.45 38.14 9.50
CA MET H 154 19.63 38.94 9.82
C MET H 154 20.94 38.36 9.33
N VAL H 155 20.87 37.43 8.37
CA VAL H 155 22.07 36.90 7.72
C VAL H 155 21.92 36.57 6.23
N ALA H 156 21.16 37.41 5.51
CA ALA H 156 20.98 37.22 4.08
C ALA H 156 22.28 36.98 3.28
N PRO H 157 23.32 37.82 3.49
CA PRO H 157 24.60 37.76 2.76
C PRO H 157 25.38 36.50 3.10
N TYR H 158 25.44 36.20 4.38
CA TYR H 158 26.07 35.01 4.88
C TYR H 158 25.42 33.78 4.22
N SER H 159 24.08 33.73 4.23
CA SER H 159 23.35 32.58 3.71
C SER H 159 23.61 32.37 2.22
N ALA H 160 23.62 33.47 1.48
CA ALA H 160 23.89 33.39 0.06
C ALA H 160 25.16 32.57 -0.13
N SER H 161 26.23 32.97 0.55
CA SER H 161 27.52 32.35 0.29
C SER H 161 27.47 30.87 0.66
N LYS H 162 26.94 30.55 1.83
CA LYS H 162 26.95 29.17 2.33
C LYS H 162 26.09 28.25 1.49
N PHE H 163 24.93 28.75 1.04
CA PHE H 163 24.10 28.06 0.07
C PHE H 163 24.87 27.89 -1.25
N ALA H 164 25.63 28.92 -1.64
CA ALA H 164 26.47 28.85 -2.84
C ALA H 164 27.50 27.74 -2.70
N LEU H 165 28.01 27.53 -1.50
CA LEU H 165 29.07 26.56 -1.30
C LEU H 165 28.51 25.18 -1.54
N ASP H 166 27.30 24.95 -1.04
CA ASP H 166 26.65 23.65 -1.17
C ASP H 166 26.49 23.32 -2.64
N GLY H 167 25.76 24.18 -3.33
CA GLY H 167 25.43 23.96 -4.73
C GLY H 167 26.63 23.72 -5.63
N PHE H 168 27.75 24.36 -5.33
CA PHE H 168 28.94 24.20 -6.17
C PHE H 168 29.79 23.01 -5.75
N PHE H 169 30.07 22.89 -4.45
CA PHE H 169 30.96 21.83 -3.99
C PHE H 169 30.32 20.45 -4.03
N SER H 170 28.98 20.42 -4.04
CA SER H 170 28.25 19.16 -4.15
C SER H 170 28.24 18.72 -5.60
N THR H 171 28.16 19.69 -6.51
CA THR H 171 28.23 19.40 -7.94
C THR H 171 29.62 18.81 -8.26
N ILE H 172 30.66 19.46 -7.74
CA ILE H 172 32.02 18.94 -7.88
C ILE H 172 32.05 17.52 -7.34
N ARG H 173 31.64 17.34 -6.07
CA ARG H 173 31.77 16.04 -5.43
C ARG H 173 31.22 14.96 -6.36
N THR H 174 30.12 15.29 -7.03
CA THR H 174 29.46 14.36 -7.93
C THR H 174 30.23 14.12 -9.23
N GLU H 175 30.93 15.16 -9.71
CA GLU H 175 31.69 15.02 -10.94
C GLU H 175 32.93 14.17 -10.71
N LEU H 176 33.56 14.36 -9.55
CA LEU H 176 34.75 13.62 -9.17
C LEU H 176 34.42 12.15 -9.07
N TYR H 177 33.21 11.86 -8.58
CA TYR H 177 32.76 10.50 -8.39
C TYR H 177 32.53 9.80 -9.72
N ILE H 178 31.69 10.37 -10.57
CA ILE H 178 31.37 9.72 -11.83
C ILE H 178 32.54 9.69 -12.80
N THR H 179 33.62 10.39 -12.48
CA THR H 179 34.80 10.37 -13.35
C THR H 179 35.89 9.52 -12.74
N LYS H 180 35.60 8.97 -11.56
CA LYS H 180 36.49 8.04 -10.88
C LYS H 180 37.76 8.68 -10.32
N VAL H 181 37.72 9.99 -10.08
CA VAL H 181 38.81 10.66 -9.38
C VAL H 181 38.59 10.53 -7.86
N ASN H 182 39.60 10.03 -7.16
CA ASN H 182 39.47 9.75 -5.74
C ASN H 182 39.92 10.90 -4.84
N VAL H 183 39.16 11.99 -4.91
CA VAL H 183 39.27 13.10 -3.97
C VAL H 183 37.87 13.30 -3.41
N SER H 184 37.76 13.33 -2.09
CA SER H 184 36.46 13.40 -1.44
C SER H 184 36.15 14.81 -0.94
N ILE H 185 34.86 15.13 -0.86
CA ILE H 185 34.47 16.48 -0.47
C ILE H 185 33.44 16.50 0.66
N THR H 186 33.86 16.96 1.83
CA THR H 186 33.00 16.95 3.01
C THR H 186 32.48 18.33 3.32
N LEU H 187 31.17 18.51 3.27
CA LEU H 187 30.55 19.75 3.71
C LEU H 187 30.14 19.61 5.18
N CYS H 188 30.67 20.49 6.02
CA CYS H 188 30.41 20.45 7.45
C CYS H 188 29.37 21.50 7.84
N VAL H 189 28.19 21.02 8.18
CA VAL H 189 27.06 21.87 8.54
C VAL H 189 27.10 22.12 10.05
N LEU H 190 27.38 23.37 10.43
CA LEU H 190 27.58 23.70 11.84
C LEU H 190 26.42 24.51 12.48
N GLY H 191 26.08 24.15 13.72
CA GLY H 191 25.25 25.00 14.54
C GLY H 191 26.14 25.96 15.33
N LEU H 192 25.59 26.64 16.32
CA LEU H 192 26.35 27.66 17.06
C LEU H 192 27.54 27.02 17.76
N ILE H 193 28.73 27.59 17.53
CA ILE H 193 29.95 27.11 18.15
C ILE H 193 30.46 28.20 19.08
N ASP H 194 30.92 27.83 20.27
CA ASP H 194 31.22 28.82 21.30
C ASP H 194 32.54 29.55 21.09
N THR H 195 32.87 29.80 19.83
CA THR H 195 34.05 30.59 19.53
C THR H 195 33.72 32.01 19.93
N GLU H 196 34.75 32.76 20.32
CA GLU H 196 34.57 34.10 20.84
C GLU H 196 33.91 35.02 19.82
N THR H 197 34.34 34.96 18.57
CA THR H 197 33.80 35.85 17.56
C THR H 197 32.32 35.55 17.39
N ALA H 198 31.94 34.31 17.61
CA ALA H 198 30.56 33.93 17.43
C ALA H 198 29.74 34.41 18.63
N MET H 199 30.20 34.12 19.83
CA MET H 199 29.46 34.54 21.00
C MET H 199 29.23 36.05 20.95
N LYS H 200 30.24 36.81 20.57
CA LYS H 200 30.10 38.25 20.49
C LYS H 200 28.99 38.62 19.52
N ALA H 201 29.00 38.01 18.33
CA ALA H 201 28.04 38.38 17.29
C ALA H 201 26.59 38.18 17.71
N VAL H 202 26.27 37.03 18.31
CA VAL H 202 24.88 36.73 18.66
C VAL H 202 24.40 37.49 19.89
N SER H 203 25.34 37.98 20.70
CA SER H 203 25.01 38.59 21.98
C SER H 203 23.76 39.47 21.91
N GLY H 204 22.71 39.07 22.61
CA GLY H 204 21.53 39.93 22.68
C GLY H 204 20.65 39.96 21.45
N ILE H 205 20.93 39.12 20.47
CA ILE H 205 20.07 39.04 19.29
C ILE H 205 19.49 37.65 19.17
N VAL H 206 20.34 36.64 19.27
CA VAL H 206 19.91 35.26 19.22
C VAL H 206 20.44 34.52 20.43
N ASN H 207 19.58 33.76 21.09
CA ASN H 207 19.99 32.97 22.23
C ASN H 207 19.72 31.49 21.99
N ALA H 208 20.78 30.69 21.99
CA ALA H 208 20.70 29.27 21.75
C ALA H 208 21.83 28.63 22.53
N GLN H 209 21.82 27.31 22.67
CA GLN H 209 22.93 26.63 23.31
C GLN H 209 24.09 26.48 22.32
N ALA H 210 25.23 27.08 22.64
CA ALA H 210 26.41 26.94 21.80
C ALA H 210 27.09 25.59 22.05
N SER H 211 27.97 25.20 21.13
CA SER H 211 28.72 23.96 21.26
C SER H 211 30.21 24.26 21.41
N PRO H 212 30.95 23.35 22.05
CA PRO H 212 32.36 23.57 22.37
C PRO H 212 33.20 23.49 21.11
N LYS H 213 34.19 24.37 21.01
CA LYS H 213 34.99 24.48 19.80
C LYS H 213 35.97 23.32 19.61
N GLU H 214 36.60 22.87 20.69
CA GLU H 214 37.54 21.75 20.61
C GLU H 214 36.89 20.48 20.07
N GLU H 215 35.63 20.25 20.45
CA GLU H 215 34.92 19.07 19.98
C GLU H 215 34.48 19.29 18.55
N CYS H 216 34.09 20.52 18.23
CA CYS H 216 33.70 20.83 16.85
C CYS H 216 34.82 20.54 15.87
N ALA H 217 36.01 21.09 16.14
CA ALA H 217 37.15 21.01 15.23
C ALA H 217 37.49 19.57 14.87
N LEU H 218 37.41 18.68 15.86
CA LEU H 218 37.82 17.31 15.65
C LEU H 218 36.82 16.52 14.81
N GLU H 219 35.54 16.90 14.89
CA GLU H 219 34.48 16.25 14.11
C GLU H 219 34.65 16.50 12.62
N ILE H 220 34.99 17.73 12.27
CA ILE H 220 35.29 18.10 10.90
C ILE H 220 36.42 17.23 10.41
N ILE H 221 37.45 17.11 11.24
CA ILE H 221 38.67 16.41 10.88
C ILE H 221 38.45 14.93 10.62
N LYS H 222 37.82 14.25 11.58
CA LYS H 222 37.53 12.83 11.45
C LYS H 222 36.55 12.62 10.28
N GLY H 223 35.55 13.50 10.21
CA GLY H 223 34.57 13.43 9.13
C GLY H 223 35.19 13.54 7.75
N THR H 224 36.10 14.51 7.59
CA THR H 224 36.79 14.72 6.32
C THR H 224 37.76 13.58 6.00
N ALA H 225 38.51 13.14 7.00
CA ALA H 225 39.46 12.05 6.84
C ALA H 225 38.73 10.76 6.50
N LEU H 226 37.51 10.61 7.02
CA LEU H 226 36.72 9.44 6.72
C LEU H 226 35.94 9.66 5.42
N ARG H 227 36.26 10.74 4.73
CA ARG H 227 35.76 11.00 3.39
C ARG H 227 34.23 10.95 3.29
N LYS H 228 33.56 11.54 4.27
CA LYS H 228 32.09 11.61 4.26
C LYS H 228 31.60 12.83 3.48
N SER H 229 30.38 12.74 2.95
CA SER H 229 29.82 13.81 2.12
C SER H 229 29.38 15.01 2.94
N GLU H 230 28.75 14.71 4.07
CA GLU H 230 28.25 15.74 4.97
C GLU H 230 28.50 15.33 6.40
N VAL H 231 28.90 16.29 7.22
CA VAL H 231 29.02 16.09 8.65
C VAL H 231 28.14 17.14 9.31
N TYR H 232 27.32 16.73 10.26
CA TYR H 232 26.53 17.69 11.01
C TYR H 232 26.99 17.75 12.46
N TYR H 233 27.24 18.97 12.94
CA TYR H 233 27.59 19.20 14.33
C TYR H 233 26.80 20.36 14.93
N ASP H 234 25.67 20.02 15.55
CA ASP H 234 24.84 20.98 16.28
C ASP H 234 24.43 20.37 17.63
N LYS H 235 23.91 21.20 18.53
CA LYS H 235 23.68 20.72 19.88
C LYS H 235 22.51 19.73 19.93
N SER H 236 21.40 20.07 19.31
CA SER H 236 20.22 19.20 19.33
C SER H 236 20.33 18.02 18.36
N PRO H 237 19.87 16.83 18.80
CA PRO H 237 19.80 15.62 17.98
C PRO H 237 18.65 15.64 16.96
N LEU H 238 17.80 16.66 17.04
CA LEU H 238 16.68 16.80 16.12
C LEU H 238 17.06 17.64 14.89
N THR H 239 18.34 17.94 14.75
CA THR H 239 18.83 18.71 13.62
C THR H 239 19.19 17.86 12.42
N PRO H 240 20.09 16.87 12.60
CA PRO H 240 20.46 15.99 11.49
C PRO H 240 19.28 15.11 11.09
N ILE H 241 18.19 15.21 11.85
CA ILE H 241 16.95 14.51 11.52
C ILE H 241 16.11 15.34 10.58
N LEU H 242 15.77 16.56 11.02
CA LEU H 242 15.04 17.49 10.18
C LEU H 242 15.83 17.82 8.90
N LEU H 243 17.13 18.06 9.05
CA LEU H 243 17.97 18.45 7.93
C LEU H 243 18.33 17.25 7.04
N GLY H 244 17.59 16.15 7.19
CA GLY H 244 17.89 14.98 6.39
C GLY H 244 17.72 15.23 4.90
N ASN H 245 16.52 15.65 4.51
CA ASN H 245 16.20 15.94 3.11
C ASN H 245 16.43 14.72 2.21
N PRO H 246 15.62 13.67 2.41
CA PRO H 246 15.76 12.41 1.66
C PRO H 246 15.40 12.58 0.19
N GLY H 247 14.47 13.49 -0.09
CA GLY H 247 14.01 13.72 -1.45
C GLY H 247 15.13 14.19 -2.38
N ARG H 248 15.95 15.12 -1.89
CA ARG H 248 17.12 15.58 -2.64
C ARG H 248 18.06 14.44 -2.97
N LYS H 249 18.40 13.65 -1.95
CA LYS H 249 19.21 12.46 -2.14
C LYS H 249 18.64 11.61 -3.26
N ILE H 250 17.33 11.38 -3.21
CA ILE H 250 16.68 10.53 -4.20
C ILE H 250 16.80 11.08 -5.61
N MET H 251 16.31 12.31 -5.80
CA MET H 251 16.35 12.96 -7.11
C MET H 251 17.74 12.88 -7.72
N GLU H 252 18.74 13.19 -6.92
CA GLU H 252 20.10 13.23 -7.42
C GLU H 252 20.54 11.86 -7.94
N PHE H 253 20.22 10.81 -7.20
CA PHE H 253 20.63 9.47 -7.59
C PHE H 253 20.13 9.14 -8.99
N PHE H 254 18.82 9.32 -9.21
CA PHE H 254 18.23 8.97 -10.50
C PHE H 254 18.63 9.96 -11.60
N SER H 255 18.99 11.18 -11.19
CA SER H 255 19.35 12.24 -12.12
C SER H 255 20.35 11.76 -13.16
N LEU H 256 21.35 11.03 -12.69
CA LEU H 256 22.47 10.60 -13.52
C LEU H 256 22.00 9.78 -14.73
N ARG H 257 20.74 9.37 -14.72
CA ARG H 257 20.20 8.55 -15.79
C ARG H 257 19.76 9.36 -17.01
N TYR H 258 19.70 10.68 -16.88
CA TYR H 258 19.42 11.54 -18.03
C TYR H 258 20.68 11.87 -18.81
N TYR H 259 21.83 11.45 -18.31
CA TYR H 259 23.12 11.85 -18.87
C TYR H 259 23.73 10.80 -19.78
N ASN H 260 24.27 11.22 -20.91
CA ASN H 260 25.10 10.34 -21.72
C ASN H 260 26.31 9.89 -20.90
N LYS H 261 26.47 8.58 -20.76
CA LYS H 261 27.54 8.02 -19.95
C LYS H 261 28.92 8.42 -20.47
N ASP H 262 28.99 8.68 -21.77
CA ASP H 262 30.23 9.13 -22.39
C ASP H 262 30.84 10.37 -21.71
N MET H 263 29.97 11.27 -21.27
CA MET H 263 30.41 12.54 -20.71
C MET H 263 31.35 12.37 -19.53
N PHE H 264 31.59 11.12 -19.12
CA PHE H 264 32.40 10.85 -17.95
C PHE H 264 33.32 9.65 -18.17
#